data_6P7N
#
_entry.id   6P7N
#
_cell.length_a   1.00
_cell.length_b   1.00
_cell.length_c   1.00
_cell.angle_alpha   90.00
_cell.angle_beta   90.00
_cell.angle_gamma   90.00
#
_symmetry.space_group_name_H-M   'P 1'
#
loop_
_entity.id
_entity.type
_entity.pdbx_description
1 polymer 'anti-CRISPR VA4'
2 polymer Cas12a
3 polymer 'mature crRNA'
4 non-polymer 'MAGNESIUM ION'
#
loop_
_entity_poly.entity_id
_entity_poly.type
_entity_poly.pdbx_seq_one_letter_code
_entity_poly.pdbx_strand_id
1 'polypeptide(L)'
;SNAMYEIKLNDTLIHQTDDRVNAFVAYRYLLRRGDLPKCENIARMYYDGKVIKTDVIDHDSVHSDEQAKVSNNDIIKMAI
SELGVNNFKSLIKKQGYPFSNGHINSWFTDDPVKSKTMHNDEMYLVVQALIRACIIKEIDLYTEQLYNIIKSLPYDKRPN
VVYSDQPLDPNNLDLSEPELWAEQVGECMRYAHNDQPCFYIGSTKRELRVNYIVPVIGVRDEIERVMTLEEVRNLHK
;
C,G
2 'polypeptide(L)'
;SNAMSKLEKFTNCYSLSKTLRFKAIPVGKTQENIDNKRLLVEDEKRAEDYKGVKKLLDRYYLSFINDVLHSIKLKNLNNY
ISLFRKKTRTEKENKELENLEINLRKEIAKAFKGNEGYKSLFKKDIIETILPEFLDDKDEIALVNSFNGFTTAFTGFFDN
RENMFSEEAKSTSIAFRCINENLTRYISNMDIFEKVDAIFDKHEVQEIKEKILNSDYDVEDFFEGEFFNFVLTQEGIDVY
NAIIGGFVTESGEKIKGLNEYINLYNQKTKQKLPKFKPLYKQVLSDRESLSFYGEGYTSDEEVLEVFRNTLNKNSEIFSS
IKKLEKLFKNFDEYSSAGIFVKNGPAISTISKDIFGEWNVIRDKWNAEYDDIHLKKKAVVTEKYEDDRRKSFKKIGSFSL
EQLQEYADADLSVVEKLKEIIIQKVDEIYKVYGSSEKLFDADFVLEKSLKKNDAVVAIMKDLLDSVKSFENYIKAFFGEG
KETNRDESFYGDFVLAYDILLKVDHIYDAIRNYVTQKPYSKDKFKLYFQNPQFMGGWDKDKETDYRATILRYGSKYYLAI
MDKKYAKCLQKIDKDDVNGNYEKINYKLLPGPNKMLPKVFFSKKWMAYYNPSEDIQKIYKNGTFKKGDMFNLNDCHKLID
FFKDSISRYPKWSNAYDFNFSETEKYKDIAGFYREVEEQGYKVSFESASKKEVDKLVEEGKLYMFQIYNKDFSDKSHGTP
NLHTMYFKLLFDENNHGQIRLSGGAELFMRRASLKKEELVVHPANSPIANKNPDNPKKTTTLSYDVYKDKRFSEDQYELH
IPIAINKCPKNIFKINTEVRVLLKHDDNPYVIGIDRGERNLLYIVVVDGKGNIVEQYSLNEIINNFNGIRIKTDYHSLLD
KKEKERFEARQNWTSIENIKELKAGYISQVVHKICELVEKYDAVIALEDLNSGFKNSRVKVEKQVYQKFEKMLIDKLNYM
VDKKSNPCATGGALKGYQITNKFESFKSMSTQNGFIFYIPAWLTSKIDPSTGFVNLLKTKYTSIADSKKFISSFDRIMYV
PEEDLFEFALDYKNFSRTDADYIKKWKLYSYGNRIRIFRNPKKNNVFDWEEVCLTSAYKELFNKYGINYQQGDIRALLCE
QSDKAFYSSFMALMSLMLQMRNSITGRTDVDFLISPVKNSDGIFYDSRNYEAQENAILPKNADANGAYNIARKVLWAIGQ
FKKAEDEKLDKVKIAISNKEWLEYAQTSVKH
;
A,E
3 'polyribonucleotide' AAUUUCUACUAAGUGUAGAUAAAGUGCUCAUCAUUGGAAA B,F
#
# COMPACT_ATOMS: atom_id res chain seq x y z
N ILE A 131 -21.84 -28.41 15.27
CA ILE A 131 -20.45 -28.20 15.64
C ILE A 131 -19.58 -28.14 14.39
N ARG A 132 -20.00 -28.86 13.35
CA ARG A 132 -19.24 -28.87 12.10
C ARG A 132 -19.36 -27.54 11.36
N ALA A 133 -20.51 -26.89 11.45
CA ALA A 133 -20.69 -25.61 10.76
C ALA A 133 -19.85 -24.52 11.41
N CYS A 134 -19.82 -24.47 12.75
CA CYS A 134 -19.02 -23.46 13.43
C CYS A 134 -17.53 -23.73 13.26
N ILE A 135 -17.13 -25.00 13.21
CA ILE A 135 -15.72 -25.34 13.03
C ILE A 135 -15.23 -24.86 11.66
N ILE A 136 -16.04 -25.08 10.62
CA ILE A 136 -15.66 -24.62 9.28
C ILE A 136 -15.61 -23.11 9.22
N LYS A 137 -16.57 -22.44 9.88
CA LYS A 137 -16.56 -20.98 9.90
C LYS A 137 -15.31 -20.44 10.59
N GLU A 138 -14.92 -21.05 11.70
CA GLU A 138 -13.70 -20.61 12.38
C GLU A 138 -12.47 -20.89 11.52
N ILE A 139 -12.42 -22.07 10.89
CA ILE A 139 -11.30 -22.40 10.02
C ILE A 139 -11.20 -21.42 8.86
N ASP A 140 -12.33 -20.89 8.41
CA ASP A 140 -12.24 -20.02 7.24
C ASP A 140 -11.92 -18.61 7.68
N LEU A 141 -12.38 -18.22 8.87
CA LEU A 141 -12.13 -16.85 9.29
C LEU A 141 -10.64 -16.75 9.60
N TYR A 142 -10.10 -17.79 10.24
CA TYR A 142 -8.67 -17.86 10.52
C TYR A 142 -7.83 -17.83 9.24
N THR A 143 -8.24 -18.59 8.21
CA THR A 143 -7.43 -18.55 6.98
C THR A 143 -7.60 -17.23 6.22
N GLU A 144 -8.76 -16.58 6.35
CA GLU A 144 -8.92 -15.26 5.74
C GLU A 144 -8.03 -14.23 6.42
N GLN A 145 -7.98 -14.27 7.76
CA GLN A 145 -7.05 -13.40 8.47
C GLN A 145 -5.60 -13.70 8.11
N LEU A 146 -5.25 -14.99 7.99
CA LEU A 146 -3.90 -15.36 7.59
C LEU A 146 -3.57 -14.83 6.21
N TYR A 147 -4.53 -14.90 5.28
CA TYR A 147 -4.32 -14.35 3.94
C TYR A 147 -4.08 -12.85 4.01
N ASN A 148 -4.96 -12.13 4.71
CA ASN A 148 -4.84 -10.67 4.81
C ASN A 148 -3.52 -10.26 5.47
N ILE A 149 -3.00 -11.09 6.37
CA ILE A 149 -1.73 -10.81 7.02
C ILE A 149 -0.57 -11.08 6.06
N ILE A 150 -0.47 -12.34 5.59
CA ILE A 150 0.64 -12.81 4.79
C ILE A 150 0.73 -12.10 3.44
N LYS A 151 -0.35 -11.45 2.99
CA LYS A 151 -0.31 -10.79 1.69
C LYS A 151 0.71 -9.65 1.67
N SER A 152 1.04 -9.08 2.82
CA SER A 152 1.88 -7.88 2.85
C SER A 152 3.34 -8.15 3.20
N LEU A 153 3.66 -9.32 3.77
CA LEU A 153 5.05 -9.61 4.07
C LEU A 153 5.87 -9.81 2.80
N PRO A 154 7.13 -9.40 2.79
CA PRO A 154 8.01 -9.74 1.67
C PRO A 154 8.35 -11.23 1.63
N TYR A 155 8.53 -11.73 0.40
CA TYR A 155 8.53 -13.18 0.15
C TYR A 155 9.61 -13.90 0.96
N ASP A 156 10.71 -13.22 1.29
CA ASP A 156 11.79 -13.84 2.05
C ASP A 156 11.49 -13.97 3.53
N LYS A 157 10.39 -13.40 4.01
CA LYS A 157 10.02 -13.49 5.42
C LYS A 157 8.89 -14.48 5.68
N ARG A 158 8.26 -15.00 4.63
CA ARG A 158 7.09 -15.84 4.81
C ARG A 158 7.41 -17.05 5.69
N PRO A 159 6.44 -17.48 6.51
CA PRO A 159 6.71 -18.57 7.46
C PRO A 159 6.85 -19.93 6.79
N ASN A 160 7.06 -20.96 7.59
CA ASN A 160 6.93 -22.34 7.14
C ASN A 160 5.59 -22.84 7.64
N VAL A 161 4.81 -23.45 6.76
CA VAL A 161 3.42 -23.77 7.07
C VAL A 161 3.13 -25.23 6.74
N VAL A 162 1.99 -25.69 7.28
CA VAL A 162 1.45 -27.01 6.99
C VAL A 162 0.17 -26.80 6.20
N TYR A 163 0.09 -27.41 5.02
CA TYR A 163 -0.94 -27.12 4.04
C TYR A 163 -1.82 -28.33 3.83
N SER A 164 -3.06 -28.08 3.40
CA SER A 164 -3.99 -29.15 3.05
C SER A 164 -5.19 -28.51 2.35
N ASP A 165 -6.14 -29.36 1.96
CA ASP A 165 -7.35 -28.94 1.27
C ASP A 165 -8.60 -29.04 2.12
N GLN A 166 -8.58 -29.84 3.18
CA GLN A 166 -9.63 -29.80 4.19
C GLN A 166 -9.29 -28.77 5.26
N PRO A 167 -10.31 -28.18 5.88
CA PRO A 167 -10.08 -27.08 6.82
C PRO A 167 -9.09 -27.51 7.90
N LEU A 168 -8.19 -26.60 8.26
CA LEU A 168 -7.18 -26.91 9.27
C LEU A 168 -7.49 -26.13 10.54
N ASP A 169 -7.53 -26.86 11.66
CA ASP A 169 -7.97 -26.34 12.95
C ASP A 169 -6.81 -26.21 13.93
N PRO A 170 -6.19 -25.03 14.07
CA PRO A 170 -5.00 -24.92 14.94
C PRO A 170 -5.26 -25.22 16.41
N ASN A 171 -6.48 -25.01 16.91
CA ASN A 171 -6.81 -25.34 18.29
C ASN A 171 -6.73 -26.83 18.61
N ASN A 172 -6.85 -27.71 17.60
CA ASN A 172 -6.78 -29.15 17.83
C ASN A 172 -5.70 -29.85 17.02
N LEU A 173 -5.11 -29.19 16.03
CA LEU A 173 -4.08 -29.80 15.19
C LEU A 173 -2.95 -30.38 16.01
N ASP A 174 -2.77 -31.69 15.90
CA ASP A 174 -1.72 -32.43 16.58
C ASP A 174 -0.77 -33.00 15.53
N LEU A 175 0.53 -32.93 15.82
CA LEU A 175 1.56 -33.38 14.90
C LEU A 175 1.69 -34.90 14.96
N SER A 176 2.77 -35.42 14.38
CA SER A 176 3.09 -36.84 14.23
C SER A 176 2.19 -37.53 13.21
N GLU A 177 1.39 -36.79 12.45
CA GLU A 177 0.64 -37.38 11.36
C GLU A 177 1.51 -37.47 10.11
N PRO A 178 1.61 -38.64 9.48
CA PRO A 178 2.51 -38.79 8.32
C PRO A 178 1.96 -38.16 7.05
N GLU A 179 1.41 -36.95 7.15
CA GLU A 179 1.03 -36.18 5.97
C GLU A 179 1.31 -34.70 6.10
N LEU A 180 1.96 -34.26 7.18
CA LEU A 180 2.21 -32.84 7.43
C LEU A 180 3.65 -32.51 7.07
N TRP A 181 3.83 -31.66 6.06
CA TRP A 181 5.16 -31.27 5.58
C TRP A 181 5.24 -29.74 5.60
N ALA A 182 6.19 -29.21 6.36
CA ALA A 182 6.33 -27.77 6.55
C ALA A 182 7.12 -27.16 5.39
N GLU A 183 6.44 -26.39 4.55
CA GLU A 183 7.06 -25.63 3.48
C GLU A 183 6.65 -24.16 3.59
N GLN A 184 7.18 -23.33 2.70
CA GLN A 184 7.06 -21.88 2.80
C GLN A 184 6.04 -21.34 1.81
N VAL A 185 5.20 -20.41 2.28
CA VAL A 185 4.16 -19.83 1.45
C VAL A 185 4.79 -19.00 0.32
N GLY A 186 4.13 -19.00 -0.84
CA GLY A 186 4.54 -18.15 -1.93
C GLY A 186 3.61 -16.96 -2.17
N GLU A 187 2.92 -16.95 -3.30
CA GLU A 187 1.98 -15.90 -3.64
C GLU A 187 0.67 -16.07 -2.86
N CYS A 188 -0.15 -15.01 -2.84
CA CYS A 188 -1.48 -15.04 -2.21
C CYS A 188 -2.48 -14.37 -3.14
N MET A 189 -3.29 -15.18 -3.81
CA MET A 189 -4.26 -14.72 -4.80
C MET A 189 -5.67 -15.14 -4.39
N ARG A 190 -6.65 -14.71 -5.18
CA ARG A 190 -8.05 -14.99 -4.91
C ARG A 190 -8.66 -15.82 -6.03
N TYR A 191 -9.51 -16.78 -5.67
CA TYR A 191 -10.25 -17.54 -6.68
C TYR A 191 -11.21 -16.60 -7.41
N ALA A 192 -11.26 -16.71 -8.73
CA ALA A 192 -12.04 -15.79 -9.55
C ALA A 192 -13.53 -16.03 -9.46
N HIS A 193 -13.97 -17.23 -9.06
CA HIS A 193 -15.39 -17.55 -9.11
C HIS A 193 -16.14 -17.27 -7.81
N ASN A 194 -15.51 -17.47 -6.65
CA ASN A 194 -16.18 -17.19 -5.39
C ASN A 194 -15.32 -16.40 -4.40
N ASP A 195 -14.20 -15.83 -4.85
CA ASP A 195 -13.35 -14.98 -4.02
C ASP A 195 -12.96 -15.67 -2.72
N GLN A 196 -12.50 -16.92 -2.86
CA GLN A 196 -11.93 -17.66 -1.74
C GLN A 196 -10.42 -17.56 -1.78
N PRO A 197 -9.76 -17.23 -0.67
CA PRO A 197 -8.30 -17.10 -0.70
C PRO A 197 -7.64 -18.45 -0.89
N CYS A 198 -6.61 -18.47 -1.74
CA CYS A 198 -5.79 -19.65 -1.95
C CYS A 198 -4.32 -19.26 -1.88
N PHE A 199 -3.49 -20.20 -1.45
CA PHE A 199 -2.08 -19.96 -1.20
C PHE A 199 -1.25 -20.96 -2.01
N TYR A 200 -0.19 -20.45 -2.63
CA TYR A 200 0.75 -21.28 -3.37
C TYR A 200 1.91 -21.63 -2.44
N ILE A 201 2.04 -22.91 -2.13
CA ILE A 201 3.15 -23.38 -1.30
C ILE A 201 4.41 -23.46 -2.14
N GLY A 202 5.51 -22.99 -1.56
CA GLY A 202 6.76 -22.89 -2.33
C GLY A 202 6.66 -21.82 -3.39
N SER A 203 7.26 -22.09 -4.54
CA SER A 203 7.22 -21.16 -5.65
C SER A 203 5.88 -21.25 -6.37
N THR A 204 5.49 -20.14 -7.00
CA THR A 204 4.30 -20.17 -7.85
C THR A 204 4.48 -21.12 -9.02
N LYS A 205 5.70 -21.16 -9.58
CA LYS A 205 6.02 -22.02 -10.71
C LYS A 205 5.94 -23.50 -10.36
N ARG A 206 5.83 -23.85 -9.07
CA ARG A 206 5.67 -25.25 -8.68
C ARG A 206 4.23 -25.73 -8.81
N GLU A 207 3.26 -24.80 -8.83
CA GLU A 207 1.85 -25.12 -9.03
C GLU A 207 1.31 -26.03 -7.92
N LEU A 208 1.80 -25.85 -6.70
CA LEU A 208 1.26 -26.53 -5.53
C LEU A 208 0.34 -25.55 -4.80
N ARG A 209 -0.85 -25.36 -5.36
CA ARG A 209 -1.82 -24.41 -4.81
C ARG A 209 -2.71 -25.13 -3.80
N VAL A 210 -2.76 -24.61 -2.58
CA VAL A 210 -3.58 -25.17 -1.51
C VAL A 210 -4.61 -24.13 -1.10
N ASN A 211 -5.54 -24.56 -0.24
CA ASN A 211 -6.61 -23.69 0.24
C ASN A 211 -6.56 -23.40 1.73
N TYR A 212 -5.88 -24.22 2.53
CA TYR A 212 -5.83 -24.03 3.97
C TYR A 212 -4.42 -24.29 4.47
N ILE A 213 -3.86 -23.31 5.19
CA ILE A 213 -2.50 -23.40 5.71
C ILE A 213 -2.53 -23.14 7.21
N VAL A 214 -1.37 -23.37 7.84
CA VAL A 214 -1.19 -23.08 9.26
C VAL A 214 0.30 -22.93 9.55
N PRO A 215 0.74 -21.79 10.11
CA PRO A 215 2.18 -21.57 10.30
C PRO A 215 2.74 -22.45 11.41
N VAL A 216 3.94 -22.97 11.18
CA VAL A 216 4.62 -23.85 12.13
C VAL A 216 6.10 -23.48 12.16
N ILE A 217 6.76 -23.86 13.25
CA ILE A 217 8.22 -23.77 13.35
C ILE A 217 8.79 -25.14 12.99
N GLY A 218 9.06 -25.33 11.71
CA GLY A 218 9.54 -26.62 11.25
C GLY A 218 10.15 -26.55 9.87
N VAL A 219 10.98 -27.54 9.56
CA VAL A 219 11.66 -27.61 8.28
C VAL A 219 11.29 -28.90 7.55
N ARG A 220 10.93 -29.93 8.31
CA ARG A 220 10.74 -31.28 7.79
C ARG A 220 9.64 -31.94 8.64
N ASP A 221 9.61 -33.27 8.62
CA ASP A 221 8.69 -34.02 9.47
C ASP A 221 8.95 -33.79 10.96
N GLU A 222 9.96 -32.99 11.29
CA GLU A 222 10.25 -32.64 12.68
C GLU A 222 9.73 -31.23 12.95
N ILE A 223 8.45 -31.16 13.24
CA ILE A 223 7.77 -29.89 13.51
C ILE A 223 7.79 -29.63 15.01
N GLU A 224 8.11 -28.40 15.39
CA GLU A 224 8.27 -28.07 16.81
C GLU A 224 6.98 -27.55 17.43
N ARG A 225 6.42 -26.48 16.88
CA ARG A 225 5.20 -25.90 17.43
C ARG A 225 4.50 -25.07 16.38
N VAL A 226 3.31 -24.59 16.73
CA VAL A 226 2.43 -23.86 15.82
C VAL A 226 2.44 -22.39 16.21
N MET A 227 2.88 -21.54 15.29
CA MET A 227 2.87 -20.10 15.53
C MET A 227 1.44 -19.58 15.56
N THR A 228 1.30 -18.32 15.97
CA THR A 228 0.02 -17.66 16.14
C THR A 228 -0.08 -16.46 15.21
N LEU A 229 -1.29 -15.88 15.15
CA LEU A 229 -1.60 -14.77 14.26
C LEU A 229 -0.86 -13.49 14.61
N GLU A 230 -0.02 -13.47 15.65
CA GLU A 230 0.82 -12.32 15.96
C GLU A 230 2.30 -12.61 15.79
N GLU A 231 2.74 -13.86 15.99
CA GLU A 231 4.10 -14.24 15.64
C GLU A 231 4.36 -14.17 14.14
N VAL A 232 3.30 -14.19 13.33
CA VAL A 232 3.48 -14.00 11.90
C VAL A 232 3.53 -12.52 11.54
N ARG A 233 2.90 -11.66 12.34
CA ARG A 233 2.98 -10.22 12.10
C ARG A 233 4.32 -9.63 12.55
N ASN A 234 4.95 -10.23 13.56
CA ASN A 234 6.27 -9.78 13.99
C ASN A 234 7.34 -10.00 12.93
N LEU A 235 7.06 -10.80 11.90
CA LEU A 235 8.08 -11.12 10.90
C LEU A 235 8.50 -9.89 10.11
N HIS A 236 7.60 -8.92 9.95
CA HIS A 236 7.89 -7.69 9.21
C HIS A 236 6.82 -6.64 9.47
N ILE B 131 -26.65 -22.25 17.39
CA ILE B 131 -26.95 -21.33 16.30
C ILE B 131 -26.41 -19.94 16.62
N ARG B 132 -26.38 -19.61 17.92
CA ARG B 132 -25.88 -18.30 18.33
C ARG B 132 -24.38 -18.19 18.16
N ALA B 133 -23.64 -19.28 18.36
CA ALA B 133 -22.19 -19.24 18.20
C ALA B 133 -21.80 -19.06 16.74
N CYS B 134 -22.46 -19.77 15.83
CA CYS B 134 -22.15 -19.63 14.41
C CYS B 134 -22.59 -18.27 13.88
N ILE B 135 -23.69 -17.72 14.39
CA ILE B 135 -24.15 -16.42 13.95
C ILE B 135 -23.14 -15.33 14.32
N ILE B 136 -22.61 -15.40 15.55
CA ILE B 136 -21.61 -14.43 15.98
C ILE B 136 -20.33 -14.58 15.17
N LYS B 137 -19.93 -15.82 14.88
CA LYS B 137 -18.74 -16.04 14.06
C LYS B 137 -18.90 -15.46 12.67
N GLU B 138 -20.07 -15.67 12.05
CA GLU B 138 -20.32 -15.08 10.74
C GLU B 138 -20.34 -13.56 10.80
N ILE B 139 -20.99 -13.00 11.83
CA ILE B 139 -21.04 -11.55 11.99
C ILE B 139 -19.64 -10.98 12.16
N ASP B 140 -18.73 -11.75 12.76
CA ASP B 140 -17.43 -11.16 13.00
C ASP B 140 -16.55 -11.34 11.79
N LEU B 141 -16.76 -12.43 11.04
CA LEU B 141 -15.90 -12.65 9.89
C LEU B 141 -16.28 -11.60 8.84
N TYR B 142 -17.59 -11.36 8.71
CA TYR B 142 -18.09 -10.32 7.80
C TYR B 142 -17.55 -8.93 8.19
N THR B 143 -17.56 -8.60 9.48
CA THR B 143 -17.04 -7.26 9.84
C THR B 143 -15.53 -7.18 9.71
N GLU B 144 -14.81 -8.30 9.87
CA GLU B 144 -13.38 -8.30 9.65
C GLU B 144 -13.06 -8.08 8.17
N GLN B 145 -13.80 -8.76 7.29
CA GLN B 145 -13.64 -8.51 5.86
C GLN B 145 -14.00 -7.08 5.50
N LEU B 146 -15.07 -6.55 6.10
CA LEU B 146 -15.43 -5.16 5.85
C LEU B 146 -14.34 -4.20 6.28
N TYR B 147 -13.71 -4.47 7.43
CA TYR B 147 -12.59 -3.65 7.89
C TYR B 147 -11.44 -3.70 6.91
N ASN B 148 -11.04 -4.92 6.52
CA ASN B 148 -9.91 -5.08 5.59
C ASN B 148 -10.18 -4.41 4.26
N ILE B 149 -11.45 -4.36 3.84
CA ILE B 149 -11.81 -3.71 2.60
C ILE B 149 -11.77 -2.18 2.76
N ILE B 150 -12.58 -1.67 3.69
CA ILE B 150 -12.77 -0.24 3.89
C ILE B 150 -11.49 0.46 4.34
N LYS B 151 -10.50 -0.28 4.85
CA LYS B 151 -9.28 0.36 5.31
C LYS B 151 -8.53 1.06 4.18
N SER B 152 -8.73 0.62 2.93
CA SER B 152 -7.93 1.12 1.83
C SER B 152 -8.63 2.17 0.97
N LEU B 153 -9.95 2.30 1.07
CA LEU B 153 -10.64 3.31 0.29
C LEU B 153 -10.31 4.72 0.81
N PRO B 154 -10.20 5.71 -0.08
CA PRO B 154 -10.08 7.10 0.37
C PRO B 154 -11.35 7.61 1.03
N TYR B 155 -11.16 8.51 2.01
CA TYR B 155 -12.23 8.85 2.95
C TYR B 155 -13.46 9.41 2.25
N ASP B 156 -13.29 10.04 1.09
CA ASP B 156 -14.42 10.60 0.36
C ASP B 156 -15.26 9.56 -0.38
N LYS B 157 -14.81 8.32 -0.43
CA LYS B 157 -15.55 7.26 -1.09
C LYS B 157 -16.27 6.32 -0.14
N ARG B 158 -16.02 6.44 1.17
CA ARG B 158 -16.59 5.50 2.13
C ARG B 158 -18.11 5.47 2.04
N PRO B 159 -18.71 4.29 2.26
CA PRO B 159 -20.16 4.15 2.07
C PRO B 159 -20.96 4.82 3.18
N ASN B 160 -22.27 4.72 3.11
CA ASN B 160 -23.15 5.05 4.22
C ASN B 160 -23.55 3.75 4.87
N VAL B 161 -23.44 3.68 6.20
CA VAL B 161 -23.59 2.40 6.90
C VAL B 161 -24.57 2.55 8.06
N VAL B 162 -24.99 1.39 8.56
CA VAL B 162 -25.82 1.28 9.76
C VAL B 162 -24.98 0.63 10.83
N TYR B 163 -24.84 1.31 11.97
CA TYR B 163 -23.87 0.95 13.00
C TYR B 163 -24.60 0.51 14.26
N SER B 164 -23.92 -0.32 15.05
CA SER B 164 -24.42 -0.75 16.35
C SER B 164 -23.29 -1.44 17.10
N ASP B 165 -23.59 -1.88 18.32
CA ASP B 165 -22.64 -2.57 19.18
C ASP B 165 -22.93 -4.05 19.33
N GLN B 166 -24.13 -4.49 19.07
CA GLN B 166 -24.43 -5.91 18.94
C GLN B 166 -24.21 -6.37 17.50
N PRO B 167 -23.84 -7.65 17.31
CA PRO B 167 -23.47 -8.12 15.97
C PRO B 167 -24.58 -7.83 14.99
N LEU B 168 -24.21 -7.42 13.79
CA LEU B 168 -25.20 -7.09 12.76
C LEU B 168 -25.17 -8.16 11.67
N ASP B 169 -26.35 -8.69 11.35
CA ASP B 169 -26.50 -9.83 10.45
C ASP B 169 -27.15 -9.42 9.13
N PRO B 170 -26.38 -9.17 8.08
CA PRO B 170 -26.97 -8.68 6.82
C PRO B 170 -27.95 -9.64 6.17
N ASN B 171 -27.78 -10.96 6.37
CA ASN B 171 -28.73 -11.93 5.82
C ASN B 171 -30.14 -11.81 6.38
N ASN B 172 -30.31 -11.25 7.57
CA ASN B 172 -31.64 -11.10 8.17
C ASN B 172 -32.01 -9.67 8.50
N LEU B 173 -31.06 -8.74 8.49
CA LEU B 173 -31.32 -7.35 8.82
C LEU B 173 -32.47 -6.77 8.01
N ASP B 174 -33.53 -6.38 8.71
CA ASP B 174 -34.71 -5.76 8.11
C ASP B 174 -34.83 -4.33 8.60
N LEU B 175 -35.17 -3.43 7.68
CA LEU B 175 -35.27 -2.01 7.98
C LEU B 175 -36.59 -1.71 8.71
N SER B 176 -36.92 -0.42 8.80
CA SER B 176 -38.09 0.13 9.51
C SER B 176 -37.94 0.05 11.02
N GLU B 177 -36.77 -0.31 11.53
CA GLU B 177 -36.53 -0.25 12.97
C GLU B 177 -36.12 1.17 13.36
N PRO B 178 -36.78 1.77 14.36
CA PRO B 178 -36.48 3.16 14.71
C PRO B 178 -35.18 3.31 15.51
N GLU B 179 -34.12 2.62 15.08
CA GLU B 179 -32.79 2.83 15.63
C GLU B 179 -31.68 2.79 14.58
N LEU B 180 -32.01 2.67 13.29
CA LEU B 180 -31.03 2.53 12.24
C LEU B 180 -30.86 3.87 11.53
N TRP B 181 -29.66 4.45 11.62
CA TRP B 181 -29.35 5.74 11.03
C TRP B 181 -28.12 5.58 10.15
N ALA B 182 -28.27 5.87 8.85
CA ALA B 182 -27.21 5.67 7.88
C ALA B 182 -26.25 6.86 7.89
N GLU B 183 -25.03 6.64 8.37
CA GLU B 183 -23.97 7.64 8.33
C GLU B 183 -22.73 7.02 7.68
N GLN B 184 -21.69 7.83 7.52
CA GLN B 184 -20.52 7.47 6.73
C GLN B 184 -19.34 7.08 7.62
N VAL B 185 -18.65 6.00 7.25
CA VAL B 185 -17.52 5.50 8.03
C VAL B 185 -16.38 6.52 7.98
N GLY B 186 -15.63 6.60 9.09
CA GLY B 186 -14.43 7.42 9.13
C GLY B 186 -13.15 6.60 9.13
N GLU B 187 -12.40 6.65 10.23
CA GLU B 187 -11.16 5.90 10.36
C GLU B 187 -11.45 4.43 10.64
N CYS B 188 -10.42 3.58 10.48
CA CYS B 188 -10.51 2.16 10.79
C CYS B 188 -9.27 1.74 11.56
N MET B 189 -9.43 1.55 12.87
CA MET B 189 -8.33 1.22 13.78
C MET B 189 -8.60 -0.11 14.47
N ARG B 190 -7.63 -0.55 15.28
CA ARG B 190 -7.73 -1.81 16.00
C ARG B 190 -7.69 -1.58 17.49
N TYR B 191 -8.51 -2.34 18.23
CA TYR B 191 -8.45 -2.29 19.69
C TYR B 191 -7.10 -2.83 20.16
N ALA B 192 -6.48 -2.11 21.12
CA ALA B 192 -5.13 -2.45 21.56
C ALA B 192 -5.08 -3.71 22.42
N HIS B 193 -6.19 -4.10 23.05
CA HIS B 193 -6.15 -5.20 24.00
C HIS B 193 -6.46 -6.57 23.39
N ASN B 194 -7.35 -6.66 22.41
CA ASN B 194 -7.65 -7.94 21.78
C ASN B 194 -7.69 -7.88 20.27
N ASP B 195 -7.22 -6.79 19.65
CA ASP B 195 -7.11 -6.67 18.20
C ASP B 195 -8.45 -6.95 17.53
N GLN B 196 -9.50 -6.32 18.05
CA GLN B 196 -10.81 -6.35 17.43
C GLN B 196 -11.02 -5.09 16.60
N PRO B 197 -11.46 -5.20 15.34
CA PRO B 197 -11.63 -4.00 14.53
C PRO B 197 -12.78 -3.15 15.02
N CYS B 198 -12.55 -1.84 15.06
CA CYS B 198 -13.58 -0.87 15.40
C CYS B 198 -13.59 0.24 14.36
N PHE B 199 -14.77 0.83 14.16
CA PHE B 199 -14.99 1.82 13.13
C PHE B 199 -15.55 3.09 13.76
N TYR B 200 -15.03 4.23 13.33
CA TYR B 200 -15.50 5.53 13.77
C TYR B 200 -16.51 6.03 12.75
N ILE B 201 -17.77 6.16 13.16
CA ILE B 201 -18.81 6.68 12.30
C ILE B 201 -18.69 8.20 12.22
N GLY B 202 -18.82 8.73 11.00
CA GLY B 202 -18.60 10.15 10.79
C GLY B 202 -17.13 10.49 10.95
N SER B 203 -16.88 11.66 11.53
CA SER B 203 -15.51 12.10 11.77
C SER B 203 -14.94 11.40 13.00
N THR B 204 -13.61 11.25 13.02
CA THR B 204 -12.94 10.73 14.22
C THR B 204 -13.15 11.68 15.39
N LYS B 205 -13.13 12.98 15.13
CA LYS B 205 -13.32 13.98 16.18
C LYS B 205 -14.71 13.94 16.81
N ARG B 206 -15.65 13.21 16.22
CA ARG B 206 -16.98 13.07 16.80
C ARG B 206 -17.02 12.02 17.90
N GLU B 207 -16.06 11.10 17.92
CA GLU B 207 -15.93 10.08 18.98
C GLU B 207 -17.15 9.17 19.03
N LEU B 208 -17.73 8.88 17.87
CA LEU B 208 -18.81 7.89 17.76
C LEU B 208 -18.20 6.59 17.23
N ARG B 209 -17.50 5.89 18.12
CA ARG B 209 -16.82 4.65 17.77
C ARG B 209 -17.76 3.48 17.97
N VAL B 210 -17.96 2.70 16.91
CA VAL B 210 -18.82 1.51 16.95
C VAL B 210 -17.97 0.28 16.66
N ASN B 211 -18.59 -0.89 16.82
CA ASN B 211 -17.92 -2.16 16.60
C ASN B 211 -18.46 -2.97 15.44
N TYR B 212 -19.70 -2.73 15.01
CA TYR B 212 -20.32 -3.50 13.94
C TYR B 212 -21.07 -2.57 13.01
N ILE B 213 -20.76 -2.64 11.71
CA ILE B 213 -21.37 -1.79 10.71
C ILE B 213 -21.93 -2.67 9.59
N VAL B 214 -22.69 -2.03 8.70
CA VAL B 214 -23.24 -2.70 7.52
C VAL B 214 -23.56 -1.64 6.46
N PRO B 215 -23.01 -1.76 5.25
CA PRO B 215 -23.22 -0.71 4.25
C PRO B 215 -24.64 -0.72 3.70
N VAL B 216 -25.20 0.47 3.51
CA VAL B 216 -26.55 0.65 3.00
C VAL B 216 -26.56 1.80 2.00
N ILE B 217 -27.58 1.81 1.15
CA ILE B 217 -27.86 2.93 0.26
C ILE B 217 -28.91 3.81 0.94
N GLY B 218 -28.46 4.77 1.75
CA GLY B 218 -29.38 5.60 2.49
C GLY B 218 -28.71 6.83 3.03
N VAL B 219 -29.54 7.84 3.34
CA VAL B 219 -29.06 9.11 3.85
C VAL B 219 -29.66 9.38 5.22
N ARG B 220 -30.84 8.83 5.47
CA ARG B 220 -31.65 9.14 6.65
C ARG B 220 -32.42 7.88 7.04
N ASP B 221 -33.51 8.04 7.79
CA ASP B 221 -34.39 6.94 8.12
C ASP B 221 -35.03 6.31 6.89
N GLU B 222 -34.75 6.84 5.70
CA GLU B 222 -35.25 6.28 4.45
C GLU B 222 -34.11 5.50 3.79
N ILE B 223 -33.95 4.26 4.24
CA ILE B 223 -32.91 3.37 3.72
C ILE B 223 -33.48 2.53 2.59
N GLU B 224 -32.73 2.41 1.51
CA GLU B 224 -33.23 1.72 0.31
C GLU B 224 -32.87 0.24 0.31
N ARG B 225 -31.58 -0.07 0.38
CA ARG B 225 -31.16 -1.47 0.34
C ARG B 225 -29.77 -1.59 0.96
N VAL B 226 -29.32 -2.83 1.10
CA VAL B 226 -28.06 -3.17 1.75
C VAL B 226 -27.06 -3.59 0.68
N MET B 227 -25.95 -2.84 0.59
CA MET B 227 -24.89 -3.20 -0.33
C MET B 227 -24.18 -4.48 0.12
N THR B 228 -23.34 -5.00 -0.76
CA THR B 228 -22.62 -6.25 -0.55
C THR B 228 -21.11 -5.99 -0.54
N LEU B 229 -20.36 -7.04 -0.19
CA LEU B 229 -18.92 -6.98 -0.04
C LEU B 229 -18.18 -6.74 -1.37
N GLU B 230 -18.89 -6.63 -2.48
CA GLU B 230 -18.27 -6.26 -3.76
C GLU B 230 -18.72 -4.90 -4.27
N GLU B 231 -19.94 -4.46 -3.96
CA GLU B 231 -20.36 -3.10 -4.24
C GLU B 231 -19.56 -2.08 -3.43
N VAL B 232 -18.93 -2.50 -2.34
CA VAL B 232 -18.05 -1.60 -1.60
C VAL B 232 -16.65 -1.58 -2.20
N ARG B 233 -16.24 -2.66 -2.86
CA ARG B 233 -14.94 -2.68 -3.53
C ARG B 233 -14.96 -1.90 -4.83
N ASN B 234 -16.11 -1.85 -5.51
CA ASN B 234 -16.24 -1.06 -6.73
C ASN B 234 -16.07 0.44 -6.48
N LEU B 235 -16.14 0.88 -5.23
CA LEU B 235 -16.09 2.31 -4.95
C LEU B 235 -14.73 2.92 -5.31
N HIS B 236 -13.67 2.12 -5.26
CA HIS B 236 -12.33 2.58 -5.60
C HIS B 236 -11.38 1.41 -5.79
N MET C 4 36.81 0.20 -40.68
CA MET C 4 37.60 -0.99 -40.97
C MET C 4 37.38 -2.02 -39.87
N SER C 5 36.15 -2.08 -39.37
CA SER C 5 35.81 -3.02 -38.32
C SER C 5 35.67 -4.44 -38.88
N LYS C 6 35.78 -5.42 -37.98
CA LYS C 6 35.75 -6.82 -38.39
C LYS C 6 34.34 -7.26 -38.77
N LEU C 7 33.36 -6.95 -37.91
CA LEU C 7 32.00 -7.46 -38.09
C LEU C 7 31.34 -6.95 -39.38
N GLU C 8 31.67 -5.74 -39.82
CA GLU C 8 30.96 -5.13 -40.95
C GLU C 8 31.04 -5.95 -42.23
N LYS C 9 31.89 -6.97 -42.30
CA LYS C 9 32.03 -7.78 -43.49
C LYS C 9 31.22 -9.08 -43.45
N PHE C 10 30.57 -9.38 -42.32
CA PHE C 10 29.92 -10.67 -42.13
C PHE C 10 28.40 -10.54 -42.13
N THR C 11 27.87 -9.66 -42.97
CA THR C 11 26.44 -9.57 -43.21
C THR C 11 26.09 -10.20 -44.55
N ASN C 12 24.85 -10.67 -44.67
CA ASN C 12 24.32 -11.18 -45.94
C ASN C 12 25.11 -12.41 -46.41
N CYS C 13 25.60 -13.21 -45.47
CA CYS C 13 26.47 -14.32 -45.82
C CYS C 13 25.69 -15.49 -46.40
N TYR C 14 24.79 -16.08 -45.61
CA TYR C 14 24.04 -17.25 -46.04
C TYR C 14 22.58 -17.08 -45.65
N SER C 15 21.77 -18.07 -45.99
CA SER C 15 20.33 -18.01 -45.78
C SER C 15 19.92 -18.67 -44.48
N LEU C 16 18.71 -18.34 -44.04
CA LEU C 16 18.22 -18.72 -42.72
C LEU C 16 16.70 -18.71 -42.77
N SER C 17 16.08 -19.48 -41.88
CA SER C 17 14.63 -19.60 -41.87
C SER C 17 14.12 -19.61 -40.44
N LYS C 18 12.99 -18.93 -40.21
CA LYS C 18 12.33 -18.88 -38.91
C LYS C 18 10.83 -18.95 -39.14
N THR C 19 10.10 -19.27 -38.07
CA THR C 19 8.64 -19.19 -38.06
C THR C 19 8.18 -18.27 -36.94
N LEU C 20 7.59 -17.13 -37.30
CA LEU C 20 6.97 -16.24 -36.33
C LEU C 20 5.59 -16.78 -35.95
N ARG C 21 5.40 -17.09 -34.67
CA ARG C 21 4.11 -17.54 -34.17
C ARG C 21 3.33 -16.35 -33.62
N PHE C 22 2.06 -16.25 -34.01
CA PHE C 22 1.20 -15.19 -33.48
C PHE C 22 -0.11 -15.75 -32.93
N LYS C 23 -1.04 -14.86 -32.62
CA LYS C 23 -2.38 -15.23 -32.18
C LYS C 23 -3.40 -14.48 -33.02
N ALA C 24 -4.33 -15.21 -33.63
CA ALA C 24 -5.36 -14.60 -34.46
C ALA C 24 -6.61 -14.32 -33.63
N ILE C 25 -7.13 -13.11 -33.74
CA ILE C 25 -8.32 -12.68 -33.03
C ILE C 25 -9.45 -12.50 -34.03
N PRO C 26 -10.55 -13.24 -33.90
CA PRO C 26 -11.67 -13.06 -34.84
C PRO C 26 -12.24 -11.65 -34.76
N VAL C 27 -12.48 -11.07 -35.93
CA VAL C 27 -12.87 -9.67 -36.05
C VAL C 27 -14.32 -9.60 -36.50
N GLY C 28 -15.10 -8.76 -35.83
CA GLY C 28 -16.50 -8.59 -36.21
C GLY C 28 -17.33 -9.75 -35.72
N LYS C 29 -18.07 -10.37 -36.65
CA LYS C 29 -18.87 -11.56 -36.37
C LYS C 29 -18.27 -12.80 -37.02
N THR C 30 -16.94 -12.85 -37.09
CA THR C 30 -16.25 -14.00 -37.67
C THR C 30 -16.43 -15.26 -36.83
N GLN C 31 -16.44 -15.11 -35.50
CA GLN C 31 -16.51 -16.28 -34.63
C GLN C 31 -17.88 -16.95 -34.67
N GLU C 32 -18.97 -16.17 -34.72
CA GLU C 32 -20.27 -16.80 -34.86
C GLU C 32 -20.56 -17.24 -36.29
N ASN C 33 -19.93 -16.59 -37.28
CA ASN C 33 -19.98 -17.09 -38.65
C ASN C 33 -19.17 -18.37 -38.81
N ILE C 34 -18.22 -18.62 -37.91
CA ILE C 34 -17.48 -19.88 -37.91
C ILE C 34 -18.27 -20.96 -37.17
N ASP C 35 -18.88 -20.58 -36.04
CA ASP C 35 -19.68 -21.52 -35.25
C ASP C 35 -21.00 -21.88 -35.93
N ASN C 36 -21.48 -21.07 -36.86
CA ASN C 36 -22.67 -21.37 -37.62
C ASN C 36 -22.38 -22.17 -38.89
N LYS C 37 -21.11 -22.44 -39.18
CA LYS C 37 -20.73 -23.41 -40.21
C LYS C 37 -19.99 -24.61 -39.64
N ARG C 38 -19.74 -24.63 -38.33
CA ARG C 38 -19.09 -25.75 -37.65
C ARG C 38 -17.75 -26.11 -38.31
N LEU C 39 -16.95 -25.09 -38.55
CA LEU C 39 -15.62 -25.25 -39.14
C LEU C 39 -14.56 -25.65 -38.12
N LEU C 40 -14.97 -25.95 -36.88
CA LEU C 40 -14.06 -26.36 -35.83
C LEU C 40 -14.40 -27.73 -35.24
N VAL C 41 -15.30 -28.48 -35.86
CA VAL C 41 -15.57 -29.85 -35.46
C VAL C 41 -15.07 -30.86 -36.49
N GLU C 42 -15.16 -30.55 -37.79
CA GLU C 42 -14.51 -31.38 -38.80
C GLU C 42 -13.02 -31.52 -38.53
N ASP C 43 -12.37 -30.43 -38.13
CA ASP C 43 -10.92 -30.45 -37.97
C ASP C 43 -10.52 -31.10 -36.65
N GLU C 44 -11.31 -30.91 -35.58
CA GLU C 44 -11.04 -31.66 -34.35
C GLU C 44 -11.26 -33.16 -34.55
N LYS C 45 -12.32 -33.52 -35.28
CA LYS C 45 -12.53 -34.93 -35.60
C LYS C 45 -11.38 -35.50 -36.42
N ARG C 46 -10.86 -34.73 -37.37
CA ARG C 46 -9.72 -35.19 -38.15
C ARG C 46 -8.47 -35.30 -37.29
N ALA C 47 -8.29 -34.38 -36.34
CA ALA C 47 -7.15 -34.48 -35.43
C ALA C 47 -7.27 -35.67 -34.50
N GLU C 48 -8.50 -36.11 -34.20
CA GLU C 48 -8.71 -37.29 -33.38
C GLU C 48 -8.66 -38.57 -34.19
N ASP C 49 -8.98 -38.50 -35.49
CA ASP C 49 -8.87 -39.65 -36.37
C ASP C 49 -7.47 -39.82 -36.95
N TYR C 50 -6.61 -38.82 -36.77
CA TYR C 50 -5.21 -38.95 -37.15
C TYR C 50 -4.56 -40.18 -36.52
N LYS C 51 -4.80 -40.39 -35.22
CA LYS C 51 -4.21 -41.54 -34.53
C LYS C 51 -4.78 -42.85 -35.05
N GLY C 52 -6.08 -42.88 -35.35
CA GLY C 52 -6.68 -44.07 -35.93
C GLY C 52 -6.06 -44.44 -37.27
N VAL C 53 -5.94 -43.45 -38.16
CA VAL C 53 -5.35 -43.72 -39.47
C VAL C 53 -3.87 -44.03 -39.31
N LYS C 54 -3.23 -43.49 -38.27
CA LYS C 54 -1.85 -43.86 -38.00
C LYS C 54 -1.73 -45.34 -37.64
N LYS C 55 -2.63 -45.82 -36.78
CA LYS C 55 -2.62 -47.24 -36.42
C LYS C 55 -2.94 -48.11 -37.62
N LEU C 56 -3.86 -47.67 -38.48
CA LEU C 56 -4.19 -48.45 -39.67
C LEU C 56 -3.01 -48.51 -40.64
N LEU C 57 -2.31 -47.38 -40.81
CA LEU C 57 -1.12 -47.38 -41.65
C LEU C 57 -0.02 -48.24 -41.05
N ASP C 58 0.08 -48.26 -39.72
CA ASP C 58 1.05 -49.16 -39.07
C ASP C 58 0.70 -50.62 -39.33
N ARG C 59 -0.59 -50.96 -39.27
CA ARG C 59 -1.01 -52.33 -39.54
C ARG C 59 -0.72 -52.71 -40.99
N TYR C 60 -1.00 -51.81 -41.93
CA TYR C 60 -0.69 -52.10 -43.33
C TYR C 60 0.81 -52.22 -43.55
N TYR C 61 1.60 -51.37 -42.87
CA TYR C 61 3.05 -51.49 -42.95
C TYR C 61 3.52 -52.84 -42.43
N LEU C 62 2.91 -53.31 -41.34
CA LEU C 62 3.28 -54.62 -40.80
C LEU C 62 2.93 -55.73 -41.77
N SER C 63 1.77 -55.63 -42.44
CA SER C 63 1.41 -56.61 -43.45
C SER C 63 2.41 -56.60 -44.60
N PHE C 64 2.79 -55.41 -45.07
CA PHE C 64 3.75 -55.31 -46.16
C PHE C 64 5.11 -55.85 -45.74
N ILE C 65 5.50 -55.61 -44.49
CA ILE C 65 6.78 -56.10 -43.99
C ILE C 65 6.78 -57.62 -43.95
N ASN C 66 5.74 -58.21 -43.36
CA ASN C 66 5.67 -59.66 -43.32
C ASN C 66 5.46 -60.29 -44.69
N ASP C 67 5.00 -59.50 -45.67
CA ASP C 67 4.93 -59.97 -47.05
C ASP C 67 6.32 -60.00 -47.69
N VAL C 68 7.05 -58.88 -47.61
CA VAL C 68 8.34 -58.81 -48.27
C VAL C 68 9.36 -59.69 -47.54
N LEU C 69 9.16 -59.92 -46.24
CA LEU C 69 10.03 -60.77 -45.44
C LEU C 69 9.69 -62.25 -45.59
N HIS C 70 8.75 -62.58 -46.47
CA HIS C 70 8.51 -63.95 -46.87
C HIS C 70 9.31 -64.31 -48.12
N SER C 71 9.30 -63.42 -49.11
CA SER C 71 10.04 -63.60 -50.36
C SER C 71 11.47 -63.11 -50.25
N ILE C 72 12.21 -63.57 -49.24
CA ILE C 72 13.60 -63.18 -49.05
C ILE C 72 14.41 -64.37 -48.57
N LYS C 73 15.54 -64.63 -49.24
CA LYS C 73 16.48 -65.66 -48.83
C LYS C 73 17.88 -65.15 -49.09
N LEU C 74 18.69 -65.05 -48.04
CA LEU C 74 20.03 -64.48 -48.13
C LEU C 74 21.04 -65.53 -48.58
N LYS C 75 22.10 -65.05 -49.24
CA LYS C 75 23.20 -65.90 -49.68
C LYS C 75 24.46 -65.69 -48.84
N ASN C 76 24.44 -64.77 -47.89
CA ASN C 76 25.61 -64.42 -47.08
C ASN C 76 25.51 -64.90 -45.64
N LEU C 77 24.43 -65.59 -45.26
CA LEU C 77 24.22 -65.93 -43.86
C LEU C 77 25.10 -67.10 -43.43
N ASN C 78 25.31 -68.08 -44.31
CA ASN C 78 26.17 -69.21 -43.97
C ASN C 78 27.61 -68.76 -43.78
N ASN C 79 28.05 -67.77 -44.55
CA ASN C 79 29.38 -67.20 -44.34
C ASN C 79 29.46 -66.50 -42.98
N TYR C 80 28.39 -65.80 -42.59
CA TYR C 80 28.38 -65.16 -41.28
C TYR C 80 28.56 -66.19 -40.15
N ILE C 81 27.76 -67.25 -40.18
CA ILE C 81 27.85 -68.26 -39.12
C ILE C 81 29.19 -68.97 -39.15
N SER C 82 29.76 -69.20 -40.34
CA SER C 82 31.02 -69.93 -40.41
C SER C 82 32.18 -69.10 -39.90
N LEU C 83 32.13 -67.78 -40.05
CA LEU C 83 33.24 -66.90 -39.66
C LEU C 83 33.03 -66.23 -38.31
N PHE C 84 31.88 -66.40 -37.67
CA PHE C 84 31.63 -65.75 -36.38
C PHE C 84 31.92 -66.66 -35.19
N ARG C 85 31.71 -67.97 -35.33
CA ARG C 85 31.99 -68.90 -34.24
C ARG C 85 33.16 -69.81 -34.59
N ASN C 94 38.36 -59.04 -37.32
CA ASN C 94 37.78 -57.82 -36.77
C ASN C 94 37.35 -56.87 -37.88
N LYS C 95 37.77 -57.17 -39.12
CA LYS C 95 37.37 -56.39 -40.26
C LYS C 95 36.87 -57.21 -41.44
N GLU C 96 37.11 -58.52 -41.47
CA GLU C 96 36.53 -59.34 -42.53
C GLU C 96 35.08 -59.73 -42.27
N LEU C 97 34.48 -59.25 -41.18
CA LEU C 97 33.09 -59.61 -40.86
C LEU C 97 32.13 -58.43 -40.97
N GLU C 98 32.63 -57.21 -40.76
CA GLU C 98 31.74 -56.06 -40.77
C GLU C 98 31.29 -55.71 -42.19
N ASN C 99 32.21 -55.83 -43.15
CA ASN C 99 31.82 -55.70 -44.55
C ASN C 99 30.73 -56.70 -44.90
N LEU C 100 30.86 -57.94 -44.41
CA LEU C 100 29.88 -58.97 -44.75
C LEU C 100 28.53 -58.67 -44.10
N GLU C 101 28.54 -58.16 -42.86
CA GLU C 101 27.27 -57.87 -42.22
C GLU C 101 26.59 -56.64 -42.82
N ILE C 102 27.37 -55.65 -43.27
CA ILE C 102 26.76 -54.54 -43.99
C ILE C 102 26.28 -54.99 -45.37
N ASN C 103 26.95 -55.97 -45.99
CA ASN C 103 26.41 -56.57 -47.20
C ASN C 103 25.07 -57.24 -46.93
N LEU C 104 24.95 -57.90 -45.78
CA LEU C 104 23.69 -58.55 -45.42
C LEU C 104 22.58 -57.51 -45.23
N ARG C 105 22.87 -56.45 -44.48
CA ARG C 105 21.87 -55.41 -44.28
C ARG C 105 21.52 -54.71 -45.59
N LYS C 106 22.49 -54.51 -46.48
CA LYS C 106 22.18 -53.95 -47.80
C LYS C 106 21.32 -54.89 -48.62
N GLU C 107 21.54 -56.20 -48.49
CA GLU C 107 20.71 -57.17 -49.19
C GLU C 107 19.27 -57.12 -48.68
N ILE C 108 19.10 -57.05 -47.37
CA ILE C 108 17.77 -56.92 -46.79
C ILE C 108 17.10 -55.64 -47.28
N ALA C 109 17.79 -54.50 -47.16
CA ALA C 109 17.21 -53.24 -47.58
C ALA C 109 16.87 -53.22 -49.06
N LYS C 110 17.65 -53.93 -49.88
CA LYS C 110 17.34 -53.99 -51.31
C LYS C 110 16.14 -54.90 -51.56
N ALA C 111 15.99 -55.95 -50.75
CA ALA C 111 14.80 -56.79 -50.84
C ALA C 111 13.56 -55.97 -50.47
N PHE C 112 13.70 -55.05 -49.52
CA PHE C 112 12.58 -54.19 -49.15
C PHE C 112 12.26 -53.22 -50.27
N LYS C 113 13.23 -52.38 -50.64
CA LYS C 113 13.10 -51.34 -51.65
C LYS C 113 13.03 -51.89 -53.07
N GLY C 114 12.99 -53.21 -53.23
CA GLY C 114 12.96 -53.82 -54.56
C GLY C 114 11.61 -54.38 -54.95
N ASN C 115 10.64 -54.28 -54.05
CA ASN C 115 9.31 -54.80 -54.34
C ASN C 115 8.58 -53.86 -55.31
N GLU C 116 7.59 -54.43 -56.00
CA GLU C 116 6.82 -53.67 -56.97
C GLU C 116 5.75 -52.79 -56.34
N GLY C 117 5.74 -52.68 -55.02
CA GLY C 117 4.73 -51.86 -54.35
C GLY C 117 5.31 -50.85 -53.39
N TYR C 118 6.64 -50.85 -53.23
CA TYR C 118 7.28 -49.93 -52.28
C TYR C 118 7.12 -48.47 -52.68
N LYS C 119 6.86 -48.21 -53.96
CA LYS C 119 6.69 -46.83 -54.43
C LYS C 119 5.49 -46.15 -53.76
N SER C 120 4.41 -46.91 -53.54
CA SER C 120 3.18 -46.33 -53.02
C SER C 120 3.22 -46.06 -51.52
N LEU C 121 4.19 -46.64 -50.80
CA LEU C 121 4.12 -46.70 -49.34
C LEU C 121 4.15 -45.32 -48.69
N PHE C 122 4.68 -44.31 -49.36
CA PHE C 122 4.85 -42.99 -48.73
C PHE C 122 4.41 -41.88 -49.67
N LYS C 123 3.33 -42.11 -50.42
CA LYS C 123 2.73 -41.08 -51.26
C LYS C 123 1.21 -41.17 -51.18
N LYS C 124 0.54 -40.34 -51.98
CA LYS C 124 -0.92 -40.22 -51.94
C LYS C 124 -1.63 -41.52 -52.27
N ASP C 125 -0.95 -42.47 -52.92
CA ASP C 125 -1.60 -43.70 -53.36
C ASP C 125 -1.98 -44.59 -52.18
N ILE C 126 -1.22 -44.54 -51.09
CA ILE C 126 -1.48 -45.42 -49.95
C ILE C 126 -2.67 -44.97 -49.12
N ILE C 127 -3.18 -43.75 -49.33
CA ILE C 127 -4.38 -43.31 -48.65
C ILE C 127 -5.55 -43.35 -49.64
N GLU C 128 -5.24 -43.16 -50.93
CA GLU C 128 -6.28 -43.02 -51.93
C GLU C 128 -6.82 -44.38 -52.39
N THR C 129 -5.93 -45.34 -52.65
CA THR C 129 -6.32 -46.61 -53.24
C THR C 129 -6.01 -47.81 -52.35
N ILE C 130 -4.78 -47.90 -51.83
CA ILE C 130 -4.35 -49.14 -51.20
C ILE C 130 -5.09 -49.38 -49.89
N LEU C 131 -4.92 -48.48 -48.91
CA LEU C 131 -5.51 -48.71 -47.61
C LEU C 131 -7.04 -48.77 -47.61
N PRO C 132 -7.77 -48.06 -48.48
CA PRO C 132 -9.23 -48.32 -48.58
C PRO C 132 -9.59 -49.64 -49.24
N GLU C 133 -8.60 -50.47 -49.59
CA GLU C 133 -8.85 -51.80 -50.12
C GLU C 133 -8.29 -52.91 -49.23
N PHE C 134 -7.09 -52.72 -48.67
CA PHE C 134 -6.50 -53.73 -47.81
C PHE C 134 -7.37 -53.98 -46.57
N LEU C 135 -8.18 -53.00 -46.18
CA LEU C 135 -8.94 -53.08 -44.93
C LEU C 135 -10.28 -53.79 -45.14
N ASP C 136 -11.12 -53.25 -46.02
CA ASP C 136 -12.45 -53.78 -46.31
C ASP C 136 -13.28 -53.89 -45.04
N ASP C 137 -13.49 -52.73 -44.40
CA ASP C 137 -14.40 -52.61 -43.26
C ASP C 137 -15.05 -51.23 -43.33
N LYS C 138 -16.37 -51.21 -43.52
CA LYS C 138 -17.10 -49.96 -43.71
C LYS C 138 -16.94 -48.97 -42.57
N ASP C 139 -16.43 -49.41 -41.41
CA ASP C 139 -16.24 -48.51 -40.29
C ASP C 139 -14.97 -47.68 -40.46
N GLU C 140 -13.87 -48.32 -40.84
CA GLU C 140 -12.58 -47.66 -40.93
C GLU C 140 -12.24 -47.19 -42.34
N ILE C 141 -12.94 -47.69 -43.37
CA ILE C 141 -12.86 -47.05 -44.68
C ILE C 141 -13.40 -45.62 -44.58
N ALA C 142 -14.33 -45.37 -43.65
CA ALA C 142 -14.75 -44.00 -43.38
C ALA C 142 -13.56 -43.15 -42.94
N LEU C 143 -12.77 -43.65 -41.98
CA LEU C 143 -11.56 -42.97 -41.55
C LEU C 143 -10.63 -42.72 -42.73
N VAL C 144 -10.24 -43.79 -43.43
CA VAL C 144 -9.25 -43.69 -44.49
C VAL C 144 -9.77 -42.92 -45.71
N ASN C 145 -11.06 -42.62 -45.75
CA ASN C 145 -11.59 -41.73 -46.78
C ASN C 145 -11.76 -40.30 -46.32
N SER C 146 -11.81 -40.06 -45.01
CA SER C 146 -11.86 -38.68 -44.51
C SER C 146 -10.59 -37.92 -44.90
N PHE C 147 -9.42 -38.55 -44.76
CA PHE C 147 -8.16 -37.95 -45.16
C PHE C 147 -7.93 -38.08 -46.66
N ASN C 148 -8.92 -37.69 -47.47
CA ASN C 148 -8.79 -37.71 -48.93
C ASN C 148 -8.47 -36.30 -49.40
N GLY C 149 -7.29 -36.12 -49.98
CA GLY C 149 -6.79 -34.81 -50.32
C GLY C 149 -5.90 -34.17 -49.28
N PHE C 150 -5.87 -34.70 -48.06
CA PHE C 150 -5.03 -34.20 -46.98
C PHE C 150 -3.79 -35.06 -46.76
N THR C 151 -3.22 -35.58 -47.85
CA THR C 151 -2.02 -36.41 -47.74
C THR C 151 -0.87 -35.65 -47.09
N THR C 152 -0.78 -34.34 -47.32
CA THR C 152 0.32 -33.56 -46.76
C THR C 152 0.37 -33.66 -45.24
N ALA C 153 -0.77 -33.86 -44.58
CA ALA C 153 -0.82 -34.01 -43.14
C ALA C 153 0.00 -35.18 -42.62
N PHE C 154 0.46 -36.06 -43.51
CA PHE C 154 1.28 -37.21 -43.13
C PHE C 154 2.74 -37.07 -43.54
N THR C 155 3.13 -35.93 -44.11
CA THR C 155 4.47 -35.79 -44.68
C THR C 155 5.55 -36.20 -43.69
N GLY C 156 5.43 -35.73 -42.44
CA GLY C 156 6.40 -36.09 -41.42
C GLY C 156 6.30 -37.56 -41.08
N PHE C 157 5.07 -38.04 -40.84
CA PHE C 157 4.87 -39.43 -40.46
C PHE C 157 5.59 -40.36 -41.43
N PHE C 158 5.30 -40.18 -42.73
CA PHE C 158 5.97 -40.97 -43.76
C PHE C 158 7.48 -40.79 -43.72
N ASP C 159 7.96 -39.54 -43.67
CA ASP C 159 9.40 -39.31 -43.62
C ASP C 159 10.07 -39.92 -42.41
N ASN C 160 9.31 -40.31 -41.39
CA ASN C 160 9.85 -41.03 -40.24
C ASN C 160 9.56 -42.53 -40.29
N ARG C 161 8.46 -42.92 -40.94
CA ARG C 161 8.08 -44.32 -41.05
C ARG C 161 8.77 -45.04 -42.20
N GLU C 162 9.76 -44.39 -42.83
CA GLU C 162 10.62 -45.02 -43.82
C GLU C 162 12.02 -45.30 -43.33
N ASN C 163 12.44 -44.68 -42.22
CA ASN C 163 13.74 -44.96 -41.61
C ASN C 163 13.83 -46.37 -41.02
N MET C 164 12.74 -47.13 -41.02
CA MET C 164 12.81 -48.54 -40.63
C MET C 164 13.14 -49.45 -41.80
N PHE C 165 12.71 -49.10 -43.01
CA PHE C 165 13.00 -49.90 -44.20
C PHE C 165 14.40 -49.65 -44.75
N SER C 166 15.27 -48.99 -43.99
CA SER C 166 16.60 -48.60 -44.44
C SER C 166 17.65 -49.47 -43.76
N GLU C 167 18.93 -49.15 -44.00
CA GLU C 167 20.04 -49.98 -43.54
C GLU C 167 21.11 -49.17 -42.82
N GLU C 168 20.79 -47.96 -42.37
CA GLU C 168 21.75 -47.09 -41.68
C GLU C 168 22.13 -47.60 -40.28
N ALA C 169 21.59 -48.72 -39.83
CA ALA C 169 22.01 -49.42 -38.62
C ALA C 169 21.84 -48.58 -37.35
N LYS C 170 20.98 -47.56 -37.37
CA LYS C 170 20.67 -46.87 -36.13
C LYS C 170 19.79 -47.76 -35.25
N SER C 171 19.76 -47.43 -33.95
CA SER C 171 19.17 -48.30 -32.95
C SER C 171 17.72 -48.67 -33.24
N THR C 172 17.04 -47.90 -34.09
CA THR C 172 15.64 -48.12 -34.42
C THR C 172 15.54 -48.32 -35.93
N SER C 173 15.68 -49.57 -36.35
CA SER C 173 15.50 -49.93 -37.76
C SER C 173 15.35 -51.44 -37.87
N ILE C 174 14.64 -51.86 -38.93
CA ILE C 174 14.32 -53.27 -39.10
C ILE C 174 15.58 -54.09 -39.36
N ALA C 175 16.46 -53.59 -40.24
CA ALA C 175 17.68 -54.30 -40.57
C ALA C 175 18.56 -54.51 -39.33
N PHE C 176 18.76 -53.45 -38.56
CA PHE C 176 19.58 -53.58 -37.35
C PHE C 176 18.99 -54.60 -36.39
N ARG C 177 17.66 -54.59 -36.21
CA ARG C 177 17.02 -55.56 -35.34
C ARG C 177 17.21 -56.98 -35.83
N CYS C 178 16.98 -57.21 -37.13
CA CYS C 178 17.03 -58.58 -37.63
C CYS C 178 18.45 -59.13 -37.66
N ILE C 179 19.45 -58.27 -37.84
CA ILE C 179 20.80 -58.79 -38.02
C ILE C 179 21.66 -58.63 -36.77
N ASN C 180 21.86 -57.39 -36.31
CA ASN C 180 22.81 -57.10 -35.23
C ASN C 180 22.37 -57.64 -33.88
N GLU C 181 21.08 -57.85 -33.69
CA GLU C 181 20.54 -58.28 -32.41
C GLU C 181 19.95 -59.68 -32.47
N ASN C 182 19.54 -60.13 -33.65
CA ASN C 182 18.95 -61.45 -33.83
C ASN C 182 19.97 -62.50 -34.26
N LEU C 183 20.78 -62.23 -35.29
CA LEU C 183 21.71 -63.25 -35.77
C LEU C 183 22.72 -63.66 -34.70
N THR C 184 23.12 -62.71 -33.84
CA THR C 184 24.03 -63.05 -32.74
C THR C 184 23.38 -64.06 -31.80
N ARG C 185 22.13 -63.81 -31.41
CA ARG C 185 21.43 -64.74 -30.54
C ARG C 185 21.17 -66.07 -31.23
N TYR C 186 20.92 -66.05 -32.55
CA TYR C 186 20.72 -67.30 -33.28
C TYR C 186 22.00 -68.14 -33.29
N ILE C 187 23.15 -67.50 -33.47
CA ILE C 187 24.41 -68.24 -33.49
C ILE C 187 24.73 -68.78 -32.09
N SER C 188 24.56 -67.94 -31.07
CA SER C 188 24.74 -68.43 -29.70
C SER C 188 23.77 -69.54 -29.37
N ASN C 189 22.56 -69.53 -29.94
CA ASN C 189 21.62 -70.61 -29.71
C ASN C 189 22.07 -71.89 -30.42
N MET C 190 22.65 -71.77 -31.61
CA MET C 190 23.26 -72.92 -32.26
C MET C 190 24.34 -73.52 -31.38
N ASP C 191 25.21 -72.68 -30.82
CA ASP C 191 26.24 -73.15 -29.90
C ASP C 191 25.63 -73.86 -28.70
N ILE C 192 24.61 -73.25 -28.08
CA ILE C 192 24.05 -73.82 -26.86
C ILE C 192 23.31 -75.12 -27.16
N PHE C 193 22.80 -75.28 -28.38
CA PHE C 193 22.14 -76.52 -28.74
C PHE C 193 23.17 -77.60 -29.05
N GLU C 194 24.27 -77.23 -29.71
CA GLU C 194 25.36 -78.18 -29.93
C GLU C 194 25.91 -78.67 -28.60
N LYS C 195 25.91 -77.81 -27.58
CA LYS C 195 26.45 -78.20 -26.28
C LYS C 195 25.45 -79.03 -25.48
N VAL C 196 24.21 -78.57 -25.38
CA VAL C 196 23.18 -79.21 -24.57
C VAL C 196 22.39 -80.13 -25.50
N ASP C 197 22.86 -81.38 -25.63
CA ASP C 197 22.19 -82.39 -26.43
C ASP C 197 22.33 -83.75 -25.77
N ALA C 198 21.68 -84.75 -26.36
CA ALA C 198 21.72 -86.15 -25.93
C ALA C 198 21.02 -86.37 -24.59
N ILE C 199 20.60 -85.30 -23.92
CA ILE C 199 19.53 -85.39 -22.92
C ILE C 199 18.18 -85.12 -23.56
N PHE C 200 17.68 -86.09 -24.32
CA PHE C 200 16.50 -85.95 -25.19
C PHE C 200 16.18 -87.27 -25.88
N ASP C 201 14.90 -87.46 -26.23
CA ASP C 201 14.43 -88.62 -26.98
C ASP C 201 13.13 -88.27 -27.68
N LYS C 202 12.88 -88.97 -28.80
CA LYS C 202 11.57 -88.91 -29.42
C LYS C 202 10.50 -89.45 -28.48
N HIS C 203 10.82 -90.52 -27.74
CA HIS C 203 9.93 -90.95 -26.67
C HIS C 203 9.77 -89.85 -25.61
N GLU C 204 10.82 -89.07 -25.37
CA GLU C 204 10.74 -87.96 -24.43
C GLU C 204 10.10 -86.75 -25.10
N VAL C 205 10.24 -85.59 -24.46
CA VAL C 205 9.46 -84.40 -24.78
C VAL C 205 9.84 -83.80 -26.14
N GLN C 206 10.81 -84.40 -26.82
CA GLN C 206 11.24 -83.87 -28.11
C GLN C 206 10.14 -84.02 -29.16
N GLU C 207 9.52 -85.21 -29.24
CA GLU C 207 8.51 -85.44 -30.27
C GLU C 207 7.23 -84.66 -30.00
N ILE C 208 6.83 -84.53 -28.73
CA ILE C 208 5.65 -83.74 -28.43
C ILE C 208 5.88 -82.26 -28.74
N LYS C 209 7.10 -81.77 -28.51
CA LYS C 209 7.45 -80.42 -28.95
C LYS C 209 7.21 -80.26 -30.45
N GLU C 210 7.78 -81.14 -31.25
CA GLU C 210 7.63 -81.07 -32.71
C GLU C 210 6.16 -81.16 -33.11
N LYS C 211 5.45 -82.15 -32.58
CA LYS C 211 4.07 -82.39 -32.99
C LYS C 211 3.15 -81.23 -32.61
N ILE C 212 3.34 -80.66 -31.42
CA ILE C 212 2.38 -79.67 -30.93
C ILE C 212 2.66 -78.29 -31.51
N LEU C 213 3.91 -77.97 -31.83
CA LEU C 213 4.25 -76.62 -32.27
C LEU C 213 4.65 -76.53 -33.74
N ASN C 214 5.22 -77.58 -34.32
CA ASN C 214 5.63 -77.56 -35.72
C ASN C 214 4.83 -78.54 -36.57
N SER C 215 4.81 -79.81 -36.18
CA SER C 215 3.93 -80.84 -36.72
C SER C 215 4.35 -81.31 -38.11
N ASP C 216 5.35 -80.67 -38.72
CA ASP C 216 5.77 -81.04 -40.06
C ASP C 216 7.24 -81.44 -40.13
N TYR C 217 8.15 -80.57 -39.69
CA TYR C 217 9.58 -80.84 -39.77
C TYR C 217 10.19 -80.86 -38.37
N ASP C 218 11.43 -81.33 -38.32
CA ASP C 218 12.11 -81.60 -37.06
C ASP C 218 12.40 -80.30 -36.29
N VAL C 219 12.66 -80.46 -35.00
CA VAL C 219 12.95 -79.31 -34.15
C VAL C 219 14.41 -78.90 -34.29
N GLU C 220 15.29 -79.85 -34.59
CA GLU C 220 16.70 -79.51 -34.80
C GLU C 220 16.88 -78.58 -35.99
N ASP C 221 15.91 -78.54 -36.91
CA ASP C 221 15.99 -77.66 -38.07
C ASP C 221 16.06 -76.20 -37.67
N PHE C 222 15.60 -75.84 -36.47
CA PHE C 222 15.64 -74.46 -36.02
C PHE C 222 16.99 -74.10 -35.42
N PHE C 223 17.91 -75.05 -35.31
CA PHE C 223 19.29 -74.78 -34.93
C PHE C 223 20.25 -75.03 -36.08
N GLU C 224 19.72 -75.30 -37.27
CA GLU C 224 20.52 -75.33 -38.49
C GLU C 224 21.00 -73.91 -38.82
N GLY C 225 21.98 -73.83 -39.72
CA GLY C 225 22.55 -72.55 -40.08
C GLY C 225 21.71 -71.75 -41.05
N GLU C 226 21.45 -72.29 -42.23
CA GLU C 226 20.75 -71.55 -43.28
C GLU C 226 19.22 -71.56 -43.10
N PHE C 227 18.72 -71.98 -41.94
CA PHE C 227 17.29 -71.83 -41.64
C PHE C 227 16.98 -70.55 -40.88
N PHE C 228 17.98 -69.66 -40.74
CA PHE C 228 17.68 -68.35 -40.19
C PHE C 228 16.76 -67.60 -41.12
N ASN C 229 16.77 -67.93 -42.41
CA ASN C 229 15.87 -67.25 -43.33
C ASN C 229 14.52 -67.93 -43.16
N PHE C 230 14.14 -68.12 -41.91
CA PHE C 230 12.79 -68.51 -41.51
C PHE C 230 12.31 -67.71 -40.31
N VAL C 231 13.21 -67.15 -39.50
CA VAL C 231 12.83 -66.35 -38.35
C VAL C 231 12.89 -64.86 -38.65
N LEU C 232 12.85 -64.49 -39.94
CA LEU C 232 12.74 -63.07 -40.29
C LEU C 232 11.33 -62.53 -40.08
N THR C 233 10.32 -63.38 -40.24
CA THR C 233 8.94 -62.99 -40.05
C THR C 233 8.52 -63.12 -38.59
N GLN C 234 7.63 -62.23 -38.15
CA GLN C 234 7.24 -62.19 -36.75
C GLN C 234 6.61 -63.49 -36.30
N GLU C 235 5.90 -64.19 -37.20
CA GLU C 235 5.38 -65.50 -36.86
C GLU C 235 6.49 -66.53 -36.75
N GLY C 236 7.56 -66.38 -37.54
CA GLY C 236 8.71 -67.27 -37.37
C GLY C 236 9.39 -67.06 -36.03
N ILE C 237 9.59 -65.80 -35.65
CA ILE C 237 10.10 -65.50 -34.31
C ILE C 237 9.16 -66.08 -33.25
N ASP C 238 7.85 -66.03 -33.51
CA ASP C 238 6.89 -66.51 -32.52
C ASP C 238 6.98 -68.02 -32.34
N VAL C 239 7.09 -68.77 -33.44
CA VAL C 239 7.17 -70.22 -33.32
C VAL C 239 8.52 -70.65 -32.75
N TYR C 240 9.59 -69.94 -33.12
CA TYR C 240 10.89 -70.26 -32.56
C TYR C 240 10.91 -70.01 -31.05
N ASN C 241 10.45 -68.84 -30.60
CA ASN C 241 10.36 -68.58 -29.18
C ASN C 241 9.38 -69.51 -28.48
N ALA C 242 8.40 -70.05 -29.23
CA ALA C 242 7.50 -71.03 -28.66
C ALA C 242 8.23 -72.32 -28.35
N ILE C 243 8.93 -72.90 -29.34
CA ILE C 243 9.69 -74.12 -29.07
C ILE C 243 10.81 -73.86 -28.08
N ILE C 244 11.25 -72.61 -27.94
CA ILE C 244 12.23 -72.26 -26.91
C ILE C 244 11.59 -72.34 -25.53
N GLY C 245 10.57 -71.53 -25.29
CA GLY C 245 10.06 -71.33 -23.95
C GLY C 245 8.82 -72.14 -23.60
N GLY C 246 8.00 -72.46 -24.59
CA GLY C 246 6.78 -73.20 -24.28
C GLY C 246 5.54 -72.40 -24.64
N PHE C 247 4.64 -73.04 -25.38
CA PHE C 247 3.47 -72.37 -25.96
C PHE C 247 2.26 -73.27 -25.79
N VAL C 248 1.29 -72.81 -25.00
CA VAL C 248 0.04 -73.55 -24.86
C VAL C 248 -0.67 -73.59 -26.20
N THR C 249 -1.45 -74.65 -26.42
CA THR C 249 -2.20 -74.81 -27.66
C THR C 249 -3.32 -73.78 -27.76
N GLU C 253 -3.60 -77.72 -21.89
CA GLU C 253 -2.35 -78.39 -22.25
C GLU C 253 -1.18 -77.42 -22.26
N LYS C 254 -0.56 -77.24 -21.09
CA LYS C 254 0.63 -76.40 -20.98
C LYS C 254 1.85 -77.19 -21.40
N ILE C 255 2.49 -76.77 -22.48
CA ILE C 255 3.65 -77.47 -23.03
C ILE C 255 4.90 -76.80 -22.47
N LYS C 256 5.82 -77.62 -21.97
CA LYS C 256 7.08 -77.11 -21.43
C LYS C 256 8.07 -76.80 -22.54
N GLY C 257 8.87 -75.76 -22.34
CA GLY C 257 9.89 -75.36 -23.28
C GLY C 257 11.29 -75.84 -22.91
N LEU C 258 12.23 -75.55 -23.81
CA LEU C 258 13.58 -76.09 -23.68
C LEU C 258 14.31 -75.55 -22.46
N ASN C 259 14.08 -74.27 -22.12
CA ASN C 259 14.78 -73.68 -20.98
C ASN C 259 14.41 -74.39 -19.68
N GLU C 260 13.12 -74.72 -19.51
CA GLU C 260 12.73 -75.41 -18.29
C GLU C 260 12.98 -76.92 -18.35
N TYR C 261 13.19 -77.48 -19.54
CA TYR C 261 13.76 -78.83 -19.59
C TYR C 261 15.19 -78.81 -19.08
N ILE C 262 15.92 -77.73 -19.36
CA ILE C 262 17.26 -77.56 -18.84
C ILE C 262 17.20 -77.39 -17.33
N ASN C 263 16.29 -76.53 -16.84
CA ASN C 263 16.11 -76.39 -15.41
C ASN C 263 15.76 -77.72 -14.74
N LEU C 264 14.97 -78.56 -15.41
CA LEU C 264 14.65 -79.88 -14.88
C LEU C 264 15.88 -80.77 -14.82
N TYR C 265 16.79 -80.64 -15.80
CA TYR C 265 18.02 -81.42 -15.74
C TYR C 265 18.93 -80.90 -14.63
N ASN C 266 19.10 -79.58 -14.54
CA ASN C 266 19.97 -79.00 -13.53
C ASN C 266 19.39 -79.14 -12.13
N GLN C 267 18.11 -79.49 -12.02
CA GLN C 267 17.52 -79.80 -10.72
C GLN C 267 17.58 -81.28 -10.38
N LYS C 268 17.54 -82.15 -11.41
CA LYS C 268 17.80 -83.56 -11.18
C LYS C 268 19.19 -83.77 -10.56
N THR C 269 20.22 -83.39 -11.31
CA THR C 269 21.60 -83.36 -10.84
C THR C 269 22.12 -81.94 -10.94
N LYS C 270 23.14 -81.63 -10.14
CA LYS C 270 23.57 -80.25 -9.93
C LYS C 270 24.73 -79.94 -10.87
N GLN C 271 24.42 -79.19 -11.94
CA GLN C 271 25.44 -78.65 -12.83
C GLN C 271 24.82 -77.51 -13.62
N LYS C 272 25.43 -76.33 -13.55
CA LYS C 272 24.88 -75.13 -14.19
C LYS C 272 25.09 -75.20 -15.70
N LEU C 273 24.14 -75.80 -16.42
CA LEU C 273 24.12 -75.97 -17.86
C LEU C 273 23.38 -74.81 -18.53
N PRO C 274 23.92 -74.27 -19.62
CA PRO C 274 23.40 -73.01 -20.17
C PRO C 274 22.02 -73.18 -20.77
N LYS C 275 21.23 -72.09 -20.68
CA LYS C 275 19.89 -72.03 -21.23
C LYS C 275 19.87 -71.11 -22.46
N PHE C 276 18.93 -71.39 -23.36
CA PHE C 276 18.87 -70.70 -24.64
C PHE C 276 18.46 -69.24 -24.44
N LYS C 277 18.63 -68.44 -25.49
CA LYS C 277 18.28 -67.04 -25.46
C LYS C 277 17.22 -66.73 -26.51
N PRO C 278 16.11 -66.09 -26.13
CA PRO C 278 15.03 -65.83 -27.08
C PRO C 278 15.28 -64.58 -27.90
N LEU C 279 14.71 -64.56 -29.10
CA LEU C 279 14.92 -63.47 -30.05
C LEU C 279 14.12 -62.23 -29.63
N TYR C 280 14.38 -61.13 -30.33
CA TYR C 280 13.64 -59.90 -30.14
C TYR C 280 12.39 -59.87 -31.02
N LYS C 281 11.59 -58.82 -30.87
CA LYS C 281 10.36 -58.64 -31.62
C LYS C 281 10.41 -57.27 -32.30
N GLN C 282 10.36 -57.27 -33.62
CA GLN C 282 10.47 -56.04 -34.39
C GLN C 282 9.10 -55.43 -34.67
N GLY C 296 0.81 -41.04 -23.78
CA GLY C 296 0.96 -40.65 -22.39
C GLY C 296 -0.31 -40.82 -21.59
N TYR C 297 -0.17 -41.19 -20.32
CA TYR C 297 -1.32 -41.40 -19.45
C TYR C 297 -2.11 -40.11 -19.27
N THR C 298 -3.36 -40.26 -18.81
CA THR C 298 -4.25 -39.12 -18.75
C THR C 298 -5.10 -39.06 -17.48
N SER C 299 -4.87 -39.92 -16.50
CA SER C 299 -5.66 -39.87 -15.28
C SER C 299 -4.89 -40.53 -14.14
N ASP C 300 -5.05 -39.96 -12.94
CA ASP C 300 -4.35 -40.46 -11.77
C ASP C 300 -4.66 -41.92 -11.49
N GLU C 301 -5.91 -42.33 -11.74
CA GLU C 301 -6.28 -43.73 -11.51
C GLU C 301 -5.59 -44.65 -12.51
N GLU C 302 -5.49 -44.21 -13.76
CA GLU C 302 -4.78 -45.01 -14.75
C GLU C 302 -3.30 -45.14 -14.39
N VAL C 303 -2.69 -44.02 -13.98
CA VAL C 303 -1.28 -44.05 -13.58
C VAL C 303 -1.09 -45.02 -12.41
N LEU C 304 -1.94 -44.90 -11.39
CA LEU C 304 -1.77 -45.71 -10.19
C LEU C 304 -2.04 -47.18 -10.46
N GLU C 305 -2.97 -47.50 -11.36
CA GLU C 305 -3.21 -48.91 -11.67
C GLU C 305 -2.11 -49.48 -12.55
N VAL C 306 -1.52 -48.68 -13.43
CA VAL C 306 -0.34 -49.12 -14.16
C VAL C 306 0.79 -49.42 -13.19
N PHE C 307 0.98 -48.54 -12.20
CA PHE C 307 1.97 -48.79 -11.15
C PHE C 307 1.70 -50.11 -10.44
N ARG C 308 0.47 -50.29 -9.95
CA ARG C 308 0.11 -51.51 -9.25
C ARG C 308 0.30 -52.75 -10.12
N ASN C 309 0.09 -52.63 -11.44
CA ASN C 309 0.17 -53.79 -12.30
C ASN C 309 1.62 -54.17 -12.62
N THR C 310 2.41 -53.21 -13.07
CA THR C 310 3.78 -53.50 -13.50
C THR C 310 4.76 -53.72 -12.35
N LEU C 311 4.49 -53.16 -11.16
CA LEU C 311 5.50 -53.15 -10.10
C LEU C 311 5.02 -53.79 -8.80
N ASN C 312 3.96 -54.59 -8.82
CA ASN C 312 3.51 -55.21 -7.58
C ASN C 312 4.46 -56.34 -7.19
N LYS C 313 4.20 -56.96 -6.04
CA LYS C 313 5.07 -57.99 -5.50
C LYS C 313 4.85 -59.36 -6.13
N ASN C 314 4.09 -59.45 -7.24
CA ASN C 314 4.02 -60.67 -8.02
C ASN C 314 4.00 -60.37 -9.51
N SER C 315 4.61 -59.27 -9.92
CA SER C 315 4.60 -58.86 -11.31
C SER C 315 5.72 -59.55 -12.08
N GLU C 316 5.92 -59.14 -13.34
CA GLU C 316 7.06 -59.62 -14.11
C GLU C 316 8.36 -59.01 -13.60
N ILE C 317 8.31 -57.75 -13.17
CA ILE C 317 9.54 -57.04 -12.81
C ILE C 317 10.06 -57.50 -11.46
N PHE C 318 9.18 -57.67 -10.47
CA PHE C 318 9.63 -58.18 -9.18
C PHE C 318 10.14 -59.62 -9.29
N SER C 319 9.57 -60.42 -10.19
CA SER C 319 10.09 -61.77 -10.40
C SER C 319 11.46 -61.72 -11.06
N SER C 320 11.66 -60.79 -11.99
CA SER C 320 12.98 -60.57 -12.56
C SER C 320 13.98 -60.18 -11.49
N ILE C 321 13.56 -59.33 -10.55
CA ILE C 321 14.44 -58.90 -9.47
C ILE C 321 14.80 -60.09 -8.58
N LYS C 322 13.83 -60.95 -8.28
CA LYS C 322 14.10 -62.14 -7.47
C LYS C 322 15.05 -63.09 -8.20
N LYS C 323 14.86 -63.25 -9.50
CA LYS C 323 15.75 -64.13 -10.28
C LYS C 323 17.16 -63.58 -10.31
N LEU C 324 17.32 -62.27 -10.51
CA LEU C 324 18.65 -61.68 -10.50
C LEU C 324 19.27 -61.74 -9.12
N GLU C 325 18.46 -61.67 -8.07
CA GLU C 325 18.98 -61.83 -6.72
C GLU C 325 19.51 -63.25 -6.50
N LYS C 326 18.74 -64.26 -6.91
CA LYS C 326 19.19 -65.63 -6.74
C LYS C 326 20.44 -65.90 -7.58
N LEU C 327 20.53 -65.29 -8.76
CA LEU C 327 21.71 -65.44 -9.60
C LEU C 327 22.95 -64.83 -8.93
N PHE C 328 22.87 -63.54 -8.60
CA PHE C 328 24.01 -62.85 -8.03
C PHE C 328 24.35 -63.35 -6.64
N LYS C 329 23.43 -64.06 -5.98
CA LYS C 329 23.82 -64.73 -4.75
C LYS C 329 24.31 -66.15 -5.02
N ASN C 330 24.05 -66.68 -6.22
CA ASN C 330 24.69 -67.90 -6.70
C ASN C 330 25.82 -67.57 -7.66
N PHE C 331 26.53 -66.48 -7.38
CA PHE C 331 27.43 -65.84 -8.33
C PHE C 331 28.81 -66.49 -8.39
N ASP C 332 29.13 -67.41 -7.48
CA ASP C 332 30.45 -68.01 -7.44
C ASP C 332 30.57 -69.34 -8.16
N GLU C 333 29.47 -70.06 -8.35
CA GLU C 333 29.52 -71.30 -9.12
C GLU C 333 29.59 -71.07 -10.62
N TYR C 334 29.77 -69.83 -11.07
CA TYR C 334 30.04 -69.50 -12.45
C TYR C 334 31.51 -69.14 -12.61
N SER C 335 32.11 -69.58 -13.71
CA SER C 335 33.54 -69.41 -13.92
C SER C 335 33.89 -67.94 -14.06
N SER C 336 34.73 -67.44 -13.14
CA SER C 336 35.06 -66.02 -13.10
C SER C 336 35.69 -65.53 -14.39
N ALA C 337 36.32 -66.42 -15.15
CA ALA C 337 36.91 -66.04 -16.43
C ALA C 337 35.86 -65.76 -17.50
N GLY C 338 34.60 -66.17 -17.28
CA GLY C 338 33.58 -66.01 -18.29
C GLY C 338 32.80 -64.72 -18.15
N ILE C 339 32.65 -64.23 -16.93
CA ILE C 339 31.95 -62.96 -16.70
C ILE C 339 32.78 -61.81 -17.27
N PHE C 340 32.11 -60.69 -17.52
CA PHE C 340 32.76 -59.49 -18.05
C PHE C 340 32.12 -58.26 -17.43
N VAL C 341 32.81 -57.12 -17.59
CA VAL C 341 32.33 -55.82 -17.15
C VAL C 341 32.67 -54.81 -18.23
N LYS C 342 31.66 -54.10 -18.73
CA LYS C 342 31.86 -53.14 -19.82
C LYS C 342 32.80 -52.02 -19.37
N ASN C 343 33.46 -51.40 -20.36
CA ASN C 343 34.42 -50.33 -20.14
C ASN C 343 33.76 -48.98 -20.34
N GLY C 344 33.79 -48.14 -19.32
CA GLY C 344 33.17 -46.83 -19.35
C GLY C 344 32.98 -46.27 -17.96
N PRO C 345 31.86 -45.57 -17.76
CA PRO C 345 31.52 -45.13 -16.38
C PRO C 345 31.38 -46.28 -15.42
N ALA C 346 31.00 -47.46 -15.91
CA ALA C 346 30.83 -48.63 -15.06
C ALA C 346 32.13 -49.01 -14.36
N ILE C 347 33.26 -48.84 -15.05
CA ILE C 347 34.56 -49.20 -14.47
C ILE C 347 34.90 -48.27 -13.31
N SER C 348 34.69 -46.96 -13.50
CA SER C 348 34.94 -46.02 -12.41
C SER C 348 34.07 -46.34 -11.20
N THR C 349 32.78 -46.63 -11.42
CA THR C 349 31.89 -46.96 -10.31
C THR C 349 32.30 -48.27 -9.64
N ILE C 350 32.72 -49.25 -10.44
CA ILE C 350 33.13 -50.53 -9.87
C ILE C 350 34.38 -50.36 -9.02
N SER C 351 35.35 -49.58 -9.50
CA SER C 351 36.54 -49.29 -8.70
C SER C 351 36.18 -48.54 -7.43
N LYS C 352 35.26 -47.58 -7.53
CA LYS C 352 34.81 -46.85 -6.33
C LYS C 352 34.21 -47.81 -5.30
N ASP C 353 33.35 -48.73 -5.76
CA ASP C 353 32.68 -49.65 -4.84
C ASP C 353 33.56 -50.80 -4.39
N ILE C 354 34.70 -51.04 -5.03
CA ILE C 354 35.51 -52.20 -4.74
C ILE C 354 36.92 -51.79 -4.34
N PHE C 355 37.62 -51.10 -5.25
CA PHE C 355 39.01 -50.72 -5.04
C PHE C 355 39.12 -49.28 -4.53
N GLY C 356 38.50 -49.03 -3.39
CA GLY C 356 38.69 -47.78 -2.69
C GLY C 356 37.95 -46.58 -3.27
N GLU C 357 38.42 -46.05 -4.39
CA GLU C 357 37.81 -44.87 -4.98
C GLU C 357 38.04 -44.87 -6.50
N TRP C 358 37.74 -43.73 -7.11
CA TRP C 358 37.48 -43.62 -8.55
C TRP C 358 38.51 -44.38 -9.40
N ASN C 359 39.77 -43.97 -9.34
CA ASN C 359 40.80 -44.43 -10.26
C ASN C 359 41.82 -45.32 -9.54
N VAL C 360 41.55 -46.63 -9.53
CA VAL C 360 42.53 -47.61 -9.09
C VAL C 360 42.72 -48.63 -10.18
N ILE C 361 41.62 -49.09 -10.79
CA ILE C 361 41.70 -49.98 -11.94
C ILE C 361 42.42 -49.28 -13.10
N ARG C 362 42.09 -48.01 -13.33
CA ARG C 362 42.73 -47.28 -14.42
C ARG C 362 44.23 -47.15 -14.20
N ASP C 363 44.65 -46.89 -12.96
CA ASP C 363 46.07 -46.72 -12.71
C ASP C 363 46.81 -48.06 -12.68
N LYS C 364 46.13 -49.14 -12.31
CA LYS C 364 46.75 -50.46 -12.44
C LYS C 364 46.94 -50.83 -13.90
N TRP C 365 45.94 -50.54 -14.75
CA TRP C 365 46.10 -50.77 -16.18
C TRP C 365 47.20 -49.89 -16.75
N ASN C 366 47.32 -48.65 -16.27
CA ASN C 366 48.37 -47.77 -16.76
C ASN C 366 49.75 -48.26 -16.33
N ALA C 367 49.85 -48.80 -15.11
CA ALA C 367 51.09 -49.41 -14.67
C ALA C 367 51.48 -50.60 -15.55
N GLU C 368 50.52 -51.49 -15.81
CA GLU C 368 50.82 -52.65 -16.65
C GLU C 368 51.02 -52.29 -18.11
N TYR C 369 50.57 -51.10 -18.53
CA TYR C 369 50.85 -50.62 -19.88
C TYR C 369 52.21 -49.95 -19.97
N ASP C 370 52.63 -49.26 -18.91
CA ASP C 370 53.98 -48.72 -18.86
C ASP C 370 55.02 -49.84 -18.77
N ASP C 371 54.72 -50.89 -18.02
CA ASP C 371 55.66 -52.00 -17.89
C ASP C 371 55.94 -52.69 -19.22
N ILE C 372 55.22 -52.35 -20.29
CA ILE C 372 55.40 -52.95 -21.61
C ILE C 372 55.79 -51.90 -22.65
N HIS C 373 55.09 -50.76 -22.65
CA HIS C 373 55.29 -49.74 -23.68
C HIS C 373 56.06 -48.52 -23.19
N LEU C 374 56.80 -48.65 -22.08
CA LEU C 374 57.59 -47.54 -21.56
C LEU C 374 59.00 -48.03 -21.24
N LYS C 375 60.00 -47.30 -21.72
CA LYS C 375 61.39 -47.70 -21.56
C LYS C 375 61.83 -47.44 -20.12
N LYS C 376 63.13 -47.62 -19.86
CA LYS C 376 63.68 -47.35 -18.54
C LYS C 376 63.80 -45.87 -18.23
N LYS C 377 63.37 -45.00 -19.14
CA LYS C 377 63.54 -43.56 -18.99
C LYS C 377 62.25 -42.92 -18.48
N ALA C 378 62.39 -41.74 -17.89
CA ALA C 378 61.26 -40.92 -17.48
C ALA C 378 60.96 -39.90 -18.57
N VAL C 379 60.33 -40.38 -19.65
CA VAL C 379 60.07 -39.57 -20.83
C VAL C 379 58.57 -39.51 -21.09
N VAL C 380 57.78 -39.55 -20.01
CA VAL C 380 56.33 -39.61 -20.12
C VAL C 380 55.83 -38.32 -20.78
N THR C 381 55.37 -38.43 -22.02
CA THR C 381 54.98 -37.28 -22.82
C THR C 381 53.45 -37.23 -22.91
N GLU C 382 52.93 -36.03 -23.15
CA GLU C 382 51.49 -35.86 -23.31
C GLU C 382 50.95 -36.66 -24.48
N LYS C 383 51.75 -36.82 -25.55
CA LYS C 383 51.34 -37.69 -26.63
C LYS C 383 51.30 -39.15 -26.18
N TYR C 384 52.26 -39.57 -25.35
CA TYR C 384 52.24 -40.93 -24.83
C TYR C 384 51.03 -41.14 -23.92
N GLU C 385 50.76 -40.19 -23.03
CA GLU C 385 49.60 -40.30 -22.15
C GLU C 385 48.32 -40.34 -22.96
N ASP C 386 48.24 -39.55 -24.04
CA ASP C 386 47.03 -39.50 -24.83
C ASP C 386 46.82 -40.80 -25.60
N ASP C 387 47.91 -41.39 -26.12
CA ASP C 387 47.77 -42.67 -26.80
C ASP C 387 47.43 -43.78 -25.82
N ARG C 388 47.96 -43.71 -24.60
CA ARG C 388 47.56 -44.68 -23.57
C ARG C 388 46.09 -44.55 -23.24
N ARG C 389 45.60 -43.30 -23.09
CA ARG C 389 44.20 -43.08 -22.80
C ARG C 389 43.31 -43.59 -23.93
N LYS C 390 43.73 -43.37 -25.18
CA LYS C 390 42.95 -43.85 -26.31
C LYS C 390 42.92 -45.37 -26.36
N SER C 391 44.08 -46.00 -26.16
CA SER C 391 44.14 -47.46 -26.13
C SER C 391 43.24 -48.03 -25.04
N PHE C 392 43.24 -47.40 -23.86
CA PHE C 392 42.34 -47.82 -22.78
C PHE C 392 40.88 -47.68 -23.20
N LYS C 393 40.48 -46.46 -23.59
CA LYS C 393 39.08 -46.20 -23.94
C LYS C 393 38.60 -47.06 -25.09
N LYS C 394 39.51 -47.63 -25.89
CA LYS C 394 39.13 -48.54 -26.97
C LYS C 394 38.99 -49.99 -26.51
N ILE C 395 39.47 -50.32 -25.31
CA ILE C 395 39.24 -51.65 -24.75
C ILE C 395 37.75 -51.88 -24.58
N GLY C 396 37.26 -53.01 -25.08
CA GLY C 396 35.84 -53.29 -25.07
C GLY C 396 35.29 -53.52 -23.67
N SER C 397 35.86 -54.47 -22.94
CA SER C 397 35.35 -54.81 -21.62
C SER C 397 36.39 -55.65 -20.90
N PHE C 398 36.29 -55.68 -19.58
CA PHE C 398 37.23 -56.38 -18.71
C PHE C 398 36.56 -57.61 -18.12
N SER C 399 37.25 -58.75 -18.20
CA SER C 399 36.79 -59.96 -17.54
C SER C 399 36.85 -59.76 -16.02
N LEU C 400 36.36 -60.77 -15.29
CA LEU C 400 36.44 -60.76 -13.84
C LEU C 400 37.75 -61.34 -13.31
N GLU C 401 38.41 -62.21 -14.08
CA GLU C 401 39.72 -62.69 -13.66
C GLU C 401 40.79 -61.61 -13.79
N GLN C 402 40.69 -60.77 -14.83
CA GLN C 402 41.56 -59.61 -14.94
C GLN C 402 41.39 -58.68 -13.74
N LEU C 403 40.16 -58.24 -13.47
CA LEU C 403 39.89 -57.41 -12.31
C LEU C 403 40.23 -58.11 -11.00
N GLN C 404 40.38 -59.44 -11.02
CA GLN C 404 40.89 -60.14 -9.84
C GLN C 404 42.40 -60.04 -9.73
N GLU C 405 43.11 -60.06 -10.86
CA GLU C 405 44.56 -59.92 -10.80
C GLU C 405 44.97 -58.55 -10.28
N TYR C 406 44.22 -57.51 -10.65
CA TYR C 406 44.49 -56.16 -10.17
C TYR C 406 44.24 -55.99 -8.68
N ALA C 407 43.62 -56.98 -8.02
CA ALA C 407 43.24 -56.84 -6.62
C ALA C 407 44.45 -57.14 -5.72
N ASP C 408 44.20 -57.28 -4.43
CA ASP C 408 45.23 -57.49 -3.43
C ASP C 408 45.02 -58.84 -2.75
N ALA C 409 45.80 -59.09 -1.69
CA ALA C 409 45.69 -60.34 -0.96
C ALA C 409 44.42 -60.36 -0.13
N ASP C 410 43.76 -61.53 -0.09
CA ASP C 410 42.57 -61.80 0.69
C ASP C 410 41.38 -60.96 0.25
N LEU C 411 41.48 -60.25 -0.87
CA LEU C 411 40.36 -59.53 -1.45
C LEU C 411 39.86 -60.28 -2.68
N SER C 412 38.68 -60.86 -2.58
CA SER C 412 38.02 -61.53 -3.71
C SER C 412 37.04 -60.56 -4.34
N VAL C 413 37.26 -60.25 -5.62
CA VAL C 413 36.41 -59.24 -6.27
C VAL C 413 34.98 -59.75 -6.44
N VAL C 414 34.80 -61.05 -6.64
CA VAL C 414 33.45 -61.58 -6.82
C VAL C 414 32.64 -61.53 -5.54
N GLU C 415 33.30 -61.71 -4.38
CA GLU C 415 32.59 -61.62 -3.11
C GLU C 415 32.10 -60.20 -2.85
N LYS C 416 32.93 -59.19 -3.16
CA LYS C 416 32.52 -57.81 -2.94
C LYS C 416 31.39 -57.41 -3.89
N LEU C 417 31.46 -57.85 -5.15
CA LEU C 417 30.37 -57.59 -6.07
C LEU C 417 29.08 -58.24 -5.62
N LYS C 418 29.17 -59.51 -5.18
CA LYS C 418 27.99 -60.20 -4.69
C LYS C 418 27.40 -59.49 -3.48
N GLU C 419 28.26 -59.04 -2.55
CA GLU C 419 27.75 -58.41 -1.33
C GLU C 419 27.14 -57.04 -1.62
N ILE C 420 27.71 -56.28 -2.56
CA ILE C 420 27.13 -54.98 -2.86
C ILE C 420 25.82 -55.13 -3.64
N ILE C 421 25.74 -56.14 -4.51
CA ILE C 421 24.49 -56.36 -5.24
C ILE C 421 23.41 -56.86 -4.29
N ILE C 422 23.78 -57.71 -3.34
CA ILE C 422 22.83 -58.16 -2.34
C ILE C 422 22.39 -57.00 -1.45
N GLN C 423 23.29 -56.05 -1.17
CA GLN C 423 22.89 -54.86 -0.42
C GLN C 423 21.89 -54.03 -1.21
N LYS C 424 22.12 -53.86 -2.52
CA LYS C 424 21.18 -53.12 -3.35
C LYS C 424 19.83 -53.82 -3.40
N VAL C 425 19.83 -55.14 -3.48
CA VAL C 425 18.59 -55.90 -3.53
C VAL C 425 17.85 -55.78 -2.20
N ASP C 426 18.58 -55.87 -1.08
CA ASP C 426 17.94 -55.73 0.21
C ASP C 426 17.40 -54.32 0.42
N GLU C 427 18.06 -53.31 -0.16
CA GLU C 427 17.51 -51.96 -0.10
C GLU C 427 16.22 -51.85 -0.91
N ILE C 428 16.18 -52.51 -2.07
CA ILE C 428 14.93 -52.59 -2.84
C ILE C 428 13.84 -53.24 -2.00
N TYR C 429 14.18 -54.35 -1.33
CA TYR C 429 13.20 -55.06 -0.52
C TYR C 429 12.74 -54.21 0.66
N LYS C 430 13.65 -53.42 1.23
CA LYS C 430 13.27 -52.53 2.31
C LYS C 430 12.31 -51.46 1.83
N VAL C 431 12.56 -50.86 0.66
CA VAL C 431 11.63 -49.87 0.14
C VAL C 431 10.28 -50.49 -0.18
N TYR C 432 10.28 -51.74 -0.65
CA TYR C 432 9.01 -52.45 -0.79
C TYR C 432 8.31 -52.60 0.55
N GLY C 433 9.05 -52.99 1.59
CA GLY C 433 8.41 -53.13 2.89
C GLY C 433 7.99 -51.81 3.48
N SER C 434 8.57 -50.70 3.01
CA SER C 434 8.13 -49.37 3.39
C SER C 434 6.96 -48.89 2.54
N SER C 435 6.57 -49.67 1.53
CA SER C 435 5.56 -49.19 0.59
C SER C 435 4.49 -50.26 0.38
N GLU C 436 4.12 -50.94 1.46
CA GLU C 436 3.08 -51.97 1.40
C GLU C 436 1.71 -51.41 1.04
N LYS C 437 1.50 -50.10 1.28
CA LYS C 437 0.17 -49.51 1.24
C LYS C 437 -0.29 -49.18 -0.18
N LEU C 438 0.63 -48.76 -1.04
CA LEU C 438 0.28 -48.40 -2.41
C LEU C 438 -0.14 -49.61 -3.26
N PHE C 439 0.01 -50.84 -2.76
CA PHE C 439 -0.44 -52.01 -3.50
C PHE C 439 -1.78 -52.58 -3.07
N ASP C 440 -2.27 -52.30 -1.85
CA ASP C 440 -3.52 -52.92 -1.42
C ASP C 440 -4.72 -52.29 -2.13
N ALA C 441 -5.71 -53.13 -2.45
CA ALA C 441 -6.88 -52.68 -3.20
C ALA C 441 -7.74 -51.66 -2.46
N ASP C 442 -7.67 -51.58 -1.13
CA ASP C 442 -8.49 -50.61 -0.43
C ASP C 442 -8.04 -49.17 -0.67
N PHE C 443 -6.85 -48.97 -1.23
CA PHE C 443 -6.26 -47.64 -1.28
C PHE C 443 -7.05 -46.74 -2.22
N VAL C 444 -7.39 -45.54 -1.73
CA VAL C 444 -8.09 -44.53 -2.51
C VAL C 444 -7.30 -43.24 -2.46
N LEU C 445 -7.31 -42.50 -3.57
CA LEU C 445 -6.55 -41.25 -3.67
C LEU C 445 -7.37 -40.12 -3.05
N GLU C 446 -6.81 -39.47 -2.04
CA GLU C 446 -7.45 -38.31 -1.42
C GLU C 446 -7.29 -37.11 -2.36
N LYS C 447 -6.04 -36.72 -2.66
CA LYS C 447 -5.77 -35.57 -3.50
C LYS C 447 -5.37 -36.02 -4.89
N SER C 448 -5.27 -35.05 -5.80
CA SER C 448 -4.74 -35.29 -7.13
C SER C 448 -3.27 -35.70 -7.05
N LEU C 449 -2.81 -36.40 -8.09
CA LEU C 449 -1.45 -36.93 -8.07
C LEU C 449 -0.42 -35.81 -8.13
N LYS C 450 -0.68 -34.78 -8.93
CA LYS C 450 0.28 -33.69 -9.06
C LYS C 450 0.36 -32.83 -7.80
N LYS C 451 -0.67 -32.83 -6.97
CA LYS C 451 -0.62 -32.10 -5.70
C LYS C 451 -0.29 -32.99 -4.51
N ASN C 452 -0.53 -34.30 -4.61
CA ASN C 452 -0.09 -35.24 -3.58
C ASN C 452 1.40 -35.52 -3.78
N ASP C 453 2.17 -35.42 -2.69
CA ASP C 453 3.59 -35.68 -2.77
C ASP C 453 4.08 -36.78 -1.83
N ALA C 454 3.22 -37.35 -1.00
CA ALA C 454 3.60 -38.56 -0.26
C ALA C 454 3.60 -39.78 -1.16
N VAL C 455 2.54 -39.97 -1.95
CA VAL C 455 2.46 -41.13 -2.83
C VAL C 455 3.43 -40.99 -3.99
N VAL C 456 3.65 -39.76 -4.48
CA VAL C 456 4.63 -39.57 -5.53
C VAL C 456 6.04 -39.75 -4.98
N ALA C 457 6.26 -39.39 -3.71
CA ALA C 457 7.54 -39.69 -3.08
C ALA C 457 7.77 -41.20 -3.01
N ILE C 458 6.73 -41.97 -2.64
CA ILE C 458 6.85 -43.42 -2.58
C ILE C 458 7.19 -43.98 -3.96
N MET C 459 6.41 -43.59 -4.97
CA MET C 459 6.63 -44.09 -6.33
C MET C 459 8.01 -43.72 -6.83
N LYS C 460 8.44 -42.48 -6.59
CA LYS C 460 9.74 -42.04 -7.09
C LYS C 460 10.87 -42.75 -6.37
N ASP C 461 10.74 -43.00 -5.07
CA ASP C 461 11.78 -43.73 -4.34
C ASP C 461 11.90 -45.15 -4.87
N LEU C 462 10.75 -45.81 -5.08
CA LEU C 462 10.78 -47.18 -5.61
C LEU C 462 11.40 -47.22 -7.00
N LEU C 463 10.91 -46.35 -7.90
CA LEU C 463 11.43 -46.32 -9.27
C LEU C 463 12.91 -45.97 -9.28
N ASP C 464 13.35 -45.08 -8.38
CA ASP C 464 14.75 -44.67 -8.35
C ASP C 464 15.63 -45.83 -7.90
N SER C 465 15.22 -46.55 -6.85
CA SER C 465 15.99 -47.70 -6.41
C SER C 465 16.07 -48.77 -7.49
N VAL C 466 14.92 -49.10 -8.10
CA VAL C 466 14.90 -50.16 -9.10
C VAL C 466 15.73 -49.77 -10.32
N LYS C 467 15.65 -48.50 -10.74
CA LYS C 467 16.41 -48.08 -11.91
C LYS C 467 17.89 -47.93 -11.60
N SER C 468 18.23 -47.62 -10.34
CA SER C 468 19.64 -47.64 -9.94
C SER C 468 20.20 -49.05 -10.03
N PHE C 469 19.45 -50.03 -9.54
CA PHE C 469 19.86 -51.42 -9.68
C PHE C 469 20.01 -51.81 -11.16
N GLU C 470 19.02 -51.43 -11.98
CA GLU C 470 19.06 -51.75 -13.40
C GLU C 470 20.28 -51.14 -14.08
N ASN C 471 20.58 -49.87 -13.78
CA ASN C 471 21.74 -49.22 -14.40
C ASN C 471 23.04 -49.78 -13.85
N TYR C 472 23.03 -50.29 -12.62
CA TYR C 472 24.24 -50.86 -12.05
C TYR C 472 24.58 -52.19 -12.71
N ILE C 473 23.62 -53.12 -12.72
CA ILE C 473 23.88 -54.47 -13.23
C ILE C 473 23.94 -54.43 -14.76
N LYS C 474 23.71 -53.26 -15.35
CA LYS C 474 23.87 -53.09 -16.78
C LYS C 474 25.33 -53.29 -17.21
N ALA C 475 26.27 -53.18 -16.26
CA ALA C 475 27.68 -53.29 -16.59
C ALA C 475 28.06 -54.71 -17.03
N PHE C 476 27.50 -55.73 -16.36
CA PHE C 476 27.92 -57.10 -16.57
C PHE C 476 27.63 -57.61 -17.99
N PHE C 477 26.93 -56.82 -18.81
CA PHE C 477 26.77 -57.14 -20.24
C PHE C 477 27.93 -56.52 -20.99
N GLY C 478 29.08 -57.21 -20.92
CA GLY C 478 30.34 -56.62 -21.32
C GLY C 478 30.61 -56.66 -22.82
N GLU C 479 29.98 -55.75 -23.57
CA GLU C 479 30.20 -55.46 -24.98
C GLU C 479 29.60 -56.56 -25.88
N GLY C 480 29.15 -57.69 -25.34
CA GLY C 480 28.48 -58.69 -26.14
C GLY C 480 29.39 -59.41 -27.11
N LYS C 481 30.03 -58.66 -28.01
CA LYS C 481 30.87 -59.22 -29.07
C LYS C 481 32.19 -59.67 -28.46
N GLU C 482 32.24 -60.93 -28.02
CA GLU C 482 33.44 -61.52 -27.46
C GLU C 482 33.23 -63.03 -27.36
N THR C 483 34.35 -63.76 -27.23
CA THR C 483 34.36 -65.18 -27.53
C THR C 483 33.84 -66.03 -26.37
N ASN C 484 34.56 -66.02 -25.25
CA ASN C 484 34.35 -67.01 -24.19
C ASN C 484 33.39 -66.54 -23.11
N ARG C 485 32.20 -66.10 -23.52
CA ARG C 485 31.19 -65.71 -22.55
C ARG C 485 30.63 -66.93 -21.83
N ASP C 486 30.53 -66.85 -20.51
CA ASP C 486 30.00 -67.96 -19.71
C ASP C 486 28.48 -68.01 -19.90
N GLU C 487 28.07 -68.68 -20.99
CA GLU C 487 26.65 -68.68 -21.36
C GLU C 487 25.76 -69.27 -20.27
N SER C 488 26.30 -70.10 -19.38
CA SER C 488 25.52 -70.60 -18.26
C SER C 488 25.00 -69.47 -17.38
N PHE C 489 25.78 -68.39 -17.25
CA PHE C 489 25.38 -67.21 -16.51
C PHE C 489 24.59 -66.23 -17.37
N TYR C 490 25.05 -65.99 -18.60
CA TYR C 490 24.47 -64.91 -19.39
C TYR C 490 23.07 -65.26 -19.88
N GLY C 491 22.75 -66.55 -20.02
CA GLY C 491 21.40 -66.96 -20.30
C GLY C 491 20.43 -66.39 -19.27
N ASP C 492 20.63 -66.78 -18.01
CA ASP C 492 19.79 -66.30 -16.93
C ASP C 492 19.84 -64.77 -16.83
N PHE C 493 21.05 -64.21 -16.96
CA PHE C 493 21.20 -62.76 -16.82
C PHE C 493 20.32 -62.03 -17.82
N VAL C 494 20.39 -62.40 -19.10
CA VAL C 494 19.63 -61.68 -20.10
C VAL C 494 18.14 -62.02 -19.98
N LEU C 495 17.81 -63.25 -19.61
CA LEU C 495 16.41 -63.62 -19.38
C LEU C 495 15.76 -62.70 -18.35
N ALA C 496 16.49 -62.39 -17.28
CA ALA C 496 15.94 -61.51 -16.25
C ALA C 496 15.99 -60.05 -16.67
N TYR C 497 17.11 -59.63 -17.27
CA TYR C 497 17.35 -58.22 -17.56
C TYR C 497 16.45 -57.71 -18.68
N ASP C 498 16.09 -58.55 -19.65
CA ASP C 498 15.23 -58.12 -20.74
C ASP C 498 13.79 -57.89 -20.31
N ILE C 499 13.42 -58.30 -19.10
CA ILE C 499 12.10 -57.95 -18.56
C ILE C 499 12.24 -56.71 -17.69
N LEU C 500 13.39 -56.58 -17.01
CA LEU C 500 13.59 -55.47 -16.08
C LEU C 500 13.75 -54.13 -16.78
N LEU C 501 14.22 -54.11 -18.03
CA LEU C 501 14.52 -52.79 -18.58
C LEU C 501 13.28 -52.09 -19.09
N LYS C 502 12.11 -52.60 -18.74
CA LYS C 502 10.86 -51.88 -18.98
C LYS C 502 10.66 -50.79 -17.94
N VAL C 503 11.43 -50.82 -16.85
CA VAL C 503 11.33 -49.76 -15.84
C VAL C 503 11.68 -48.40 -16.44
N ASP C 504 12.51 -48.38 -17.50
CA ASP C 504 12.86 -47.13 -18.15
C ASP C 504 11.63 -46.43 -18.73
N HIS C 505 10.83 -47.16 -19.51
CA HIS C 505 9.64 -46.55 -20.09
C HIS C 505 8.63 -46.18 -19.01
N ILE C 506 8.48 -47.03 -17.98
CA ILE C 506 7.54 -46.74 -16.91
C ILE C 506 7.98 -45.49 -16.17
N TYR C 507 9.27 -45.40 -15.86
CA TYR C 507 9.83 -44.22 -15.19
C TYR C 507 9.57 -42.97 -16.02
N ASP C 508 9.90 -43.01 -17.31
CA ASP C 508 9.72 -41.84 -18.16
C ASP C 508 8.26 -41.42 -18.22
N ALA C 509 7.36 -42.40 -18.37
CA ALA C 509 5.94 -42.08 -18.45
C ALA C 509 5.44 -41.44 -17.16
N ILE C 510 5.73 -42.06 -16.02
CA ILE C 510 5.25 -41.54 -14.74
C ILE C 510 5.83 -40.16 -14.47
N ARG C 511 7.13 -39.97 -14.76
CA ARG C 511 7.74 -38.67 -14.52
C ARG C 511 7.12 -37.59 -15.40
N ASN C 512 7.02 -37.84 -16.71
CA ASN C 512 6.39 -36.89 -17.60
C ASN C 512 4.93 -36.62 -17.25
N TYR C 513 4.26 -37.57 -16.58
CA TYR C 513 2.91 -37.30 -16.11
C TYR C 513 2.91 -36.39 -14.89
N VAL C 514 3.85 -36.59 -13.97
CA VAL C 514 3.86 -35.81 -12.74
C VAL C 514 4.35 -34.39 -13.02
N THR C 515 5.46 -34.26 -13.76
CA THR C 515 5.97 -32.94 -14.15
C THR C 515 5.21 -32.47 -15.39
N GLN C 516 3.95 -32.12 -15.17
CA GLN C 516 3.06 -31.71 -16.24
C GLN C 516 2.29 -30.48 -15.80
N LYS C 517 2.30 -29.44 -16.63
CA LYS C 517 1.64 -28.20 -16.30
C LYS C 517 0.12 -28.41 -16.21
N PRO C 518 -0.57 -27.63 -15.39
CA PRO C 518 -2.03 -27.81 -15.27
C PRO C 518 -2.78 -27.44 -16.54
N TYR C 519 -2.18 -26.63 -17.41
CA TYR C 519 -2.76 -26.31 -18.71
C TYR C 519 -2.21 -27.28 -19.75
N SER C 520 -2.51 -27.04 -21.02
CA SER C 520 -1.97 -27.86 -22.10
C SER C 520 -1.95 -27.05 -23.38
N LYS C 521 -0.96 -27.34 -24.23
CA LYS C 521 -0.77 -26.63 -25.49
C LYS C 521 -1.07 -27.53 -26.68
N ASP C 522 -2.11 -28.36 -26.55
CA ASP C 522 -2.52 -29.26 -27.63
C ASP C 522 -3.44 -28.51 -28.58
N LYS C 523 -3.07 -28.47 -29.85
CA LYS C 523 -3.81 -27.73 -30.87
C LYS C 523 -4.01 -28.61 -32.09
N PHE C 524 -4.82 -28.12 -33.02
CA PHE C 524 -5.07 -28.81 -34.28
C PHE C 524 -5.18 -27.81 -35.42
N LYS C 525 -4.56 -28.13 -36.54
CA LYS C 525 -4.55 -27.23 -37.68
C LYS C 525 -5.94 -27.15 -38.32
N LEU C 526 -6.32 -25.93 -38.72
CA LEU C 526 -7.58 -25.69 -39.41
C LEU C 526 -7.34 -25.60 -40.91
N TYR C 527 -8.15 -26.31 -41.69
CA TYR C 527 -8.00 -26.34 -43.14
C TYR C 527 -9.07 -25.54 -43.86
N PHE C 528 -10.28 -25.42 -43.28
CA PHE C 528 -11.40 -24.73 -43.91
C PHE C 528 -11.77 -25.36 -45.25
N GLN C 529 -12.16 -26.63 -45.18
CA GLN C 529 -12.64 -27.40 -46.34
C GLN C 529 -11.81 -27.18 -47.59
N ASN C 530 -10.48 -27.14 -47.44
CA ASN C 530 -9.58 -26.79 -48.54
C ASN C 530 -8.24 -27.44 -48.28
N PRO C 531 -7.93 -28.56 -48.95
CA PRO C 531 -6.59 -29.15 -48.80
C PRO C 531 -5.47 -28.18 -49.15
N GLN C 532 -5.60 -27.46 -50.25
CA GLN C 532 -4.64 -26.41 -50.62
C GLN C 532 -5.10 -25.10 -49.99
N PHE C 533 -4.76 -24.93 -48.72
CA PHE C 533 -5.16 -23.78 -47.94
C PHE C 533 -3.92 -23.12 -47.34
N MET C 534 -3.80 -21.81 -47.51
CA MET C 534 -2.77 -20.96 -46.93
C MET C 534 -1.37 -21.28 -47.43
N GLY C 535 -1.22 -22.23 -48.34
CA GLY C 535 0.10 -22.65 -48.79
C GLY C 535 0.82 -21.68 -49.69
N GLY C 536 0.34 -20.45 -49.75
CA GLY C 536 0.99 -19.44 -50.57
C GLY C 536 0.30 -18.09 -50.40
N TRP C 537 0.81 -17.11 -51.12
CA TRP C 537 0.25 -15.76 -51.09
C TRP C 537 0.13 -15.19 -52.50
N TYR C 545 -5.67 -21.00 -52.74
CA TYR C 545 -5.01 -20.67 -51.49
C TYR C 545 -5.97 -19.97 -50.53
N ARG C 546 -6.59 -18.89 -51.01
CA ARG C 546 -7.65 -18.20 -50.28
C ARG C 546 -7.13 -17.66 -48.94
N ALA C 547 -6.09 -16.83 -49.03
CA ALA C 547 -5.52 -16.21 -47.84
C ALA C 547 -4.71 -15.00 -48.27
N THR C 548 -4.83 -13.91 -47.51
CA THR C 548 -4.11 -12.67 -47.78
C THR C 548 -3.90 -11.97 -46.44
N ILE C 549 -2.88 -11.11 -46.40
CA ILE C 549 -2.55 -10.34 -45.21
C ILE C 549 -2.88 -8.88 -45.51
N LEU C 550 -4.03 -8.44 -45.01
CA LEU C 550 -4.41 -7.03 -45.07
C LEU C 550 -3.71 -6.25 -43.96
N ARG C 551 -3.77 -4.92 -44.07
CA ARG C 551 -3.36 -4.06 -42.96
C ARG C 551 -4.12 -2.75 -43.01
N TYR C 552 -4.44 -2.22 -41.83
CA TYR C 552 -5.22 -0.99 -41.69
C TYR C 552 -4.63 -0.20 -40.54
N GLY C 553 -4.12 1.00 -40.83
CA GLY C 553 -3.48 1.82 -39.82
C GLY C 553 -2.26 1.14 -39.24
N SER C 554 -2.35 0.69 -37.99
CA SER C 554 -1.29 -0.08 -37.34
C SER C 554 -1.85 -1.41 -36.85
N LYS C 555 -2.75 -1.99 -37.63
CA LYS C 555 -3.33 -3.30 -37.37
C LYS C 555 -3.23 -4.13 -38.62
N TYR C 556 -2.71 -5.35 -38.49
CA TYR C 556 -2.51 -6.26 -39.62
C TYR C 556 -3.49 -7.40 -39.53
N TYR C 557 -4.16 -7.70 -40.65
CA TYR C 557 -5.29 -8.61 -40.66
C TYR C 557 -5.02 -9.77 -41.62
N LEU C 558 -5.56 -10.93 -41.29
CA LEU C 558 -5.50 -12.11 -42.13
C LEU C 558 -6.90 -12.41 -42.67
N ALA C 559 -7.11 -12.15 -43.95
CA ALA C 559 -8.41 -12.35 -44.59
C ALA C 559 -8.40 -13.69 -45.30
N ILE C 560 -9.39 -14.53 -45.01
CA ILE C 560 -9.51 -15.87 -45.59
C ILE C 560 -10.87 -15.97 -46.27
N MET C 561 -10.87 -15.94 -47.60
CA MET C 561 -12.09 -16.16 -48.35
C MET C 561 -12.50 -17.63 -48.30
N ASP C 562 -13.81 -17.86 -48.32
CA ASP C 562 -14.37 -19.20 -48.21
C ASP C 562 -14.93 -19.64 -49.56
N LYS C 563 -15.49 -20.84 -49.58
CA LYS C 563 -16.06 -21.40 -50.80
C LYS C 563 -17.58 -21.35 -50.78
N GLY C 579 -12.77 4.94 -44.67
CA GLY C 579 -11.61 4.10 -44.40
C GLY C 579 -11.04 3.47 -45.66
N ASN C 580 -9.94 2.74 -45.50
CA ASN C 580 -9.29 2.04 -46.60
C ASN C 580 -8.28 1.03 -46.07
N TYR C 581 -8.31 -0.19 -46.59
CA TYR C 581 -7.38 -1.22 -46.17
C TYR C 581 -6.10 -1.13 -47.01
N GLU C 582 -5.25 -2.16 -46.91
CA GLU C 582 -4.06 -2.26 -47.73
C GLU C 582 -3.75 -3.73 -47.96
N LYS C 583 -3.72 -4.15 -49.23
CA LYS C 583 -3.49 -5.54 -49.56
C LYS C 583 -2.00 -5.81 -49.73
N ILE C 584 -1.58 -6.99 -49.31
CA ILE C 584 -0.18 -7.41 -49.45
C ILE C 584 -0.13 -8.85 -49.96
N PHE C 685 0.07 -3.79 -53.81
CA PHE C 685 -0.50 -2.96 -52.77
C PHE C 685 -1.76 -2.24 -53.24
N GLU C 686 -2.63 -2.97 -53.93
CA GLU C 686 -3.90 -2.42 -54.35
C GLU C 686 -4.83 -2.25 -53.14
N SER C 687 -5.49 -1.11 -53.07
CA SER C 687 -6.28 -0.75 -51.89
C SER C 687 -7.62 -1.48 -51.92
N ALA C 688 -8.50 -1.14 -50.98
CA ALA C 688 -9.86 -1.65 -50.94
C ALA C 688 -10.75 -0.56 -50.34
N SER C 689 -11.94 -0.95 -49.89
CA SER C 689 -12.78 -0.08 -49.07
C SER C 689 -13.22 -0.84 -47.83
N LYS C 690 -12.90 -0.27 -46.66
CA LYS C 690 -13.22 -0.91 -45.38
C LYS C 690 -14.70 -1.27 -45.27
N LYS C 691 -15.58 -0.48 -45.89
CA LYS C 691 -17.02 -0.74 -45.83
C LYS C 691 -17.37 -2.09 -46.45
N GLU C 692 -16.89 -2.35 -47.67
CA GLU C 692 -17.31 -3.58 -48.35
C GLU C 692 -16.58 -4.81 -47.80
N VAL C 693 -15.38 -4.65 -47.24
CA VAL C 693 -14.73 -5.80 -46.61
C VAL C 693 -15.42 -6.16 -45.31
N ASP C 694 -15.82 -5.15 -44.52
CA ASP C 694 -16.66 -5.44 -43.37
C ASP C 694 -18.01 -6.02 -43.77
N LYS C 695 -18.53 -5.62 -44.94
CA LYS C 695 -19.76 -6.22 -45.44
C LYS C 695 -19.56 -7.70 -45.75
N LEU C 696 -18.42 -8.04 -46.37
CA LEU C 696 -18.09 -9.44 -46.59
C LEU C 696 -17.96 -10.19 -45.27
N VAL C 697 -17.36 -9.56 -44.26
CA VAL C 697 -17.21 -10.20 -42.96
C VAL C 697 -18.57 -10.47 -42.34
N GLU C 698 -19.52 -9.54 -42.50
CA GLU C 698 -20.86 -9.74 -41.97
C GLU C 698 -21.60 -10.83 -42.74
N GLU C 699 -21.46 -10.84 -44.06
CA GLU C 699 -22.10 -11.86 -44.88
C GLU C 699 -21.61 -13.25 -44.51
N GLY C 700 -20.34 -13.53 -44.71
CA GLY C 700 -19.80 -14.85 -44.49
C GLY C 700 -18.80 -15.26 -45.56
N LYS C 701 -18.60 -14.37 -46.54
CA LYS C 701 -17.67 -14.61 -47.64
C LYS C 701 -16.22 -14.34 -47.24
N LEU C 702 -15.96 -14.11 -45.95
CA LEU C 702 -14.63 -13.72 -45.52
C LEU C 702 -14.52 -14.02 -44.03
N TYR C 703 -13.29 -14.27 -43.58
CA TYR C 703 -12.99 -14.77 -42.24
C TYR C 703 -11.87 -13.96 -41.61
N MET C 704 -12.03 -12.64 -41.57
CA MET C 704 -10.98 -11.75 -41.09
C MET C 704 -10.56 -12.02 -39.65
N PHE C 705 -9.32 -12.45 -39.47
CA PHE C 705 -8.67 -12.52 -38.17
C PHE C 705 -7.77 -11.31 -38.01
N GLN C 706 -7.44 -10.99 -36.76
CA GLN C 706 -6.47 -9.94 -36.46
C GLN C 706 -5.22 -10.57 -35.87
N ILE C 707 -4.09 -10.32 -36.53
CA ILE C 707 -2.80 -10.78 -36.02
C ILE C 707 -2.41 -9.91 -34.83
N TYR C 708 -2.08 -10.52 -33.71
CA TYR C 708 -1.92 -9.76 -32.48
C TYR C 708 -0.95 -10.46 -31.54
N ASN C 709 -0.03 -9.68 -30.98
CA ASN C 709 0.68 -10.03 -29.76
C ASN C 709 0.90 -8.75 -28.97
N LYS C 710 1.35 -8.89 -27.73
CA LYS C 710 1.28 -7.80 -26.77
C LYS C 710 2.11 -6.58 -27.17
N ASP C 711 2.79 -6.65 -28.33
CA ASP C 711 3.47 -5.50 -28.88
C ASP C 711 2.62 -4.72 -29.87
N PHE C 712 1.61 -5.35 -30.48
CA PHE C 712 0.63 -4.62 -31.28
C PHE C 712 -0.41 -3.89 -30.43
N SER C 713 -0.42 -4.13 -29.12
CA SER C 713 -1.35 -3.44 -28.24
C SER C 713 -1.11 -1.93 -28.28
N ASP C 714 -2.13 -1.19 -27.85
CA ASP C 714 -2.05 0.27 -27.79
C ASP C 714 -1.48 0.76 -26.46
N LYS C 715 -1.43 -0.08 -25.44
CA LYS C 715 -0.86 0.29 -24.15
C LYS C 715 0.58 -0.20 -23.99
N SER C 716 1.20 -0.69 -25.06
CA SER C 716 2.58 -1.13 -25.03
C SER C 716 3.49 0.03 -25.42
N HIS C 717 4.45 0.36 -24.56
CA HIS C 717 5.34 1.48 -24.78
C HIS C 717 6.82 1.11 -24.83
N GLY C 718 7.22 -0.02 -24.26
CA GLY C 718 8.61 -0.40 -24.26
C GLY C 718 9.11 -0.92 -25.60
N THR C 719 10.18 -1.71 -25.57
CA THR C 719 10.76 -2.23 -26.81
C THR C 719 9.99 -3.47 -27.27
N PRO C 720 9.64 -3.56 -28.55
CA PRO C 720 8.91 -4.74 -29.03
C PRO C 720 9.79 -5.97 -29.03
N ASN C 721 9.14 -7.13 -29.10
CA ASN C 721 9.87 -8.39 -29.24
C ASN C 721 10.66 -8.41 -30.56
N LEU C 722 11.55 -9.38 -30.67
CA LEU C 722 12.34 -9.51 -31.89
C LEU C 722 11.47 -9.96 -33.07
N HIS C 723 10.65 -10.99 -32.86
CA HIS C 723 9.83 -11.49 -33.95
C HIS C 723 8.75 -10.48 -34.36
N THR C 724 8.30 -9.65 -33.41
CA THR C 724 7.39 -8.56 -33.78
C THR C 724 8.07 -7.60 -34.75
N MET C 725 9.35 -7.30 -34.51
CA MET C 725 10.08 -6.43 -35.43
C MET C 725 10.28 -7.11 -36.78
N TYR C 726 10.57 -8.41 -36.78
CA TYR C 726 10.67 -9.16 -38.02
C TYR C 726 9.37 -9.07 -38.80
N PHE C 727 8.23 -9.30 -38.15
CA PHE C 727 6.94 -9.28 -38.81
C PHE C 727 6.63 -7.90 -39.38
N LYS C 728 6.75 -6.86 -38.54
CA LYS C 728 6.49 -5.50 -39.02
C LYS C 728 7.39 -5.16 -40.20
N LEU C 729 8.57 -5.77 -40.29
CA LEU C 729 9.46 -5.52 -41.41
C LEU C 729 9.06 -6.28 -42.67
N LEU C 730 8.30 -7.37 -42.55
CA LEU C 730 7.82 -8.06 -43.75
C LEU C 730 7.18 -7.10 -44.75
N PHE C 731 6.51 -6.06 -44.25
CA PHE C 731 5.73 -5.14 -45.07
C PHE C 731 6.34 -3.75 -45.12
N ASP C 732 7.62 -3.62 -44.77
CA ASP C 732 8.24 -2.31 -44.73
C ASP C 732 8.84 -1.93 -46.09
N GLU C 733 9.26 -0.67 -46.20
CA GLU C 733 9.90 -0.17 -47.40
C GLU C 733 11.41 -0.39 -47.39
N ASN C 734 12.06 -0.23 -46.24
CA ASN C 734 13.48 -0.54 -46.14
C ASN C 734 13.78 -2.02 -46.35
N ASN C 735 12.78 -2.88 -46.18
CA ASN C 735 12.93 -4.30 -46.49
C ASN C 735 12.82 -4.49 -48.00
N HIS C 736 13.93 -4.82 -48.65
CA HIS C 736 13.94 -5.09 -50.08
C HIS C 736 13.76 -6.58 -50.35
N GLY C 737 14.71 -7.40 -49.91
CA GLY C 737 14.56 -8.83 -50.03
C GLY C 737 15.15 -9.58 -48.85
N GLN C 738 15.52 -8.85 -47.80
CA GLN C 738 16.25 -9.44 -46.69
C GLN C 738 15.38 -10.47 -45.95
N ILE C 739 14.27 -10.01 -45.39
CA ILE C 739 13.27 -10.87 -44.76
C ILE C 739 12.05 -10.87 -45.67
N ARG C 740 11.73 -12.02 -46.25
CA ARG C 740 10.63 -12.14 -47.19
C ARG C 740 9.69 -13.26 -46.76
N LEU C 741 8.51 -13.30 -47.37
CA LEU C 741 7.43 -14.19 -46.97
C LEU C 741 7.49 -15.44 -47.86
N SER C 742 8.20 -16.46 -47.37
CA SER C 742 8.43 -17.68 -48.12
C SER C 742 7.60 -18.80 -47.55
N GLY C 743 6.93 -19.55 -48.41
CA GLY C 743 6.11 -20.66 -47.97
C GLY C 743 4.70 -20.23 -47.63
N GLY C 744 4.01 -21.12 -46.94
CA GLY C 744 2.64 -20.87 -46.52
C GLY C 744 2.52 -20.87 -45.01
N ALA C 745 1.60 -20.05 -44.51
CA ALA C 745 1.34 -19.96 -43.08
C ALA C 745 0.56 -21.18 -42.61
N GLU C 746 0.24 -21.19 -41.31
CA GLU C 746 -0.54 -22.29 -40.75
C GLU C 746 -1.36 -21.73 -39.59
N LEU C 747 -2.68 -21.92 -39.66
CA LEU C 747 -3.61 -21.41 -38.65
C LEU C 747 -4.04 -22.57 -37.76
N PHE C 748 -3.48 -22.65 -36.55
CA PHE C 748 -3.81 -23.70 -35.62
C PHE C 748 -4.98 -23.24 -34.75
N MET C 749 -5.32 -24.03 -33.73
CA MET C 749 -6.42 -23.69 -32.82
C MET C 749 -6.26 -24.46 -31.52
N ARG C 750 -6.15 -23.74 -30.41
CA ARG C 750 -5.96 -24.33 -29.10
C ARG C 750 -7.22 -24.10 -28.27
N ARG C 751 -7.76 -25.18 -27.72
CA ARG C 751 -8.97 -25.07 -26.93
C ARG C 751 -8.65 -24.70 -25.49
N ALA C 752 -9.64 -24.12 -24.80
CA ALA C 752 -9.43 -23.66 -23.44
C ALA C 752 -9.17 -24.85 -22.53
N SER C 753 -8.04 -24.84 -21.82
CA SER C 753 -7.66 -25.97 -21.00
C SER C 753 -7.99 -25.78 -19.52
N LEU C 754 -8.14 -24.54 -19.06
CA LEU C 754 -8.46 -24.27 -17.66
C LEU C 754 -9.93 -23.89 -17.51
N LYS C 755 -10.64 -24.63 -16.67
CA LYS C 755 -12.04 -24.33 -16.40
C LYS C 755 -12.16 -23.06 -15.56
N LYS C 756 -13.10 -22.20 -15.94
CA LYS C 756 -13.24 -20.89 -15.30
C LYS C 756 -13.63 -21.00 -13.82
N GLU C 757 -13.86 -22.21 -13.33
CA GLU C 757 -13.93 -22.41 -11.89
C GLU C 757 -12.57 -22.55 -11.23
N GLU C 758 -11.52 -22.76 -12.02
CA GLU C 758 -10.16 -22.88 -11.51
C GLU C 758 -9.35 -21.61 -11.66
N LEU C 759 -9.85 -20.65 -12.44
CA LEU C 759 -9.14 -19.38 -12.64
C LEU C 759 -8.92 -18.67 -11.32
N VAL C 760 -7.67 -18.24 -11.09
CA VAL C 760 -7.27 -17.57 -9.87
C VAL C 760 -6.74 -16.18 -10.24
N VAL C 761 -7.02 -15.20 -9.42
CA VAL C 761 -6.85 -13.80 -9.78
C VAL C 761 -6.18 -13.05 -8.63
N HIS C 762 -5.48 -11.97 -8.96
CA HIS C 762 -5.03 -10.99 -7.98
C HIS C 762 -6.06 -9.88 -7.89
N PRO C 763 -6.84 -9.78 -6.81
CA PRO C 763 -7.94 -8.81 -6.78
C PRO C 763 -7.46 -7.37 -6.92
N ALA C 764 -8.27 -6.57 -7.59
CA ALA C 764 -7.89 -5.19 -7.91
C ALA C 764 -7.80 -4.35 -6.64
N ASN C 765 -7.10 -3.21 -6.78
CA ASN C 765 -6.97 -2.21 -5.71
C ASN C 765 -6.48 -2.82 -4.41
N SER C 766 -5.62 -3.84 -4.50
CA SER C 766 -5.02 -4.46 -3.32
C SER C 766 -3.52 -4.57 -3.55
N PRO C 767 -2.69 -4.15 -2.59
CA PRO C 767 -1.24 -4.11 -2.82
C PRO C 767 -0.66 -5.51 -2.98
N ILE C 768 -0.01 -5.74 -4.12
CA ILE C 768 0.65 -7.01 -4.39
C ILE C 768 2.09 -6.92 -3.94
N ALA C 769 2.59 -7.98 -3.30
CA ALA C 769 3.98 -8.04 -2.92
C ALA C 769 4.87 -8.28 -4.15
N ASN C 770 6.05 -7.68 -4.14
CA ASN C 770 7.00 -7.81 -5.23
C ASN C 770 8.02 -8.90 -4.90
N LYS C 771 8.29 -9.77 -5.86
CA LYS C 771 9.10 -10.95 -5.64
C LYS C 771 10.59 -10.71 -5.86
N ASN C 772 10.96 -9.51 -6.31
CA ASN C 772 12.35 -9.21 -6.61
C ASN C 772 13.00 -8.53 -5.42
N PRO C 773 13.93 -9.18 -4.71
CA PRO C 773 14.55 -8.51 -3.56
C PRO C 773 15.37 -7.29 -3.94
N ASP C 774 15.87 -7.23 -5.17
CA ASP C 774 16.65 -6.10 -5.64
C ASP C 774 15.79 -5.03 -6.29
N ASN C 775 14.49 -4.98 -5.98
CA ASN C 775 13.58 -3.95 -6.47
C ASN C 775 13.42 -2.86 -5.43
N PRO C 776 13.54 -1.58 -5.82
CA PRO C 776 13.26 -0.51 -4.84
C PRO C 776 11.81 -0.50 -4.40
N LYS C 777 10.87 -0.49 -5.34
CA LYS C 777 9.45 -0.51 -5.00
C LYS C 777 9.08 -1.88 -4.45
N LYS C 778 8.59 -1.93 -3.21
CA LYS C 778 8.34 -3.18 -2.52
C LYS C 778 6.89 -3.64 -2.61
N THR C 779 6.00 -2.86 -3.21
CA THR C 779 4.62 -3.29 -3.43
C THR C 779 4.13 -2.73 -4.76
N THR C 780 2.93 -3.16 -5.15
CA THR C 780 2.29 -2.66 -6.35
C THR C 780 0.78 -2.72 -6.17
N THR C 781 0.10 -1.63 -6.55
CA THR C 781 -1.36 -1.54 -6.46
C THR C 781 -1.87 -1.18 -7.85
N LEU C 782 -2.53 -2.13 -8.51
CA LEU C 782 -3.07 -1.93 -9.84
C LEU C 782 -4.57 -1.68 -9.78
N SER C 783 -5.06 -0.88 -10.73
CA SER C 783 -6.47 -0.53 -10.81
C SER C 783 -7.29 -1.57 -11.59
N TYR C 784 -6.77 -2.78 -11.78
CA TYR C 784 -7.49 -3.83 -12.49
C TYR C 784 -7.05 -5.18 -11.95
N ASP C 785 -7.58 -6.24 -12.53
CA ASP C 785 -7.33 -7.59 -12.06
C ASP C 785 -6.14 -8.20 -12.81
N VAL C 786 -5.45 -9.12 -12.15
CA VAL C 786 -4.34 -9.86 -12.74
C VAL C 786 -4.68 -11.35 -12.66
N TYR C 787 -5.15 -11.91 -13.76
CA TYR C 787 -5.46 -13.34 -13.80
C TYR C 787 -4.20 -14.14 -14.06
N LYS C 788 -4.05 -15.26 -13.35
CA LYS C 788 -2.91 -16.14 -13.55
C LYS C 788 -3.18 -17.07 -14.71
N ASP C 789 -2.32 -17.02 -15.74
CA ASP C 789 -2.44 -17.89 -16.92
C ASP C 789 -3.73 -17.60 -17.68
N LYS C 790 -4.04 -16.32 -17.84
CA LYS C 790 -5.24 -15.92 -18.59
C LYS C 790 -5.21 -16.41 -20.03
N ARG C 791 -4.02 -16.67 -20.58
CA ARG C 791 -3.95 -17.06 -21.99
C ARG C 791 -4.47 -18.49 -22.20
N PHE C 792 -4.38 -19.34 -21.18
CA PHE C 792 -4.78 -20.73 -21.30
C PHE C 792 -6.18 -20.99 -20.79
N SER C 793 -6.94 -19.94 -20.48
CA SER C 793 -8.32 -20.07 -20.04
C SER C 793 -9.33 -19.76 -21.12
N GLU C 794 -8.88 -19.62 -22.37
CA GLU C 794 -9.75 -19.30 -23.49
C GLU C 794 -9.22 -19.98 -24.74
N ASP C 795 -10.07 -20.04 -25.76
CA ASP C 795 -9.65 -20.55 -27.06
C ASP C 795 -8.84 -19.49 -27.80
N GLN C 796 -7.78 -19.93 -28.48
CA GLN C 796 -6.85 -19.02 -29.11
C GLN C 796 -6.42 -19.59 -30.46
N TYR C 797 -6.52 -18.77 -31.50
CA TYR C 797 -6.17 -19.19 -32.87
C TYR C 797 -4.73 -18.81 -33.12
N GLU C 798 -3.82 -19.73 -32.81
CA GLU C 798 -2.40 -19.49 -33.10
C GLU C 798 -2.17 -19.45 -34.61
N LEU C 799 -1.16 -18.70 -35.01
CA LEU C 799 -0.82 -18.53 -36.42
C LEU C 799 0.69 -18.60 -36.59
N HIS C 800 1.17 -19.58 -37.35
CA HIS C 800 2.60 -19.78 -37.56
C HIS C 800 2.96 -19.29 -38.96
N ILE C 801 3.83 -18.29 -39.03
CA ILE C 801 4.22 -17.66 -40.28
C ILE C 801 5.71 -17.89 -40.50
N PRO C 802 6.12 -18.61 -41.54
CA PRO C 802 7.56 -18.76 -41.82
C PRO C 802 8.13 -17.54 -42.49
N ILE C 803 9.40 -17.27 -42.19
CA ILE C 803 10.17 -16.21 -42.85
C ILE C 803 11.55 -16.76 -43.21
N ALA C 804 12.06 -16.32 -44.36
CA ALA C 804 13.39 -16.71 -44.84
C ALA C 804 14.29 -15.48 -44.86
N ILE C 805 15.24 -15.43 -43.95
CA ILE C 805 16.17 -14.29 -43.88
C ILE C 805 17.30 -14.52 -44.86
N ASN C 806 17.61 -13.50 -45.67
CA ASN C 806 18.70 -13.54 -46.64
C ASN C 806 18.49 -14.67 -47.64
N LYS C 807 17.38 -14.59 -48.37
CA LYS C 807 17.05 -15.62 -49.35
C LYS C 807 18.00 -15.59 -50.55
N CYS C 808 18.46 -14.39 -50.94
CA CYS C 808 19.36 -14.22 -52.08
C CYS C 808 20.65 -13.58 -51.59
N PRO C 809 21.50 -14.33 -50.90
CA PRO C 809 22.76 -13.75 -50.41
C PRO C 809 23.73 -13.46 -51.55
N LYS C 810 24.65 -12.55 -51.27
CA LYS C 810 25.67 -12.15 -52.23
C LYS C 810 27.08 -12.25 -51.68
N ASN C 811 27.27 -11.96 -50.39
CA ASN C 811 28.58 -12.04 -49.76
C ASN C 811 28.90 -13.48 -49.36
N ILE C 812 28.80 -14.41 -50.31
CA ILE C 812 29.01 -15.82 -50.02
C ILE C 812 30.50 -16.11 -49.98
N PHE C 813 30.94 -16.75 -48.90
CA PHE C 813 32.33 -17.18 -48.73
C PHE C 813 32.36 -18.13 -47.54
N LYS C 814 33.56 -18.54 -47.15
CA LYS C 814 33.76 -19.34 -45.94
C LYS C 814 33.95 -18.42 -44.75
N ILE C 815 33.20 -18.66 -43.68
CA ILE C 815 33.21 -17.77 -42.53
C ILE C 815 34.47 -18.00 -41.70
N ASN C 816 34.87 -19.26 -41.51
CA ASN C 816 36.01 -19.58 -40.67
C ASN C 816 37.29 -18.96 -41.21
N THR C 817 37.53 -19.10 -42.52
CA THR C 817 38.78 -18.61 -43.09
C THR C 817 38.82 -17.10 -43.13
N GLU C 818 37.65 -16.46 -43.30
CA GLU C 818 37.61 -15.00 -43.24
C GLU C 818 37.88 -14.52 -41.81
N VAL C 819 37.36 -15.25 -40.81
CA VAL C 819 37.67 -14.92 -39.42
C VAL C 819 39.16 -15.02 -39.18
N ARG C 820 39.80 -16.08 -39.69
CA ARG C 820 41.23 -16.26 -39.48
C ARG C 820 42.03 -15.16 -40.15
N VAL C 821 41.65 -14.79 -41.39
CA VAL C 821 42.35 -13.73 -42.10
C VAL C 821 42.20 -12.40 -41.37
N LEU C 822 40.99 -12.12 -40.85
CA LEU C 822 40.78 -10.84 -40.16
C LEU C 822 41.50 -10.81 -38.82
N LEU C 823 41.59 -11.96 -38.12
CA LEU C 823 42.33 -11.99 -36.87
C LEU C 823 43.83 -11.88 -37.11
N LYS C 824 44.33 -12.42 -38.22
CA LYS C 824 45.73 -12.23 -38.59
C LYS C 824 46.04 -10.77 -38.85
N HIS C 825 45.37 -10.17 -39.84
CA HIS C 825 45.64 -8.80 -40.27
C HIS C 825 45.28 -7.75 -39.22
N ASP C 826 44.73 -8.13 -38.07
CA ASP C 826 44.36 -7.16 -37.05
C ASP C 826 45.49 -7.00 -36.04
N ASP C 827 45.67 -5.77 -35.58
CA ASP C 827 46.79 -5.44 -34.70
C ASP C 827 46.44 -5.54 -33.22
N ASN C 828 45.15 -5.53 -32.87
CA ASN C 828 44.72 -5.58 -31.48
C ASN C 828 43.34 -6.19 -31.39
N PRO C 829 43.23 -7.51 -31.56
CA PRO C 829 41.91 -8.16 -31.51
C PRO C 829 41.52 -8.48 -30.07
N TYR C 830 40.29 -8.12 -29.70
CA TYR C 830 39.82 -8.42 -28.36
C TYR C 830 39.29 -9.85 -28.30
N VAL C 831 39.18 -10.37 -27.07
CA VAL C 831 38.70 -11.73 -26.85
C VAL C 831 37.90 -11.76 -25.56
N ILE C 832 36.69 -12.33 -25.62
CA ILE C 832 35.82 -12.45 -24.46
C ILE C 832 35.93 -13.90 -23.97
N GLY C 833 36.62 -14.10 -22.85
CA GLY C 833 36.70 -15.43 -22.26
C GLY C 833 35.59 -15.68 -21.26
N ILE C 834 34.85 -16.76 -21.48
CA ILE C 834 33.75 -17.18 -20.60
C ILE C 834 34.17 -18.46 -19.88
N ASP C 835 33.86 -18.52 -18.58
CA ASP C 835 34.21 -19.68 -17.78
C ASP C 835 33.12 -19.95 -16.75
N ARG C 836 32.87 -21.24 -16.50
CA ARG C 836 31.91 -21.68 -15.49
C ARG C 836 32.58 -21.70 -14.12
N GLY C 837 32.13 -20.83 -13.23
CA GLY C 837 32.68 -20.77 -11.89
C GLY C 837 31.88 -21.58 -10.88
N GLU C 838 32.42 -21.65 -9.66
CA GLU C 838 31.73 -22.31 -8.55
C GLU C 838 30.87 -21.37 -7.73
N ARG C 839 31.29 -20.11 -7.56
CA ARG C 839 30.47 -19.10 -6.90
C ARG C 839 29.73 -18.20 -7.87
N ASN C 840 30.04 -18.27 -9.16
CA ASN C 840 29.37 -17.48 -10.18
C ASN C 840 28.87 -18.40 -11.28
N LEU C 841 27.63 -18.18 -11.72
CA LEU C 841 27.08 -18.98 -12.81
C LEU C 841 27.95 -18.88 -14.06
N LEU C 842 28.11 -17.68 -14.58
CA LEU C 842 29.05 -17.41 -15.66
C LEU C 842 29.89 -16.20 -15.29
N TYR C 843 31.14 -16.18 -15.76
CA TYR C 843 32.07 -15.09 -15.47
C TYR C 843 32.71 -14.64 -16.77
N ILE C 844 32.72 -13.32 -17.01
CA ILE C 844 33.25 -12.74 -18.23
C ILE C 844 34.56 -12.05 -17.93
N VAL C 845 35.54 -12.22 -18.82
CA VAL C 845 36.79 -11.46 -18.79
C VAL C 845 37.10 -11.09 -20.24
N VAL C 846 37.07 -9.79 -20.54
CA VAL C 846 37.41 -9.29 -21.87
C VAL C 846 38.87 -8.86 -21.87
N VAL C 847 39.64 -9.41 -22.81
CA VAL C 847 41.08 -9.25 -22.86
C VAL C 847 41.47 -8.77 -24.25
N ASP C 848 42.28 -7.72 -24.32
CA ASP C 848 42.70 -7.16 -25.61
C ASP C 848 43.80 -8.04 -26.22
N GLY C 849 44.36 -7.60 -27.34
CA GLY C 849 45.27 -8.43 -28.11
C GLY C 849 46.63 -8.64 -27.51
N LYS C 850 46.85 -8.20 -26.27
CA LYS C 850 48.15 -8.33 -25.63
C LYS C 850 48.09 -8.97 -24.24
N GLY C 851 46.94 -9.50 -23.85
CA GLY C 851 46.79 -10.12 -22.55
C GLY C 851 46.38 -9.19 -21.43
N ASN C 852 46.05 -7.94 -21.72
CA ASN C 852 45.66 -6.99 -20.70
C ASN C 852 44.15 -7.03 -20.50
N ILE C 853 43.73 -7.25 -19.25
CA ILE C 853 42.30 -7.37 -18.96
C ILE C 853 41.64 -6.02 -19.23
N VAL C 854 40.72 -6.00 -20.19
CA VAL C 854 39.93 -4.79 -20.44
C VAL C 854 38.74 -4.72 -19.50
N GLU C 855 38.09 -5.87 -19.27
CA GLU C 855 36.96 -5.94 -18.34
C GLU C 855 36.96 -7.30 -17.68
N GLN C 856 36.35 -7.36 -16.50
CA GLN C 856 36.11 -8.63 -15.81
C GLN C 856 35.00 -8.42 -14.81
N TYR C 857 33.87 -9.12 -15.00
CA TYR C 857 32.75 -8.97 -14.09
C TYR C 857 31.90 -10.24 -14.13
N SER C 858 31.17 -10.44 -13.04
CA SER C 858 30.28 -11.60 -12.90
C SER C 858 29.00 -11.40 -13.69
N LEU C 859 28.51 -12.50 -14.27
CA LEU C 859 27.20 -12.54 -14.91
C LEU C 859 26.14 -13.07 -13.97
N ASN C 860 26.34 -12.86 -12.66
CA ASN C 860 25.34 -13.23 -11.67
C ASN C 860 24.03 -12.50 -11.91
N GLU C 861 24.10 -11.18 -12.13
CA GLU C 861 22.92 -10.35 -12.25
C GLU C 861 22.74 -9.85 -13.68
N ILE C 862 21.57 -10.07 -14.24
CA ILE C 862 21.22 -9.60 -15.58
C ILE C 862 20.61 -8.23 -15.41
N ILE C 863 21.04 -7.27 -16.22
CA ILE C 863 20.61 -5.88 -16.07
C ILE C 863 19.72 -5.53 -17.25
N ASN C 864 18.45 -5.26 -16.95
CA ASN C 864 17.47 -4.86 -17.96
C ASN C 864 17.42 -3.34 -17.97
N ASN C 865 17.68 -2.73 -19.13
CA ASN C 865 17.54 -1.30 -19.30
C ASN C 865 16.20 -0.97 -19.95
N PHE C 866 15.52 0.04 -19.42
CA PHE C 866 14.23 0.46 -19.96
C PHE C 866 13.89 1.84 -19.43
N ASN C 867 13.48 2.74 -20.34
CA ASN C 867 13.03 4.08 -20.01
C ASN C 867 14.12 4.90 -19.30
N GLY C 868 15.38 4.51 -19.44
CA GLY C 868 16.46 5.11 -18.69
C GLY C 868 16.68 4.49 -17.32
N ILE C 869 15.62 3.95 -16.72
CA ILE C 869 15.76 3.24 -15.44
C ILE C 869 16.52 1.93 -15.67
N ARG C 870 17.01 1.37 -14.58
CA ARG C 870 17.88 0.20 -14.63
C ARG C 870 17.69 -0.64 -13.37
N ILE C 871 17.22 -1.87 -13.54
CA ILE C 871 16.88 -2.75 -12.43
C ILE C 871 17.60 -4.07 -12.65
N LYS C 872 18.15 -4.63 -11.57
CA LYS C 872 18.96 -5.84 -11.65
C LYS C 872 18.25 -7.03 -11.00
N THR C 873 18.61 -8.22 -11.47
CA THR C 873 18.02 -9.47 -11.00
C THR C 873 19.13 -10.46 -10.72
N ASP C 874 19.19 -10.99 -9.50
CA ASP C 874 20.28 -11.86 -9.08
C ASP C 874 19.84 -13.31 -9.28
N TYR C 875 20.16 -13.87 -10.45
CA TYR C 875 19.75 -15.23 -10.77
C TYR C 875 20.45 -16.27 -9.91
N HIS C 876 21.62 -15.94 -9.34
CA HIS C 876 22.27 -16.86 -8.42
C HIS C 876 21.43 -17.04 -7.16
N SER C 877 20.82 -15.97 -6.67
CA SER C 877 19.97 -16.08 -5.49
C SER C 877 18.70 -16.84 -5.80
N LEU C 878 18.12 -16.62 -6.98
CA LEU C 878 16.95 -17.40 -7.39
C LEU C 878 17.29 -18.88 -7.48
N LEU C 879 18.45 -19.21 -8.05
CA LEU C 879 18.85 -20.61 -8.16
C LEU C 879 19.09 -21.22 -6.78
N ASP C 880 19.67 -20.45 -5.85
CA ASP C 880 19.86 -20.95 -4.49
C ASP C 880 18.52 -21.17 -3.80
N LYS C 881 17.56 -20.28 -4.03
CA LYS C 881 16.22 -20.47 -3.48
C LYS C 881 15.57 -21.73 -4.04
N LYS C 882 15.69 -21.95 -5.35
CA LYS C 882 15.11 -23.15 -5.95
C LYS C 882 15.77 -24.41 -5.41
N GLU C 883 17.09 -24.39 -5.22
CA GLU C 883 17.77 -25.56 -4.69
C GLU C 883 17.38 -25.82 -3.24
N LYS C 884 17.19 -24.75 -2.46
CA LYS C 884 16.70 -24.92 -1.09
C LYS C 884 15.30 -25.50 -1.08
N GLU C 885 14.43 -25.01 -1.95
CA GLU C 885 13.08 -25.58 -2.07
C GLU C 885 13.15 -27.06 -2.43
N ARG C 886 14.01 -27.41 -3.38
CA ARG C 886 14.20 -28.81 -3.75
C ARG C 886 14.67 -29.63 -2.55
N PHE C 887 15.52 -29.05 -1.70
CA PHE C 887 15.95 -29.75 -0.50
C PHE C 887 14.80 -29.95 0.49
N GLU C 888 13.81 -29.05 0.48
CA GLU C 888 12.69 -29.15 1.41
C GLU C 888 11.59 -30.07 0.91
N ALA C 889 11.43 -30.20 -0.41
CA ALA C 889 10.26 -30.88 -0.96
C ALA C 889 10.35 -32.38 -0.72
N ARG C 890 9.18 -33.02 -0.71
CA ARG C 890 9.12 -34.48 -0.58
C ARG C 890 9.78 -35.15 -1.77
N GLN C 891 9.30 -34.86 -2.98
CA GLN C 891 9.91 -35.33 -4.21
C GLN C 891 10.40 -34.16 -5.03
N ASN C 892 11.39 -34.42 -5.89
CA ASN C 892 12.05 -33.41 -6.69
C ASN C 892 12.02 -33.80 -8.17
N TRP C 893 10.85 -34.20 -8.65
CA TRP C 893 10.63 -34.30 -10.08
C TRP C 893 10.26 -32.95 -10.68
N THR C 894 9.42 -32.18 -9.98
CA THR C 894 9.01 -30.87 -10.47
C THR C 894 10.10 -29.82 -10.23
N SER C 895 10.80 -29.92 -9.09
CA SER C 895 11.87 -28.99 -8.79
C SER C 895 12.98 -29.04 -9.83
N ILE C 896 13.31 -30.24 -10.32
CA ILE C 896 14.39 -30.35 -11.29
C ILE C 896 13.99 -29.70 -12.61
N GLU C 897 12.72 -29.86 -13.02
CA GLU C 897 12.27 -29.23 -14.25
C GLU C 897 12.20 -27.71 -14.10
N ASN C 898 11.78 -27.24 -12.91
CA ASN C 898 11.78 -25.81 -12.66
C ASN C 898 13.20 -25.23 -12.71
N ILE C 899 14.16 -25.95 -12.14
CA ILE C 899 15.55 -25.49 -12.18
C ILE C 899 16.07 -25.49 -13.61
N LYS C 900 15.76 -26.53 -14.38
CA LYS C 900 16.20 -26.57 -15.78
C LYS C 900 15.64 -25.40 -16.58
N GLU C 901 14.34 -25.11 -16.40
CA GLU C 901 13.75 -24.02 -17.17
C GLU C 901 14.23 -22.66 -16.69
N LEU C 902 14.49 -22.51 -15.38
CA LEU C 902 15.11 -21.28 -14.90
C LEU C 902 16.49 -21.08 -15.50
N LYS C 903 17.27 -22.16 -15.57
CA LYS C 903 18.60 -22.07 -16.16
C LYS C 903 18.52 -21.76 -17.65
N ALA C 904 17.50 -22.30 -18.33
CA ALA C 904 17.32 -21.99 -19.74
C ALA C 904 17.00 -20.51 -19.93
N GLY C 905 16.12 -19.96 -19.08
CA GLY C 905 15.87 -18.52 -19.15
C GLY C 905 17.10 -17.70 -18.85
N TYR C 906 17.89 -18.12 -17.86
CA TYR C 906 19.13 -17.42 -17.54
C TYR C 906 20.07 -17.39 -18.73
N ILE C 907 20.27 -18.54 -19.37
CA ILE C 907 21.15 -18.55 -20.54
C ILE C 907 20.53 -17.79 -21.70
N SER C 908 19.19 -17.68 -21.74
CA SER C 908 18.57 -16.86 -22.77
C SER C 908 18.83 -15.38 -22.56
N GLN C 909 19.06 -14.98 -21.30
CA GLN C 909 19.51 -13.61 -21.03
C GLN C 909 21.00 -13.45 -21.31
N VAL C 910 21.78 -14.45 -20.92
CA VAL C 910 23.22 -14.40 -21.12
C VAL C 910 23.55 -14.35 -22.62
N VAL C 911 22.71 -14.96 -23.45
CA VAL C 911 22.91 -14.88 -24.90
C VAL C 911 22.95 -13.42 -25.35
N HIS C 912 21.96 -12.64 -24.90
CA HIS C 912 21.93 -11.22 -25.26
C HIS C 912 23.10 -10.47 -24.65
N LYS C 913 23.45 -10.81 -23.40
CA LYS C 913 24.61 -10.18 -22.76
C LYS C 913 25.87 -10.38 -23.61
N ILE C 914 26.12 -11.61 -24.03
CA ILE C 914 27.32 -11.91 -24.81
C ILE C 914 27.25 -11.27 -26.19
N CYS C 915 26.05 -11.21 -26.78
CA CYS C 915 25.94 -10.56 -28.10
C CYS C 915 26.23 -9.07 -28.01
N GLU C 916 25.69 -8.39 -26.99
CA GLU C 916 25.97 -6.97 -26.84
C GLU C 916 27.40 -6.71 -26.39
N LEU C 917 28.06 -7.72 -25.79
CA LEU C 917 29.49 -7.60 -25.55
C LEU C 917 30.28 -7.75 -26.84
N VAL C 918 29.82 -8.64 -27.73
CA VAL C 918 30.53 -8.89 -28.98
C VAL C 918 30.43 -7.68 -29.90
N GLU C 919 29.23 -7.10 -30.03
CA GLU C 919 29.06 -5.96 -30.92
C GLU C 919 29.47 -4.64 -30.27
N LYS C 920 30.25 -4.68 -29.19
CA LYS C 920 30.82 -3.48 -28.58
C LYS C 920 32.32 -3.36 -28.79
N TYR C 921 33.05 -4.47 -28.72
CA TYR C 921 34.49 -4.48 -28.91
C TYR C 921 34.92 -5.08 -30.26
N ASP C 922 33.97 -5.59 -31.05
CA ASP C 922 34.28 -6.46 -32.18
C ASP C 922 35.14 -7.64 -31.76
N ALA C 923 34.81 -8.19 -30.59
CA ALA C 923 35.64 -9.18 -29.90
C ALA C 923 35.40 -10.57 -30.48
N VAL C 924 36.07 -11.56 -29.90
CA VAL C 924 35.99 -12.95 -30.33
C VAL C 924 35.77 -13.80 -29.09
N ILE C 925 34.74 -14.65 -29.13
CA ILE C 925 34.28 -15.37 -27.95
C ILE C 925 35.21 -16.56 -27.69
N ALA C 926 35.26 -16.99 -26.42
CA ALA C 926 36.16 -18.06 -25.99
C ALA C 926 35.47 -19.01 -25.01
N LEU C 927 35.13 -20.22 -25.45
CA LEU C 927 34.29 -21.15 -24.70
C LEU C 927 35.05 -22.43 -24.42
N GLU C 928 34.68 -23.06 -23.30
CA GLU C 928 35.27 -24.34 -22.92
C GLU C 928 34.84 -25.43 -23.89
N ASP C 929 35.79 -26.25 -24.33
CA ASP C 929 35.49 -27.41 -25.16
C ASP C 929 34.90 -28.50 -24.28
N LEU C 930 33.59 -28.73 -24.40
CA LEU C 930 32.87 -29.60 -23.50
C LEU C 930 33.11 -31.08 -23.77
N ASN C 931 33.70 -31.41 -24.92
CA ASN C 931 33.95 -32.82 -25.24
C ASN C 931 34.99 -33.42 -24.30
N SER C 932 36.08 -32.68 -24.06
CA SER C 932 37.17 -33.16 -23.23
C SER C 932 37.30 -32.25 -22.02
N GLY C 933 37.16 -32.82 -20.83
CA GLY C 933 37.29 -32.07 -19.60
C GLY C 933 36.27 -32.47 -18.54
N PHE C 934 36.40 -31.88 -17.35
CA PHE C 934 35.49 -32.16 -16.25
C PHE C 934 35.40 -30.94 -15.35
N LYS C 935 34.26 -30.78 -14.70
CA LYS C 935 34.05 -29.72 -13.71
C LYS C 935 33.61 -30.36 -12.39
N ASN C 936 34.34 -30.06 -11.31
CA ASN C 936 34.32 -30.89 -10.12
C ASN C 936 33.06 -30.71 -9.28
N SER C 937 31.90 -30.85 -9.91
CA SER C 937 30.63 -31.11 -9.23
C SER C 937 30.16 -29.96 -8.35
N ARG C 938 30.99 -28.93 -8.18
CA ARG C 938 30.56 -27.70 -7.53
C ARG C 938 30.11 -26.62 -8.49
N VAL C 939 30.59 -26.66 -9.74
CA VAL C 939 30.10 -25.75 -10.77
C VAL C 939 28.59 -25.87 -10.88
N LYS C 940 27.90 -24.74 -10.77
CA LYS C 940 26.43 -24.73 -10.76
C LYS C 940 25.88 -25.15 -12.12
N VAL C 941 26.24 -24.39 -13.16
CA VAL C 941 25.78 -24.69 -14.52
C VAL C 941 26.46 -25.98 -14.98
N GLU C 942 25.68 -27.06 -15.08
CA GLU C 942 26.21 -28.36 -15.45
C GLU C 942 26.48 -28.42 -16.96
N LYS C 943 26.81 -29.61 -17.46
CA LYS C 943 27.25 -29.73 -18.85
C LYS C 943 26.07 -29.72 -19.83
N GLN C 944 24.93 -30.28 -19.43
CA GLN C 944 23.76 -30.29 -20.31
C GLN C 944 23.27 -28.87 -20.60
N VAL C 945 23.09 -28.07 -19.54
CA VAL C 945 22.58 -26.72 -19.74
C VAL C 945 23.66 -25.84 -20.37
N TYR C 946 24.94 -26.15 -20.14
CA TYR C 946 25.99 -25.40 -20.81
C TYR C 946 26.05 -25.76 -22.29
N GLN C 947 25.79 -27.03 -22.64
CA GLN C 947 25.66 -27.40 -24.03
C GLN C 947 24.48 -26.68 -24.68
N LYS C 948 23.36 -26.59 -23.96
CA LYS C 948 22.23 -25.82 -24.48
C LYS C 948 22.56 -24.35 -24.64
N PHE C 949 23.40 -23.81 -23.75
CA PHE C 949 23.83 -22.42 -23.85
C PHE C 949 24.69 -22.21 -25.09
N GLU C 950 25.64 -23.12 -25.35
CA GLU C 950 26.48 -22.99 -26.54
C GLU C 950 25.63 -23.14 -27.81
N LYS C 951 24.64 -24.03 -27.78
CA LYS C 951 23.74 -24.18 -28.92
C LYS C 951 22.93 -22.90 -29.14
N MET C 952 22.46 -22.30 -28.06
CA MET C 952 21.69 -21.06 -28.17
C MET C 952 22.56 -19.94 -28.70
N LEU C 953 23.85 -19.92 -28.33
CA LEU C 953 24.74 -18.89 -28.84
C LEU C 953 25.02 -19.08 -30.32
N ILE C 954 25.22 -20.33 -30.75
CA ILE C 954 25.36 -20.59 -32.19
C ILE C 954 24.10 -20.17 -32.93
N ASP C 955 22.93 -20.52 -32.41
CA ASP C 955 21.69 -20.24 -33.12
C ASP C 955 21.38 -18.74 -33.13
N LYS C 956 21.85 -18.01 -32.12
CA LYS C 956 21.69 -16.56 -32.12
C LYS C 956 22.70 -15.88 -33.03
N LEU C 957 23.96 -16.29 -32.97
CA LEU C 957 25.00 -15.65 -33.77
C LEU C 957 24.90 -15.96 -35.25
N ASN C 958 24.00 -16.88 -35.65
CA ASN C 958 23.72 -17.04 -37.07
C ASN C 958 23.13 -15.77 -37.66
N TYR C 959 22.38 -15.01 -36.87
CA TYR C 959 21.84 -13.71 -37.31
C TYR C 959 21.70 -12.85 -36.05
N MET C 960 22.74 -12.05 -35.78
CA MET C 960 22.77 -11.18 -34.59
C MET C 960 22.07 -9.86 -34.89
N VAL C 961 21.12 -9.50 -34.04
CA VAL C 961 20.31 -8.30 -34.22
C VAL C 961 20.34 -7.46 -32.95
N ASP C 962 20.45 -6.15 -33.13
CA ASP C 962 20.28 -5.17 -32.05
C ASP C 962 18.89 -4.56 -32.20
N LYS C 963 18.02 -4.85 -31.23
CA LYS C 963 16.63 -4.38 -31.32
C LYS C 963 16.56 -2.86 -31.29
N LYS C 964 17.41 -2.21 -30.49
CA LYS C 964 17.34 -0.76 -30.37
C LYS C 964 17.92 -0.05 -31.58
N SER C 965 18.81 -0.69 -32.33
CA SER C 965 19.47 -0.04 -33.44
C SER C 965 18.48 0.19 -34.59
N ASN C 966 18.82 1.16 -35.43
CA ASN C 966 18.03 1.40 -36.64
C ASN C 966 18.02 0.14 -37.51
N PRO C 967 16.86 -0.26 -38.03
CA PRO C 967 16.79 -1.53 -38.79
C PRO C 967 17.71 -1.57 -39.98
N CYS C 968 17.64 -0.57 -40.86
CA CYS C 968 18.43 -0.56 -42.10
C CYS C 968 19.91 -0.33 -41.84
N ALA C 969 20.30 -0.05 -40.60
CA ALA C 969 21.70 0.17 -40.27
C ALA C 969 22.41 -1.14 -39.97
N THR C 970 23.69 -1.20 -40.29
CA THR C 970 24.50 -2.39 -40.09
C THR C 970 24.43 -2.84 -38.64
N GLY C 971 23.93 -4.05 -38.42
CA GLY C 971 23.65 -4.57 -37.09
C GLY C 971 22.19 -4.59 -36.72
N GLY C 972 21.33 -3.93 -37.50
CA GLY C 972 19.91 -3.99 -37.27
C GLY C 972 19.27 -5.23 -37.88
N ALA C 973 17.95 -5.33 -37.69
CA ALA C 973 17.24 -6.55 -38.06
C ALA C 973 17.35 -6.84 -39.56
N LEU C 974 17.44 -5.80 -40.39
CA LEU C 974 17.51 -6.02 -41.83
C LEU C 974 18.90 -6.43 -42.29
N LYS C 975 19.94 -6.08 -41.53
CA LYS C 975 21.34 -6.28 -41.92
C LYS C 975 22.13 -6.87 -40.77
N GLY C 976 21.57 -7.91 -40.14
CA GLY C 976 22.23 -8.51 -39.01
C GLY C 976 23.50 -9.23 -39.37
N TYR C 977 24.38 -9.36 -38.38
CA TYR C 977 25.66 -10.03 -38.58
C TYR C 977 25.46 -11.54 -38.60
N GLN C 978 26.15 -12.21 -39.53
CA GLN C 978 26.16 -13.67 -39.60
C GLN C 978 27.60 -14.11 -39.34
N ILE C 979 27.94 -14.28 -38.06
CA ILE C 979 29.32 -14.55 -37.68
C ILE C 979 29.46 -15.95 -37.11
N THR C 980 28.61 -16.87 -37.54
CA THR C 980 28.70 -18.25 -37.09
C THR C 980 27.99 -19.14 -38.10
N ASN C 981 28.48 -20.37 -38.23
CA ASN C 981 27.82 -21.35 -39.09
C ASN C 981 26.64 -21.99 -38.36
N LYS C 982 25.77 -22.64 -39.13
CA LYS C 982 24.60 -23.26 -38.54
C LYS C 982 24.98 -24.44 -37.66
N PHE C 983 24.22 -24.62 -36.58
CA PHE C 983 24.50 -25.71 -35.64
C PHE C 983 24.29 -27.06 -36.32
N GLU C 984 25.19 -28.01 -36.03
CA GLU C 984 25.10 -29.35 -36.59
C GLU C 984 24.90 -30.42 -35.54
N SER C 985 25.76 -30.46 -34.52
CA SER C 985 25.69 -31.50 -33.50
C SER C 985 26.52 -31.09 -32.31
N PHE C 986 26.21 -31.69 -31.16
CA PHE C 986 26.95 -31.41 -29.93
C PHE C 986 28.38 -31.95 -29.95
N LYS C 987 28.73 -32.74 -30.95
CA LYS C 987 30.09 -33.26 -31.08
C LYS C 987 30.95 -32.47 -32.05
N SER C 988 30.34 -31.75 -33.00
CA SER C 988 31.08 -30.90 -33.91
C SER C 988 31.30 -29.50 -33.36
N MET C 989 30.82 -29.22 -32.15
CA MET C 989 31.13 -27.98 -31.44
C MET C 989 32.54 -28.09 -30.87
N SER C 990 33.53 -27.92 -31.75
CA SER C 990 34.91 -28.09 -31.31
C SER C 990 35.87 -27.36 -32.24
N THR C 991 36.80 -26.62 -31.64
CA THR C 991 37.99 -26.06 -32.25
C THR C 991 37.74 -24.86 -33.17
N GLN C 992 36.49 -24.65 -33.59
CA GLN C 992 36.05 -23.35 -34.14
C GLN C 992 34.59 -23.38 -34.56
N ASN C 993 33.96 -22.21 -34.54
CA ASN C 993 32.66 -22.03 -35.22
C ASN C 993 32.53 -20.53 -35.51
N GLY C 994 32.92 -20.13 -36.73
CA GLY C 994 32.89 -18.72 -37.08
C GLY C 994 33.67 -17.87 -36.09
N PHE C 995 32.96 -17.08 -35.31
CA PHE C 995 33.54 -16.21 -34.30
C PHE C 995 33.71 -16.93 -32.97
N ILE C 996 33.43 -18.22 -32.92
CA ILE C 996 33.45 -19.01 -31.69
C ILE C 996 34.60 -20.00 -31.75
N PHE C 997 35.48 -19.92 -30.77
CA PHE C 997 36.61 -20.83 -30.61
C PHE C 997 36.38 -21.71 -29.40
N TYR C 998 36.43 -23.03 -29.59
CA TYR C 998 36.25 -23.97 -28.50
C TYR C 998 37.61 -24.37 -27.93
N ILE C 999 37.76 -24.24 -26.62
CA ILE C 999 39.07 -24.34 -25.98
C ILE C 999 39.04 -25.37 -24.87
N PRO C 1000 40.01 -26.28 -24.80
CA PRO C 1000 40.08 -27.19 -23.63
C PRO C 1000 40.32 -26.41 -22.35
N ALA C 1001 39.69 -26.87 -21.27
CA ALA C 1001 39.76 -26.19 -19.98
C ALA C 1001 40.83 -26.77 -19.07
N TRP C 1002 41.88 -27.37 -19.63
CA TRP C 1002 42.95 -27.92 -18.83
C TRP C 1002 43.89 -26.82 -18.36
N LEU C 1003 44.20 -26.82 -17.06
CA LEU C 1003 45.15 -25.89 -16.46
C LEU C 1003 44.76 -24.44 -16.75
N THR C 1004 43.54 -24.09 -16.35
CA THR C 1004 43.04 -22.74 -16.49
C THR C 1004 42.72 -22.05 -15.18
N SER C 1005 42.29 -22.78 -14.15
CA SER C 1005 41.92 -22.15 -12.89
C SER C 1005 42.97 -22.30 -11.80
N LYS C 1006 43.70 -23.41 -11.76
CA LYS C 1006 44.77 -23.59 -10.78
C LYS C 1006 46.13 -23.23 -11.40
N ILE C 1007 46.22 -22.00 -11.90
CA ILE C 1007 47.44 -21.49 -12.51
C ILE C 1007 47.63 -20.03 -12.11
N ASP C 1008 48.84 -19.69 -11.69
CA ASP C 1008 49.17 -18.30 -11.35
C ASP C 1008 49.10 -17.44 -12.61
N PRO C 1009 48.26 -16.41 -12.66
CA PRO C 1009 48.12 -15.61 -13.89
C PRO C 1009 49.20 -14.54 -14.05
N SER C 1010 50.14 -14.44 -13.11
CA SER C 1010 51.23 -13.48 -13.23
C SER C 1010 52.59 -14.13 -13.44
N THR C 1011 52.73 -15.42 -13.16
CA THR C 1011 53.96 -16.15 -13.42
C THR C 1011 53.79 -17.39 -14.29
N GLY C 1012 52.56 -17.91 -14.42
CA GLY C 1012 52.33 -19.13 -15.16
C GLY C 1012 52.51 -20.40 -14.36
N PHE C 1013 52.85 -20.28 -13.07
CA PHE C 1013 53.08 -21.45 -12.23
C PHE C 1013 51.83 -22.33 -12.17
N VAL C 1014 52.06 -23.63 -12.06
CA VAL C 1014 50.98 -24.61 -11.92
C VAL C 1014 51.53 -25.81 -11.16
N ASN C 1015 50.75 -26.29 -10.20
CA ASN C 1015 51.21 -27.38 -9.33
C ASN C 1015 51.10 -28.68 -10.11
N LEU C 1016 52.20 -29.13 -10.68
CA LEU C 1016 52.26 -30.38 -11.42
C LEU C 1016 52.75 -31.54 -10.58
N LEU C 1017 53.01 -31.32 -9.29
CA LEU C 1017 53.50 -32.38 -8.42
C LEU C 1017 52.36 -33.33 -8.04
N LYS C 1018 52.74 -34.41 -7.36
CA LYS C 1018 51.80 -35.38 -6.78
C LYS C 1018 52.19 -35.50 -5.31
N THR C 1019 51.54 -34.69 -4.46
CA THR C 1019 51.93 -34.55 -3.07
C THR C 1019 51.03 -35.35 -2.13
N LYS C 1020 50.54 -36.51 -2.58
CA LYS C 1020 49.69 -37.35 -1.76
C LYS C 1020 50.53 -38.39 -1.03
N TYR C 1021 50.28 -38.54 0.27
CA TYR C 1021 51.04 -39.48 1.08
C TYR C 1021 50.64 -40.91 0.72
N THR C 1022 51.64 -41.75 0.48
CA THR C 1022 51.41 -43.17 0.23
C THR C 1022 52.20 -44.08 1.16
N SER C 1023 53.45 -43.73 1.47
CA SER C 1023 54.30 -44.56 2.32
C SER C 1023 55.50 -43.72 2.74
N ILE C 1024 56.35 -44.32 3.58
CA ILE C 1024 57.54 -43.63 4.06
C ILE C 1024 58.54 -43.44 2.93
N ALA C 1025 58.70 -44.46 2.07
CA ALA C 1025 59.71 -44.40 1.03
C ALA C 1025 59.37 -43.34 -0.02
N ASP C 1026 58.12 -43.28 -0.45
CA ASP C 1026 57.72 -42.31 -1.48
C ASP C 1026 57.90 -40.89 -0.96
N SER C 1027 57.49 -40.63 0.28
CA SER C 1027 57.64 -39.29 0.84
C SER C 1027 59.10 -38.94 1.07
N LYS C 1028 59.92 -39.93 1.45
CA LYS C 1028 61.35 -39.70 1.59
C LYS C 1028 61.98 -39.32 0.26
N LYS C 1029 61.62 -40.03 -0.81
CA LYS C 1029 62.14 -39.69 -2.13
C LYS C 1029 61.66 -38.32 -2.58
N PHE C 1030 60.39 -38.00 -2.31
CA PHE C 1030 59.86 -36.66 -2.57
C PHE C 1030 60.73 -35.60 -1.92
N ILE C 1031 60.87 -35.68 -0.59
CA ILE C 1031 61.64 -34.70 0.17
C ILE C 1031 63.08 -34.63 -0.31
N SER C 1032 63.65 -35.76 -0.72
CA SER C 1032 65.02 -35.81 -1.20
C SER C 1032 65.16 -35.39 -2.66
N SER C 1033 64.06 -35.07 -3.34
CA SER C 1033 64.10 -34.64 -4.73
C SER C 1033 64.18 -33.14 -4.89
N PHE C 1034 64.05 -32.37 -3.81
CA PHE C 1034 64.15 -30.92 -3.88
C PHE C 1034 65.62 -30.50 -3.96
N ASP C 1035 65.88 -29.46 -4.75
CA ASP C 1035 67.25 -28.95 -4.85
C ASP C 1035 67.72 -28.32 -3.54
N ARG C 1036 66.82 -27.67 -2.80
CA ARG C 1036 67.16 -27.10 -1.51
C ARG C 1036 65.88 -26.81 -0.74
N ILE C 1037 65.92 -27.02 0.58
CA ILE C 1037 64.82 -26.69 1.48
C ILE C 1037 65.41 -26.02 2.72
N MET C 1038 65.25 -24.69 2.82
CA MET C 1038 65.87 -23.95 3.91
C MET C 1038 64.87 -22.91 4.43
N TYR C 1039 65.21 -22.33 5.59
CA TYR C 1039 64.40 -21.29 6.23
C TYR C 1039 65.02 -19.93 5.95
N VAL C 1040 64.33 -19.11 5.18
CA VAL C 1040 64.77 -17.74 4.91
C VAL C 1040 64.35 -16.86 6.09
N PRO C 1041 65.31 -16.31 6.85
CA PRO C 1041 64.95 -15.59 8.08
C PRO C 1041 64.54 -14.14 7.84
N GLU C 1042 65.03 -13.53 6.76
CA GLU C 1042 64.67 -12.14 6.46
C GLU C 1042 63.16 -11.99 6.28
N GLU C 1043 62.59 -12.76 5.36
CA GLU C 1043 61.14 -12.74 5.13
C GLU C 1043 60.37 -13.57 6.15
N ASP C 1044 61.06 -14.35 6.97
CA ASP C 1044 60.44 -15.32 7.87
C ASP C 1044 59.54 -16.27 7.09
N LEU C 1045 60.14 -16.93 6.10
CA LEU C 1045 59.44 -17.85 5.22
C LEU C 1045 60.26 -19.13 5.09
N PHE C 1046 59.71 -20.09 4.34
CA PHE C 1046 60.40 -21.34 4.02
C PHE C 1046 60.46 -21.46 2.50
N GLU C 1047 61.68 -21.47 1.96
CA GLU C 1047 61.88 -21.64 0.52
C GLU C 1047 62.04 -23.12 0.19
N PHE C 1048 61.33 -23.56 -0.84
CA PHE C 1048 61.42 -24.93 -1.34
C PHE C 1048 61.89 -24.86 -2.79
N ALA C 1049 63.21 -24.78 -2.97
CA ALA C 1049 63.83 -24.70 -4.29
C ALA C 1049 63.80 -26.08 -4.91
N LEU C 1050 62.85 -26.30 -5.83
CA LEU C 1050 62.69 -27.55 -6.54
C LEU C 1050 63.27 -27.44 -7.96
N ASP C 1051 63.08 -28.51 -8.73
CA ASP C 1051 63.48 -28.53 -10.14
C ASP C 1051 62.63 -29.60 -10.80
N TYR C 1052 61.70 -29.17 -11.66
CA TYR C 1052 60.73 -30.07 -12.28
C TYR C 1052 61.36 -31.18 -13.11
N LYS C 1053 62.69 -31.14 -13.35
CA LYS C 1053 63.33 -32.24 -14.05
C LYS C 1053 63.36 -33.50 -13.19
N ASN C 1054 63.60 -33.35 -11.89
CA ASN C 1054 63.68 -34.48 -10.98
C ASN C 1054 62.34 -35.08 -10.61
N PHE C 1055 61.23 -34.56 -11.12
CA PHE C 1055 59.91 -35.06 -10.77
C PHE C 1055 59.23 -35.69 -11.98
N SER C 1056 58.41 -36.71 -11.71
CA SER C 1056 57.75 -37.46 -12.75
C SER C 1056 56.51 -36.73 -13.26
N ARG C 1057 56.24 -36.89 -14.56
CA ARG C 1057 55.04 -36.35 -15.21
C ARG C 1057 54.99 -34.82 -15.14
N THR C 1058 56.15 -34.18 -15.32
CA THR C 1058 56.26 -32.72 -15.32
C THR C 1058 56.94 -32.25 -16.60
N ASP C 1059 56.50 -32.77 -17.74
CA ASP C 1059 57.12 -32.42 -19.02
C ASP C 1059 56.51 -31.18 -19.66
N ALA C 1060 55.26 -30.84 -19.35
CA ALA C 1060 54.63 -29.69 -19.98
C ALA C 1060 55.32 -28.39 -19.59
N ASP C 1061 55.90 -28.34 -18.38
CA ASP C 1061 56.46 -27.10 -17.87
C ASP C 1061 57.59 -26.58 -18.77
N TYR C 1062 57.80 -25.27 -18.72
CA TYR C 1062 58.85 -24.63 -19.52
C TYR C 1062 59.94 -24.05 -18.65
N ILE C 1063 59.61 -23.17 -17.71
CA ILE C 1063 60.60 -22.70 -16.73
C ILE C 1063 60.69 -23.71 -15.60
N LYS C 1064 61.57 -24.70 -15.75
CA LYS C 1064 61.59 -25.86 -14.86
C LYS C 1064 62.08 -25.55 -13.46
N LYS C 1065 62.64 -24.37 -13.21
CA LYS C 1065 63.27 -24.06 -11.93
C LYS C 1065 62.44 -23.02 -11.18
N TRP C 1066 61.50 -23.49 -10.37
CA TRP C 1066 60.67 -22.64 -9.55
C TRP C 1066 61.19 -22.60 -8.11
N LYS C 1067 60.93 -21.49 -7.44
CA LYS C 1067 61.29 -21.30 -6.03
C LYS C 1067 60.06 -20.74 -5.31
N LEU C 1068 59.39 -21.59 -4.54
CA LEU C 1068 58.10 -21.25 -3.95
C LEU C 1068 58.19 -21.27 -2.43
N TYR C 1069 57.58 -20.28 -1.79
CA TYR C 1069 57.71 -20.02 -0.37
C TYR C 1069 56.44 -20.45 0.36
N SER C 1070 56.40 -20.17 1.66
CA SER C 1070 55.24 -20.46 2.51
C SER C 1070 54.40 -19.23 2.76
N TYR C 1071 54.29 -18.34 1.76
CA TYR C 1071 53.64 -17.05 1.98
C TYR C 1071 52.14 -17.22 2.11
N GLY C 1072 51.55 -16.47 3.03
CA GLY C 1072 50.10 -16.36 3.10
C GLY C 1072 49.47 -17.48 3.90
N ASN C 1073 48.13 -17.54 3.80
CA ASN C 1073 47.33 -18.52 4.49
C ASN C 1073 46.46 -19.29 3.49
N ARG C 1074 46.25 -20.57 3.79
CA ARG C 1074 45.47 -21.45 2.93
C ARG C 1074 44.35 -22.08 3.73
N ILE C 1075 43.24 -22.36 3.05
CA ILE C 1075 42.03 -22.89 3.66
C ILE C 1075 41.91 -24.36 3.26
N ARG C 1076 42.14 -25.25 4.22
CA ARG C 1076 42.12 -26.68 3.95
C ARG C 1076 40.72 -27.25 4.21
N ILE C 1077 40.53 -28.48 3.77
CA ILE C 1077 39.22 -29.13 3.86
C ILE C 1077 39.39 -30.55 4.40
N ASP C 1088 33.74 -28.26 7.59
CA ASP C 1088 34.92 -29.10 7.74
C ASP C 1088 36.18 -28.32 7.39
N TRP C 1089 36.01 -27.04 7.05
CA TRP C 1089 37.13 -26.22 6.62
C TRP C 1089 37.88 -25.65 7.83
N GLU C 1090 39.15 -25.34 7.62
CA GLU C 1090 39.98 -24.75 8.66
C GLU C 1090 41.05 -23.88 8.02
N GLU C 1091 41.15 -22.64 8.47
CA GLU C 1091 42.18 -21.74 7.98
C GLU C 1091 43.52 -22.08 8.63
N VAL C 1092 44.60 -21.97 7.85
CA VAL C 1092 45.93 -22.36 8.30
C VAL C 1092 46.93 -21.34 7.77
N CYS C 1093 47.67 -20.71 8.69
CA CYS C 1093 48.83 -19.91 8.29
C CYS C 1093 50.02 -20.84 8.09
N LEU C 1094 50.62 -20.77 6.90
CA LEU C 1094 51.50 -21.85 6.45
C LEU C 1094 52.81 -21.86 7.22
N THR C 1095 53.50 -20.71 7.30
CA THR C 1095 54.78 -20.67 7.99
C THR C 1095 54.66 -21.08 9.46
N SER C 1096 53.58 -20.65 10.12
CA SER C 1096 53.38 -21.04 11.51
C SER C 1096 53.12 -22.54 11.63
N ALA C 1097 52.39 -23.12 10.66
CA ALA C 1097 52.16 -24.56 10.68
C ALA C 1097 53.46 -25.33 10.49
N TYR C 1098 54.34 -24.82 9.62
CA TYR C 1098 55.64 -25.48 9.41
C TYR C 1098 56.49 -25.41 10.66
N LYS C 1099 56.56 -24.22 11.29
CA LYS C 1099 57.32 -24.09 12.52
C LYS C 1099 56.76 -25.00 13.61
N GLU C 1100 55.43 -25.06 13.73
CA GLU C 1100 54.79 -25.92 14.73
C GLU C 1100 55.16 -27.38 14.49
N LEU C 1101 55.01 -27.86 13.26
CA LEU C 1101 55.33 -29.25 12.96
C LEU C 1101 56.80 -29.55 13.25
N PHE C 1102 57.69 -28.68 12.78
CA PHE C 1102 59.12 -28.90 12.98
C PHE C 1102 59.48 -28.98 14.47
N ASN C 1103 59.02 -27.98 15.25
CA ASN C 1103 59.32 -27.97 16.68
C ASN C 1103 58.68 -29.16 17.40
N LYS C 1104 57.46 -29.54 17.01
CA LYS C 1104 56.77 -30.66 17.65
C LYS C 1104 57.46 -31.99 17.42
N TYR C 1105 58.24 -32.12 16.35
CA TYR C 1105 58.99 -33.34 16.10
C TYR C 1105 60.48 -33.18 16.30
N GLY C 1106 60.91 -32.09 16.94
CA GLY C 1106 62.31 -31.93 17.28
C GLY C 1106 63.21 -31.71 16.08
N ILE C 1107 63.09 -30.57 15.42
CA ILE C 1107 63.78 -30.31 14.17
C ILE C 1107 64.20 -28.85 14.15
N ASN C 1108 65.50 -28.60 14.03
CA ASN C 1108 66.02 -27.27 13.75
C ASN C 1108 65.82 -26.92 12.28
N TYR C 1109 65.63 -25.63 12.01
CA TYR C 1109 65.50 -25.18 10.64
C TYR C 1109 66.29 -23.92 10.31
N GLN C 1110 66.85 -23.21 11.29
CA GLN C 1110 67.69 -22.06 10.97
C GLN C 1110 69.02 -22.46 10.36
N GLN C 1111 69.34 -23.75 10.29
CA GLN C 1111 70.61 -24.19 9.74
C GLN C 1111 70.70 -23.88 8.25
N GLY C 1112 69.81 -24.46 7.46
CA GLY C 1112 69.86 -24.32 6.02
C GLY C 1112 70.01 -25.66 5.33
N ASP C 1113 69.27 -25.88 4.24
CA ASP C 1113 69.25 -27.15 3.53
C ASP C 1113 68.97 -28.31 4.49
N ILE C 1114 67.76 -28.29 5.03
CA ILE C 1114 67.35 -29.21 6.08
C ILE C 1114 66.72 -30.45 5.45
N ARG C 1115 66.99 -30.68 4.17
CA ARG C 1115 66.51 -31.89 3.49
C ARG C 1115 67.07 -33.14 4.16
N ALA C 1116 68.38 -33.17 4.40
CA ALA C 1116 68.99 -34.32 5.05
C ALA C 1116 68.55 -34.43 6.51
N LEU C 1117 68.41 -33.29 7.19
CA LEU C 1117 67.89 -33.26 8.55
C LEU C 1117 66.44 -33.72 8.63
N LEU C 1118 65.74 -33.82 7.52
CA LEU C 1118 64.30 -34.07 7.51
C LEU C 1118 63.92 -35.48 7.10
N CYS C 1119 64.73 -36.15 6.27
CA CYS C 1119 64.46 -37.53 5.87
C CYS C 1119 65.03 -38.55 6.84
N GLU C 1120 65.26 -38.16 8.10
CA GLU C 1120 65.71 -39.07 9.14
C GLU C 1120 64.61 -39.43 10.12
N GLN C 1121 63.44 -38.80 10.01
CA GLN C 1121 62.34 -39.07 10.93
C GLN C 1121 61.82 -40.49 10.76
N SER C 1122 61.74 -41.23 11.86
CA SER C 1122 61.28 -42.61 11.85
C SER C 1122 59.77 -42.73 12.02
N ASP C 1123 59.08 -41.65 12.32
CA ASP C 1123 57.66 -41.72 12.66
C ASP C 1123 56.80 -41.85 11.41
N LYS C 1124 55.73 -42.64 11.52
CA LYS C 1124 54.84 -42.85 10.39
C LYS C 1124 53.94 -41.66 10.12
N ALA C 1125 53.59 -40.89 11.16
CA ALA C 1125 52.66 -39.78 10.99
C ALA C 1125 53.34 -38.46 10.66
N PHE C 1126 54.64 -38.35 10.92
CA PHE C 1126 55.37 -37.15 10.55
C PHE C 1126 55.27 -36.88 9.06
N TYR C 1127 55.60 -37.89 8.24
CA TYR C 1127 55.54 -37.70 6.79
C TYR C 1127 54.11 -37.51 6.31
N SER C 1128 53.13 -38.11 6.98
CA SER C 1128 51.73 -37.88 6.62
C SER C 1128 51.36 -36.41 6.80
N SER C 1129 51.62 -35.86 7.99
CA SER C 1129 51.35 -34.44 8.22
C SER C 1129 52.15 -33.57 7.26
N PHE C 1130 53.40 -33.94 7.00
CA PHE C 1130 54.26 -33.11 6.16
C PHE C 1130 53.73 -33.05 4.74
N MET C 1131 53.43 -34.20 4.14
CA MET C 1131 52.87 -34.21 2.80
C MET C 1131 51.47 -33.59 2.78
N ALA C 1132 50.75 -33.63 3.90
CA ALA C 1132 49.44 -32.97 3.96
C ALA C 1132 49.58 -31.46 3.81
N LEU C 1133 50.43 -30.85 4.63
CA LEU C 1133 50.52 -29.39 4.51
C LEU C 1133 51.36 -28.97 3.32
N MET C 1134 52.21 -29.85 2.79
CA MET C 1134 52.85 -29.58 1.50
C MET C 1134 51.85 -29.65 0.36
N SER C 1135 50.80 -30.46 0.50
CA SER C 1135 49.73 -30.50 -0.50
C SER C 1135 48.84 -29.28 -0.40
N LEU C 1136 48.53 -28.84 0.81
CA LEU C 1136 47.69 -27.65 0.93
C LEU C 1136 48.47 -26.35 0.75
N MET C 1137 49.81 -26.41 0.76
CA MET C 1137 50.59 -25.23 0.40
C MET C 1137 50.47 -24.94 -1.10
N LEU C 1138 50.51 -25.99 -1.92
CA LEU C 1138 50.34 -25.86 -3.36
C LEU C 1138 48.88 -25.74 -3.77
N GLN C 1139 47.97 -25.62 -2.82
CA GLN C 1139 46.56 -25.40 -3.11
C GLN C 1139 46.35 -23.93 -3.41
N MET C 1140 46.04 -23.62 -4.66
CA MET C 1140 45.87 -22.23 -5.07
C MET C 1140 44.42 -21.75 -4.89
N ARG C 1141 43.46 -22.51 -5.37
CA ARG C 1141 42.05 -22.14 -5.25
C ARG C 1141 41.56 -22.54 -3.86
N ASN C 1142 41.39 -21.56 -2.98
CA ASN C 1142 40.87 -21.78 -1.64
C ASN C 1142 39.47 -21.19 -1.54
N SER C 1143 38.57 -21.92 -0.87
CA SER C 1143 37.19 -21.50 -0.76
C SER C 1143 36.55 -22.21 0.43
N ILE C 1144 35.86 -21.44 1.27
CA ILE C 1144 35.13 -22.01 2.40
C ILE C 1144 33.91 -22.76 1.88
N THR C 1145 33.74 -24.00 2.35
CA THR C 1145 32.68 -24.85 1.81
C THR C 1145 31.30 -24.24 2.07
N GLY C 1146 31.08 -23.71 3.26
CA GLY C 1146 29.75 -23.31 3.69
C GLY C 1146 29.26 -22.03 3.04
N ARG C 1147 29.42 -21.92 1.73
CA ARG C 1147 28.82 -20.91 0.86
C ARG C 1147 29.36 -19.50 1.12
N THR C 1148 30.22 -19.30 2.12
CA THR C 1148 30.78 -17.99 2.39
C THR C 1148 31.64 -17.53 1.22
N ASP C 1149 31.30 -16.38 0.65
CA ASP C 1149 31.91 -15.92 -0.61
C ASP C 1149 33.32 -15.42 -0.30
N VAL C 1150 34.22 -16.38 -0.11
CA VAL C 1150 35.66 -16.11 -0.03
C VAL C 1150 36.35 -17.11 -0.97
N ASP C 1151 36.60 -16.69 -2.20
CA ASP C 1151 37.13 -17.59 -3.22
C ASP C 1151 38.42 -17.05 -3.80
N PHE C 1152 39.34 -16.65 -2.92
CA PHE C 1152 40.58 -16.02 -3.35
C PHE C 1152 41.50 -17.05 -4.00
N LEU C 1153 42.64 -16.56 -4.50
CA LEU C 1153 43.53 -17.39 -5.33
C LEU C 1153 44.95 -16.87 -5.13
N ILE C 1154 45.71 -17.53 -4.25
CA ILE C 1154 47.05 -17.11 -3.92
C ILE C 1154 48.04 -18.04 -4.61
N SER C 1155 49.25 -17.56 -4.84
CA SER C 1155 50.27 -18.37 -5.48
C SER C 1155 51.53 -18.41 -4.63
N PRO C 1156 52.19 -19.57 -4.56
CA PRO C 1156 53.36 -19.70 -3.68
C PRO C 1156 54.67 -19.22 -4.30
N VAL C 1157 54.68 -18.86 -5.58
CA VAL C 1157 55.87 -18.33 -6.23
C VAL C 1157 55.77 -16.82 -6.35
N LYS C 1158 56.92 -16.17 -6.47
CA LYS C 1158 57.02 -14.73 -6.64
C LYS C 1158 57.46 -14.41 -8.06
N ASN C 1159 56.93 -13.32 -8.61
CA ASN C 1159 57.21 -12.94 -9.99
C ASN C 1159 58.59 -12.27 -10.06
N SER C 1160 58.90 -11.68 -11.21
CA SER C 1160 60.22 -11.07 -11.40
C SER C 1160 60.43 -9.93 -10.41
N ASP C 1161 59.40 -9.14 -10.15
CA ASP C 1161 59.52 -8.03 -9.21
C ASP C 1161 59.60 -8.49 -7.76
N GLY C 1162 59.24 -9.74 -7.47
CA GLY C 1162 59.37 -10.27 -6.13
C GLY C 1162 58.17 -10.00 -5.23
N ILE C 1163 56.97 -10.30 -5.71
CA ILE C 1163 55.76 -10.20 -4.90
C ILE C 1163 54.80 -11.30 -5.34
N PHE C 1164 54.29 -12.05 -4.37
CA PHE C 1164 53.37 -13.14 -4.67
C PHE C 1164 52.00 -12.60 -5.08
N TYR C 1165 51.43 -13.18 -6.13
CA TYR C 1165 50.10 -12.82 -6.56
C TYR C 1165 49.06 -13.23 -5.53
N ASP C 1166 48.23 -12.28 -5.11
CA ASP C 1166 47.13 -12.56 -4.18
C ASP C 1166 45.89 -11.86 -4.69
N SER C 1167 44.86 -12.64 -4.99
CA SER C 1167 43.64 -12.08 -5.59
C SER C 1167 42.95 -11.10 -4.65
N ARG C 1168 43.10 -11.29 -3.33
CA ARG C 1168 42.49 -10.38 -2.36
C ARG C 1168 43.02 -8.96 -2.50
N ASN C 1169 44.16 -8.77 -3.17
CA ASN C 1169 44.64 -7.43 -3.48
C ASN C 1169 44.00 -6.84 -4.72
N TYR C 1170 43.30 -7.66 -5.51
CA TYR C 1170 42.65 -7.18 -6.72
C TYR C 1170 41.13 -7.23 -6.67
N GLU C 1171 40.55 -7.95 -5.69
CA GLU C 1171 39.10 -7.95 -5.53
C GLU C 1171 38.58 -6.63 -4.98
N ALA C 1172 39.41 -5.88 -4.25
CA ALA C 1172 39.03 -4.58 -3.72
C ALA C 1172 39.45 -3.46 -4.68
N GLN C 1173 39.02 -3.59 -5.94
CA GLN C 1173 39.43 -2.66 -6.99
C GLN C 1173 38.44 -2.75 -8.14
N GLU C 1174 38.29 -1.64 -8.85
CA GLU C 1174 37.77 -1.64 -10.20
C GLU C 1174 38.87 -1.17 -11.16
N ASN C 1175 38.73 -1.56 -12.42
CA ASN C 1175 39.78 -1.40 -13.42
C ASN C 1175 41.05 -2.10 -12.94
N ALA C 1176 40.94 -3.42 -12.78
CA ALA C 1176 42.04 -4.26 -12.32
C ALA C 1176 42.70 -4.96 -13.50
N ILE C 1177 43.99 -5.23 -13.34
CA ILE C 1177 44.80 -5.81 -14.41
C ILE C 1177 44.92 -7.33 -14.32
N LEU C 1178 44.69 -7.92 -13.15
CA LEU C 1178 44.77 -9.36 -12.98
C LEU C 1178 43.46 -9.94 -12.48
N PRO C 1179 43.25 -11.25 -12.63
CA PRO C 1179 41.98 -11.85 -12.22
C PRO C 1179 41.69 -11.64 -10.74
N LYS C 1180 40.42 -11.42 -10.43
CA LYS C 1180 39.98 -11.15 -9.07
C LYS C 1180 39.80 -12.42 -8.24
N ASN C 1181 39.60 -13.56 -8.89
CA ASN C 1181 39.39 -14.82 -8.17
C ASN C 1181 39.71 -15.95 -9.15
N ALA C 1182 39.43 -17.19 -8.71
CA ALA C 1182 39.78 -18.36 -9.51
C ALA C 1182 39.00 -18.41 -10.81
N ASP C 1183 37.74 -17.98 -10.80
CA ASP C 1183 36.92 -18.06 -12.01
C ASP C 1183 37.33 -16.99 -13.01
N ALA C 1184 37.70 -15.80 -12.52
CA ALA C 1184 38.30 -14.80 -13.38
C ALA C 1184 39.60 -15.32 -13.98
N ASN C 1185 40.34 -16.12 -13.22
CA ASN C 1185 41.55 -16.73 -13.74
C ASN C 1185 41.23 -17.72 -14.85
N GLY C 1186 40.19 -18.53 -14.64
CA GLY C 1186 39.76 -19.46 -15.67
C GLY C 1186 39.40 -18.76 -16.96
N ALA C 1187 38.58 -17.70 -16.87
CA ALA C 1187 38.21 -16.95 -18.07
C ALA C 1187 39.41 -16.26 -18.70
N TYR C 1188 40.31 -15.72 -17.87
CA TYR C 1188 41.51 -15.06 -18.38
C TYR C 1188 42.36 -16.03 -19.16
N ASN C 1189 42.51 -17.26 -18.67
CA ASN C 1189 43.35 -18.24 -19.35
C ASN C 1189 42.67 -18.79 -20.59
N ILE C 1190 41.34 -18.97 -20.53
CA ILE C 1190 40.60 -19.40 -21.71
C ILE C 1190 40.67 -18.33 -22.79
N ALA C 1191 40.86 -17.07 -22.40
CA ALA C 1191 41.07 -16.01 -23.39
C ALA C 1191 42.51 -16.00 -23.88
N ARG C 1192 43.47 -16.25 -22.99
CA ARG C 1192 44.86 -16.24 -23.42
C ARG C 1192 45.18 -17.40 -24.36
N LYS C 1193 44.43 -18.50 -24.26
CA LYS C 1193 44.61 -19.59 -25.21
C LYS C 1193 44.20 -19.15 -26.62
N VAL C 1194 43.06 -18.45 -26.73
CA VAL C 1194 42.67 -17.92 -28.03
C VAL C 1194 43.65 -16.84 -28.49
N LEU C 1195 44.26 -16.12 -27.54
CA LEU C 1195 45.30 -15.16 -27.94
C LEU C 1195 46.51 -15.87 -28.52
N TRP C 1196 46.88 -17.01 -27.94
CA TRP C 1196 47.94 -17.84 -28.51
C TRP C 1196 47.57 -18.31 -29.90
N ALA C 1197 46.32 -18.74 -30.09
CA ALA C 1197 45.88 -19.18 -31.42
C ALA C 1197 45.94 -18.03 -32.42
N ILE C 1198 45.60 -16.82 -31.98
CA ILE C 1198 45.68 -15.65 -32.85
C ILE C 1198 47.14 -15.36 -33.22
N GLY C 1199 48.05 -15.48 -32.25
CA GLY C 1199 49.47 -15.35 -32.56
C GLY C 1199 49.94 -16.39 -33.55
N GLN C 1200 49.50 -17.63 -33.38
CA GLN C 1200 49.81 -18.68 -34.35
C GLN C 1200 49.32 -18.31 -35.74
N PHE C 1201 48.10 -17.76 -35.82
CA PHE C 1201 47.60 -17.25 -37.10
C PHE C 1201 48.51 -16.17 -37.66
N LYS C 1202 49.00 -15.29 -36.80
CA LYS C 1202 49.90 -14.22 -37.25
C LYS C 1202 51.23 -14.77 -37.76
N LYS C 1203 51.64 -15.95 -37.28
CA LYS C 1203 52.89 -16.54 -37.72
C LYS C 1203 52.80 -17.13 -39.12
N ALA C 1204 51.63 -17.65 -39.49
CA ALA C 1204 51.47 -18.34 -40.76
C ALA C 1204 51.10 -17.37 -41.87
N GLU C 1205 51.09 -17.89 -43.09
CA GLU C 1205 50.77 -17.09 -44.27
C GLU C 1205 49.28 -17.14 -44.57
N ASP C 1206 48.86 -16.36 -45.57
CA ASP C 1206 47.45 -16.19 -45.90
C ASP C 1206 46.89 -17.33 -46.74
N GLU C 1207 47.57 -18.47 -46.82
CA GLU C 1207 47.01 -19.64 -47.49
C GLU C 1207 47.13 -20.88 -46.62
N LYS C 1208 48.12 -20.88 -45.72
CA LYS C 1208 48.27 -21.94 -44.72
C LYS C 1208 47.46 -21.66 -43.46
N LEU C 1209 46.66 -20.60 -43.44
CA LEU C 1209 45.85 -20.29 -42.27
C LEU C 1209 44.81 -21.37 -42.00
N ASP C 1210 44.27 -21.98 -43.06
CA ASP C 1210 43.20 -22.95 -42.89
C ASP C 1210 43.68 -24.23 -42.22
N LYS C 1211 44.99 -24.51 -42.26
CA LYS C 1211 45.52 -25.74 -41.70
C LYS C 1211 46.12 -25.58 -40.31
N VAL C 1212 46.28 -24.33 -39.85
CA VAL C 1212 46.91 -24.07 -38.55
C VAL C 1212 46.11 -24.74 -37.46
N LYS C 1213 46.74 -25.68 -36.75
CA LYS C 1213 46.07 -26.33 -35.63
C LYS C 1213 46.13 -25.42 -34.40
N ILE C 1214 45.01 -25.37 -33.67
CA ILE C 1214 44.90 -24.46 -32.54
C ILE C 1214 44.48 -25.21 -31.28
N ALA C 1215 44.45 -26.54 -31.36
CA ALA C 1215 44.23 -27.32 -30.15
C ALA C 1215 45.48 -27.25 -29.29
N ILE C 1216 45.57 -26.19 -28.48
CA ILE C 1216 46.79 -25.90 -27.72
C ILE C 1216 47.10 -27.02 -26.75
N SER C 1217 48.32 -27.54 -26.82
CA SER C 1217 48.74 -28.63 -25.96
C SER C 1217 49.29 -28.08 -24.64
N ASN C 1218 49.36 -28.96 -23.64
CA ASN C 1218 49.78 -28.54 -22.31
C ASN C 1218 51.18 -27.94 -22.33
N LYS C 1219 52.09 -28.53 -23.11
CA LYS C 1219 53.44 -27.98 -23.25
C LYS C 1219 53.40 -26.55 -23.79
N GLU C 1220 52.72 -26.36 -24.92
CA GLU C 1220 52.64 -25.03 -25.52
C GLU C 1220 51.89 -24.06 -24.62
N TRP C 1221 50.85 -24.54 -23.93
CA TRP C 1221 50.08 -23.64 -23.07
C TRP C 1221 50.91 -23.14 -21.90
N LEU C 1222 51.64 -24.05 -21.25
CA LEU C 1222 52.48 -23.62 -20.13
C LEU C 1222 53.64 -22.76 -20.61
N GLU C 1223 54.19 -23.07 -21.79
CA GLU C 1223 55.22 -22.21 -22.37
C GLU C 1223 54.70 -20.79 -22.59
N TYR C 1224 53.49 -20.68 -23.14
CA TYR C 1224 52.91 -19.36 -23.39
C TYR C 1224 52.65 -18.63 -22.07
N ALA C 1225 51.99 -19.31 -21.12
CA ALA C 1225 51.65 -18.69 -19.85
C ALA C 1225 52.87 -18.32 -19.02
N GLN C 1226 54.02 -18.95 -19.24
CA GLN C 1226 55.20 -18.67 -18.45
C GLN C 1226 56.21 -17.75 -19.15
N THR C 1227 56.07 -17.51 -20.45
CA THR C 1227 56.90 -16.51 -21.12
C THR C 1227 56.17 -15.23 -21.49
N SER C 1228 54.83 -15.25 -21.57
CA SER C 1228 54.09 -14.04 -21.92
C SER C 1228 54.38 -12.90 -20.96
N VAL C 1229 54.73 -13.21 -19.71
CA VAL C 1229 54.98 -12.19 -18.71
C VAL C 1229 56.35 -11.57 -18.90
N MET D 4 14.20 52.94 6.39
CA MET D 4 13.20 53.92 6.79
C MET D 4 11.82 53.27 6.77
N SER D 5 11.77 51.98 7.15
CA SER D 5 10.52 51.26 7.17
C SER D 5 9.67 51.68 8.38
N LYS D 6 8.37 51.39 8.28
CA LYS D 6 7.42 51.82 9.31
C LYS D 6 7.56 50.95 10.56
N LEU D 7 7.58 49.62 10.38
CA LEU D 7 7.54 48.69 11.50
C LEU D 7 8.77 48.81 12.41
N GLU D 8 9.94 49.14 11.85
CA GLU D 8 11.18 49.11 12.64
C GLU D 8 11.15 50.02 13.85
N LYS D 9 10.16 50.90 13.99
CA LYS D 9 10.09 51.80 15.13
C LYS D 9 9.16 51.32 16.24
N PHE D 10 8.47 50.20 16.03
CA PHE D 10 7.44 49.75 16.97
C PHE D 10 7.86 48.49 17.73
N THR D 11 9.15 48.40 18.07
CA THR D 11 9.65 47.36 18.94
C THR D 11 9.90 47.93 20.34
N ASN D 12 9.84 47.06 21.34
CA ASN D 12 10.18 47.42 22.72
C ASN D 12 9.26 48.51 23.25
N CYS D 13 8.00 48.50 22.83
CA CYS D 13 7.08 49.57 23.19
C CYS D 13 6.58 49.43 24.62
N TYR D 14 5.87 48.35 24.92
CA TYR D 14 5.29 48.14 26.24
C TYR D 14 5.54 46.72 26.69
N SER D 15 5.08 46.39 27.88
CA SER D 15 5.33 45.10 28.50
C SER D 15 4.19 44.13 28.24
N LEU D 16 4.48 42.84 28.43
CA LEU D 16 3.59 41.75 28.07
C LEU D 16 3.94 40.55 28.93
N SER D 17 2.97 39.66 29.10
CA SER D 17 3.18 38.49 29.94
C SER D 17 2.52 37.27 29.32
N LYS D 18 3.21 36.13 29.41
CA LYS D 18 2.71 34.85 28.92
C LYS D 18 3.09 33.76 29.91
N THR D 19 2.43 32.61 29.79
CA THR D 19 2.80 31.42 30.54
C THR D 19 3.07 30.28 29.57
N LEU D 20 4.32 29.83 29.51
CA LEU D 20 4.68 28.66 28.73
C LEU D 20 4.32 27.41 29.54
N ARG D 21 3.43 26.57 28.99
CA ARG D 21 3.08 25.30 29.62
C ARG D 21 3.95 24.18 29.03
N PHE D 22 4.51 23.35 29.92
CA PHE D 22 5.29 22.21 29.48
C PHE D 22 4.81 20.92 30.13
N LYS D 23 5.58 19.84 29.96
CA LYS D 23 5.33 18.56 30.61
C LYS D 23 6.61 18.10 31.28
N ALA D 24 6.52 17.80 32.58
CA ALA D 24 7.68 17.34 33.33
C ALA D 24 7.73 15.81 33.33
N ILE D 25 8.91 15.27 33.03
CA ILE D 25 9.14 13.83 32.97
C ILE D 25 10.04 13.45 34.13
N PRO D 26 9.61 12.60 35.06
CA PRO D 26 10.48 12.19 36.16
C PRO D 26 11.73 11.48 35.66
N VAL D 27 12.87 11.85 36.22
CA VAL D 27 14.18 11.40 35.74
C VAL D 27 14.77 10.45 36.78
N GLY D 28 15.28 9.32 36.32
CA GLY D 28 15.92 8.38 37.23
C GLY D 28 14.88 7.59 38.01
N LYS D 29 15.01 7.60 39.33
CA LYS D 29 14.05 6.98 40.22
C LYS D 29 13.24 8.02 40.99
N THR D 30 12.95 9.15 40.35
CA THR D 30 12.16 10.20 40.98
C THR D 30 10.72 9.76 41.21
N GLN D 31 10.15 8.98 40.29
CA GLN D 31 8.74 8.62 40.41
C GLN D 31 8.51 7.62 41.54
N GLU D 32 9.41 6.65 41.74
CA GLU D 32 9.23 5.76 42.88
C GLU D 32 9.69 6.40 44.18
N ASN D 33 10.60 7.38 44.12
CA ASN D 33 10.90 8.18 45.30
C ASN D 33 9.76 9.11 45.66
N ILE D 34 8.89 9.41 44.71
CA ILE D 34 7.69 10.20 44.99
C ILE D 34 6.58 9.31 45.53
N ASP D 35 6.43 8.11 44.94
CA ASP D 35 5.42 7.16 45.37
C ASP D 35 5.75 6.53 46.72
N ASN D 36 7.01 6.54 47.13
CA ASN D 36 7.41 6.04 48.44
C ASN D 36 7.36 7.10 49.53
N LYS D 37 7.01 8.35 49.17
CA LYS D 37 6.66 9.37 50.15
C LYS D 37 5.22 9.83 50.03
N ARG D 38 4.46 9.30 49.08
CA ARG D 38 3.05 9.62 48.89
C ARG D 38 2.82 11.12 48.79
N LEU D 39 3.61 11.77 47.94
CA LEU D 39 3.50 13.20 47.70
C LEU D 39 2.41 13.54 46.68
N LEU D 40 1.60 12.56 46.28
CA LEU D 40 0.52 12.77 45.33
C LEU D 40 -0.84 12.36 45.88
N VAL D 41 -0.95 12.09 47.18
CA VAL D 41 -2.23 11.85 47.80
C VAL D 41 -2.63 12.98 48.76
N GLU D 42 -1.67 13.59 49.46
CA GLU D 42 -1.98 14.82 50.21
C GLU D 42 -2.55 15.89 49.30
N ASP D 43 -1.98 16.04 48.09
CA ASP D 43 -2.41 17.12 47.22
C ASP D 43 -3.72 16.80 46.51
N GLU D 44 -3.95 15.54 46.15
CA GLU D 44 -5.25 15.18 45.62
C GLU D 44 -6.35 15.32 46.69
N LYS D 45 -6.05 14.94 47.93
CA LYS D 45 -7.00 15.15 49.03
C LYS D 45 -7.29 16.62 49.22
N ARG D 46 -6.25 17.47 49.13
CA ARG D 46 -6.47 18.91 49.27
C ARG D 46 -7.29 19.46 48.10
N ALA D 47 -7.07 18.93 46.89
CA ALA D 47 -7.86 19.36 45.75
C ALA D 47 -9.30 18.90 45.86
N GLU D 48 -9.55 17.80 46.58
CA GLU D 48 -10.91 17.35 46.81
C GLU D 48 -11.56 18.03 48.00
N ASP D 49 -10.76 18.49 48.97
CA ASP D 49 -11.27 19.25 50.10
C ASP D 49 -11.41 20.74 49.79
N TYR D 50 -10.86 21.19 48.67
CA TYR D 50 -11.06 22.57 48.23
C TYR D 50 -12.54 22.92 48.13
N LYS D 51 -13.35 22.01 47.56
CA LYS D 51 -14.78 22.28 47.42
C LYS D 51 -15.46 22.30 48.77
N GLY D 52 -15.06 21.42 49.69
CA GLY D 52 -15.62 21.43 51.03
C GLY D 52 -15.35 22.74 51.74
N VAL D 53 -14.10 23.20 51.72
CA VAL D 53 -13.77 24.45 52.38
C VAL D 53 -14.41 25.61 51.65
N LYS D 54 -14.64 25.47 50.34
CA LYS D 54 -15.39 26.49 49.61
C LYS D 54 -16.81 26.60 50.12
N LYS D 55 -17.48 25.46 50.33
CA LYS D 55 -18.85 25.48 50.86
C LYS D 55 -18.87 26.03 52.28
N LEU D 56 -17.86 25.69 53.09
CA LEU D 56 -17.81 26.22 54.45
C LEU D 56 -17.61 27.72 54.46
N LEU D 57 -16.73 28.23 53.59
CA LEU D 57 -16.54 29.67 53.48
C LEU D 57 -17.80 30.35 52.97
N ASP D 58 -18.54 29.68 52.06
CA ASP D 58 -19.82 30.23 51.62
C ASP D 58 -20.81 30.31 52.77
N ARG D 59 -20.85 29.29 53.62
CA ARG D 59 -21.75 29.30 54.76
C ARG D 59 -21.38 30.40 55.75
N TYR D 60 -20.08 30.58 56.00
CA TYR D 60 -19.66 31.66 56.89
C TYR D 60 -19.95 33.02 56.27
N TYR D 61 -19.78 33.16 54.95
CA TYR D 61 -20.14 34.39 54.28
C TYR D 61 -21.62 34.68 54.43
N LEU D 62 -22.46 33.64 54.31
CA LEU D 62 -23.90 33.83 54.48
C LEU D 62 -24.23 34.26 55.90
N SER D 63 -23.56 33.67 56.90
CA SER D 63 -23.76 34.10 58.27
C SER D 63 -23.36 35.56 58.46
N PHE D 64 -22.21 35.95 57.92
CA PHE D 64 -21.77 37.34 58.03
C PHE D 64 -22.72 38.29 57.32
N ILE D 65 -23.26 37.86 56.18
CA ILE D 65 -24.20 38.69 55.43
C ILE D 65 -25.47 38.89 56.22
N ASN D 66 -26.05 37.80 56.75
CA ASN D 66 -27.26 37.94 57.55
C ASN D 66 -27.00 38.62 58.88
N ASP D 67 -25.75 38.69 59.32
CA ASP D 67 -25.40 39.48 60.51
C ASP D 67 -25.39 40.97 60.17
N VAL D 68 -24.66 41.36 59.12
CA VAL D 68 -24.54 42.77 58.80
C VAL D 68 -25.86 43.32 58.26
N LEU D 69 -26.68 42.46 57.67
CA LEU D 69 -27.98 42.85 57.14
C LEU D 69 -29.05 42.86 58.23
N HIS D 70 -28.66 42.65 59.48
CA HIS D 70 -29.55 42.88 60.61
C HIS D 70 -29.36 44.29 61.17
N SER D 71 -28.10 44.70 61.33
CA SER D 71 -27.75 46.04 61.83
C SER D 71 -27.72 47.06 60.71
N ILE D 72 -28.78 47.16 59.92
CA ILE D 72 -28.84 48.12 58.83
C ILE D 72 -30.25 48.69 58.72
N LYS D 73 -30.35 50.02 58.68
CA LYS D 73 -31.62 50.71 58.47
C LYS D 73 -31.35 51.92 57.60
N LEU D 74 -32.01 51.97 56.43
CA LEU D 74 -31.77 53.03 55.46
C LEU D 74 -32.61 54.26 55.77
N LYS D 75 -32.11 55.42 55.36
CA LYS D 75 -32.81 56.69 55.50
C LYS D 75 -33.34 57.21 54.17
N ASN D 76 -33.07 56.52 53.06
CA ASN D 76 -33.46 56.96 51.74
C ASN D 76 -34.57 56.14 51.12
N LEU D 77 -35.12 55.16 51.84
CA LEU D 77 -36.09 54.25 51.24
C LEU D 77 -37.46 54.90 51.12
N ASN D 78 -37.86 55.70 52.11
CA ASN D 78 -39.16 56.37 52.04
C ASN D 78 -39.19 57.37 50.88
N ASN D 79 -38.06 58.02 50.60
CA ASN D 79 -37.98 58.89 49.44
C ASN D 79 -38.13 58.09 48.15
N TYR D 80 -37.53 56.90 48.09
CA TYR D 80 -37.68 56.06 46.90
C TYR D 80 -39.16 55.72 46.66
N ILE D 81 -39.86 55.24 47.69
CA ILE D 81 -41.26 54.86 47.50
C ILE D 81 -42.12 56.08 47.18
N SER D 82 -41.81 57.24 47.75
CA SER D 82 -42.63 58.41 47.52
C SER D 82 -42.46 58.95 46.10
N LEU D 83 -41.28 58.80 45.51
CA LEU D 83 -40.99 59.34 44.19
C LEU D 83 -41.10 58.33 43.07
N PHE D 84 -41.33 57.05 43.38
CA PHE D 84 -41.43 56.03 42.33
C PHE D 84 -42.86 55.73 41.91
N ARG D 85 -43.82 55.82 42.82
CA ARG D 85 -45.21 55.57 42.48
C ARG D 85 -46.03 56.85 42.57
N ASN D 94 -36.82 61.03 35.64
CA ASN D 94 -35.97 60.08 34.94
C ASN D 94 -34.52 60.21 35.35
N LYS D 95 -34.21 61.29 36.08
CA LYS D 95 -32.87 61.49 36.62
C LYS D 95 -32.84 61.88 38.08
N GLU D 96 -33.95 62.28 38.69
CA GLU D 96 -33.95 62.53 40.13
C GLU D 96 -34.09 61.26 40.96
N LEU D 97 -34.15 60.08 40.33
CA LEU D 97 -34.32 58.84 41.06
C LEU D 97 -33.09 57.95 41.02
N GLU D 98 -32.28 58.04 39.95
CA GLU D 98 -31.14 57.14 39.81
C GLU D 98 -30.02 57.55 40.76
N ASN D 99 -29.81 58.85 40.96
CA ASN D 99 -28.90 59.30 42.00
C ASN D 99 -29.30 58.76 43.36
N LEU D 100 -30.60 58.78 43.65
CA LEU D 100 -31.08 58.32 44.94
C LEU D 100 -30.88 56.81 45.11
N GLU D 101 -31.10 56.05 44.03
CA GLU D 101 -30.93 54.61 44.15
C GLU D 101 -29.46 54.21 44.23
N ILE D 102 -28.58 54.95 43.55
CA ILE D 102 -27.15 54.70 43.75
C ILE D 102 -26.69 55.15 45.13
N ASN D 103 -27.32 56.19 45.70
CA ASN D 103 -27.08 56.53 47.09
C ASN D 103 -27.49 55.39 48.02
N LEU D 104 -28.61 54.73 47.70
CA LEU D 104 -29.06 53.60 48.50
C LEU D 104 -28.07 52.44 48.42
N ARG D 105 -27.65 52.09 47.21
CA ARG D 105 -26.68 51.03 47.06
C ARG D 105 -25.34 51.36 47.70
N LYS D 106 -24.91 52.63 47.64
CA LYS D 106 -23.70 53.04 48.34
C LYS D 106 -23.87 52.94 49.85
N GLU D 107 -25.07 53.24 50.36
CA GLU D 107 -25.32 53.10 51.79
C GLU D 107 -25.23 51.64 52.22
N ILE D 108 -25.83 50.75 51.43
CA ILE D 108 -25.75 49.32 51.70
C ILE D 108 -24.29 48.86 51.69
N ALA D 109 -23.56 49.19 50.62
CA ALA D 109 -22.17 48.76 50.51
C ALA D 109 -21.31 49.32 51.64
N LYS D 110 -21.62 50.53 52.12
CA LYS D 110 -20.89 51.09 53.24
C LYS D 110 -21.24 50.39 54.55
N ALA D 111 -22.51 49.97 54.69
CA ALA D 111 -22.88 49.17 55.83
C ALA D 111 -22.14 47.84 55.84
N PHE D 112 -21.91 47.27 54.64
CA PHE D 112 -21.16 46.03 54.55
C PHE D 112 -19.70 46.27 54.92
N LYS D 113 -19.02 47.12 54.16
CA LYS D 113 -17.60 47.44 54.32
C LYS D 113 -17.30 48.26 55.57
N GLY D 114 -18.30 48.52 56.42
CA GLY D 114 -18.10 49.34 57.60
C GLY D 114 -18.07 48.54 58.89
N ASN D 115 -18.25 47.23 58.78
CA ASN D 115 -18.25 46.39 59.97
C ASN D 115 -16.83 46.21 60.49
N GLU D 116 -16.71 45.88 61.77
CA GLU D 116 -15.42 45.68 62.41
C GLU D 116 -14.80 44.32 62.09
N GLY D 117 -15.39 43.54 61.19
CA GLY D 117 -14.85 42.24 60.86
C GLY D 117 -14.65 42.02 59.38
N TYR D 118 -15.00 43.00 58.56
CA TYR D 118 -14.89 42.86 57.12
C TYR D 118 -13.44 42.74 56.66
N LYS D 119 -12.49 43.21 57.48
CA LYS D 119 -11.08 43.13 57.12
C LYS D 119 -10.61 41.68 56.98
N SER D 120 -11.11 40.79 57.83
CA SER D 120 -10.65 39.41 57.86
C SER D 120 -11.22 38.56 56.73
N LEU D 121 -12.27 39.03 56.06
CA LEU D 121 -13.07 38.17 55.19
C LEU D 121 -12.28 37.62 54.00
N PHE D 122 -11.21 38.28 53.59
CA PHE D 122 -10.48 37.86 52.39
C PHE D 122 -8.98 37.87 52.63
N LYS D 123 -8.55 37.44 53.81
CA LYS D 123 -7.14 37.29 54.12
C LYS D 123 -6.93 36.02 54.93
N LYS D 124 -5.68 35.80 55.34
CA LYS D 124 -5.30 34.58 56.04
C LYS D 124 -6.05 34.37 57.36
N ASP D 125 -6.63 35.44 57.92
CA ASP D 125 -7.28 35.32 59.22
C ASP D 125 -8.55 34.48 59.16
N ILE D 126 -9.25 34.48 58.02
CA ILE D 126 -10.51 33.76 57.91
C ILE D 126 -10.32 32.26 57.79
N ILE D 127 -9.10 31.79 57.53
CA ILE D 127 -8.83 30.35 57.51
C ILE D 127 -8.10 29.97 58.79
N GLU D 128 -7.34 30.92 59.34
CA GLU D 128 -6.48 30.62 60.48
C GLU D 128 -7.24 30.64 61.80
N THR D 129 -8.08 31.65 62.01
CA THR D 129 -8.74 31.86 63.30
C THR D 129 -10.26 31.79 63.21
N ILE D 130 -10.88 32.50 62.27
CA ILE D 130 -12.33 32.69 62.29
C ILE D 130 -13.05 31.38 61.99
N LEU D 131 -12.85 30.84 60.78
CA LEU D 131 -13.60 29.64 60.39
C LEU D 131 -13.32 28.41 61.26
N PRO D 132 -12.13 28.20 61.83
CA PRO D 132 -11.97 27.12 62.81
C PRO D 132 -12.65 27.39 64.15
N GLU D 133 -13.36 28.51 64.29
CA GLU D 133 -14.13 28.81 65.50
C GLU D 133 -15.62 28.93 65.22
N PHE D 134 -16.01 29.56 64.11
CA PHE D 134 -17.43 29.70 63.79
C PHE D 134 -18.10 28.34 63.62
N LEU D 135 -17.33 27.31 63.26
CA LEU D 135 -17.88 26.00 62.92
C LEU D 135 -18.06 25.14 64.17
N ASP D 136 -16.97 24.86 64.89
CA ASP D 136 -16.99 24.02 66.09
C ASP D 136 -17.57 22.64 65.78
N ASP D 137 -16.90 21.95 64.87
CA ASP D 137 -17.20 20.55 64.56
C ASP D 137 -15.88 19.86 64.20
N LYS D 138 -15.48 18.88 65.02
CA LYS D 138 -14.20 18.22 64.88
C LYS D 138 -14.01 17.56 63.50
N ASP D 139 -15.09 17.39 62.73
CA ASP D 139 -14.98 16.77 61.42
C ASP D 139 -14.47 17.78 60.39
N GLU D 140 -15.04 18.98 60.39
CA GLU D 140 -14.71 19.99 59.38
C GLU D 140 -13.66 21.00 59.84
N ILE D 141 -13.39 21.07 61.15
CA ILE D 141 -12.19 21.77 61.60
C ILE D 141 -10.95 21.08 61.06
N ALA D 142 -11.03 19.76 60.82
CA ALA D 142 -9.95 19.06 60.13
C ALA D 142 -9.73 19.65 58.74
N LEU D 143 -10.81 19.83 57.98
CA LEU D 143 -10.73 20.48 56.68
C LEU D 143 -10.11 21.86 56.79
N VAL D 144 -10.72 22.73 57.61
CA VAL D 144 -10.28 24.12 57.70
C VAL D 144 -8.91 24.26 58.34
N ASN D 145 -8.36 23.19 58.90
CA ASN D 145 -6.98 23.22 59.37
C ASN D 145 -6.00 22.60 58.39
N SER D 146 -6.46 21.79 57.43
CA SER D 146 -5.58 21.28 56.40
C SER D 146 -5.02 22.40 55.54
N PHE D 147 -5.87 23.37 55.17
CA PHE D 147 -5.41 24.53 54.41
C PHE D 147 -4.79 25.58 55.32
N ASN D 148 -3.84 25.18 56.17
CA ASN D 148 -3.13 26.10 57.03
C ASN D 148 -1.77 26.42 56.39
N GLY D 149 -1.58 27.69 56.02
CA GLY D 149 -0.42 28.09 55.25
C GLY D 149 -0.63 28.14 53.76
N PHE D 150 -1.72 27.55 53.26
CA PHE D 150 -2.04 27.55 51.83
C PHE D 150 -3.12 28.55 51.50
N THR D 151 -3.11 29.71 52.16
CA THR D 151 -4.11 30.74 51.89
C THR D 151 -4.07 31.20 50.44
N THR D 152 -2.88 31.21 49.82
CA THR D 152 -2.77 31.67 48.45
C THR D 152 -3.64 30.88 47.49
N ALA D 153 -3.92 29.61 47.82
CA ALA D 153 -4.78 28.77 46.99
C ALA D 153 -6.19 29.33 46.85
N PHE D 154 -6.55 30.33 47.65
CA PHE D 154 -7.88 30.94 47.59
C PHE D 154 -7.86 32.34 46.98
N THR D 155 -6.70 32.82 46.51
CA THR D 155 -6.57 34.20 46.08
C THR D 155 -7.66 34.58 45.08
N GLY D 156 -7.89 33.71 44.09
CA GLY D 156 -8.93 33.99 43.11
C GLY D 156 -10.30 33.93 43.75
N PHE D 157 -10.56 32.87 44.52
CA PHE D 157 -11.88 32.69 45.14
C PHE D 157 -12.27 33.96 45.87
N PHE D 158 -11.40 34.43 46.77
CA PHE D 158 -11.66 35.67 47.50
C PHE D 158 -11.84 36.86 46.55
N ASP D 159 -10.94 37.03 45.57
CA ASP D 159 -11.08 38.14 44.64
C ASP D 159 -12.37 38.09 43.82
N ASN D 160 -13.05 36.95 43.80
CA ASN D 160 -14.36 36.86 43.17
C ASN D 160 -15.51 36.87 44.17
N ARG D 161 -15.27 36.40 45.40
CA ARG D 161 -16.28 36.36 46.44
C ARG D 161 -16.41 37.67 47.18
N GLU D 162 -15.77 38.74 46.69
CA GLU D 162 -15.94 40.08 47.21
C GLU D 162 -16.74 40.99 46.29
N ASN D 163 -16.89 40.62 45.01
CA ASN D 163 -17.72 41.37 44.08
C ASN D 163 -19.20 41.31 44.41
N MET D 164 -19.61 40.54 45.42
CA MET D 164 -20.99 40.59 45.90
C MET D 164 -21.20 41.65 46.96
N PHE D 165 -20.19 41.93 47.78
CA PHE D 165 -20.27 42.95 48.82
C PHE D 165 -20.09 44.37 48.28
N SER D 166 -20.13 44.55 46.96
CA SER D 166 -19.86 45.82 46.32
C SER D 166 -21.15 46.42 45.77
N GLU D 167 -21.03 47.54 45.06
CA GLU D 167 -22.19 48.32 44.62
C GLU D 167 -22.13 48.66 43.14
N GLU D 168 -21.30 47.96 42.36
CA GLU D 168 -21.15 48.23 40.94
C GLU D 168 -22.36 47.82 40.11
N ALA D 169 -23.42 47.30 40.73
CA ALA D 169 -24.72 47.06 40.09
C ALA D 169 -24.65 46.09 38.92
N LYS D 170 -23.62 45.25 38.84
CA LYS D 170 -23.63 44.19 37.86
C LYS D 170 -24.64 43.11 38.24
N SER D 171 -25.03 42.31 37.25
CA SER D 171 -26.16 41.39 37.40
C SER D 171 -25.99 40.43 38.58
N THR D 172 -24.77 40.25 39.07
CA THR D 172 -24.48 39.32 40.16
C THR D 172 -23.85 40.12 41.29
N SER D 173 -24.68 40.66 42.17
CA SER D 173 -24.21 41.35 43.36
C SER D 173 -25.36 41.52 44.33
N ILE D 174 -25.02 41.60 45.62
CA ILE D 174 -26.01 41.65 46.67
C ILE D 174 -26.82 42.94 46.60
N ALA D 175 -26.14 44.07 46.42
CA ALA D 175 -26.82 45.37 46.35
C ALA D 175 -27.82 45.41 45.20
N PHE D 176 -27.39 44.98 44.01
CA PHE D 176 -28.30 44.99 42.87
C PHE D 176 -29.52 44.12 43.13
N ARG D 177 -29.31 42.94 43.72
CA ARG D 177 -30.44 42.05 44.05
C ARG D 177 -31.40 42.71 45.03
N CYS D 178 -30.87 43.28 46.12
CA CYS D 178 -31.74 43.80 47.16
C CYS D 178 -32.48 45.06 46.71
N ILE D 179 -31.89 45.84 45.80
CA ILE D 179 -32.52 47.12 45.47
C ILE D 179 -33.22 47.09 44.12
N ASN D 180 -32.48 46.81 43.04
CA ASN D 180 -33.00 46.94 41.68
C ASN D 180 -34.06 45.90 41.35
N GLU D 181 -34.06 44.77 42.05
CA GLU D 181 -34.97 43.66 41.75
C GLU D 181 -35.97 43.43 42.86
N ASN D 182 -35.64 43.83 44.09
CA ASN D 182 -36.51 43.65 45.24
C ASN D 182 -37.36 44.87 45.54
N LEU D 183 -36.77 46.08 45.60
CA LEU D 183 -37.57 47.26 45.96
C LEU D 183 -38.67 47.53 44.95
N THR D 184 -38.43 47.23 43.67
CA THR D 184 -39.48 47.39 42.66
C THR D 184 -40.67 46.49 42.96
N ARG D 185 -40.40 45.23 43.26
CA ARG D 185 -41.47 44.29 43.59
C ARG D 185 -42.15 44.68 44.89
N TYR D 186 -41.40 45.21 45.86
CA TYR D 186 -42.01 45.63 47.11
C TYR D 186 -42.96 46.81 46.88
N ILE D 187 -42.58 47.75 46.02
CA ILE D 187 -43.46 48.89 45.75
C ILE D 187 -44.69 48.45 44.98
N SER D 188 -44.50 47.60 43.96
CA SER D 188 -45.65 47.06 43.25
C SER D 188 -46.54 46.25 44.18
N ASN D 189 -45.98 45.58 45.19
CA ASN D 189 -46.79 44.85 46.15
C ASN D 189 -47.58 45.80 47.04
N MET D 190 -46.97 46.92 47.42
CA MET D 190 -47.71 47.96 48.14
C MET D 190 -48.90 48.43 47.32
N ASP D 191 -48.67 48.69 46.03
CA ASP D 191 -49.76 49.08 45.14
C ASP D 191 -50.85 48.02 45.09
N ILE D 192 -50.46 46.75 44.91
CA ILE D 192 -51.45 45.68 44.74
C ILE D 192 -52.20 45.44 46.04
N PHE D 193 -51.59 45.74 47.19
CA PHE D 193 -52.29 45.60 48.45
C PHE D 193 -53.24 46.76 48.69
N GLU D 194 -52.82 47.98 48.31
CA GLU D 194 -53.72 49.12 48.37
C GLU D 194 -54.93 48.90 47.49
N LYS D 195 -54.76 48.20 46.37
CA LYS D 195 -55.88 47.96 45.46
C LYS D 195 -56.77 46.82 45.93
N VAL D 196 -56.17 45.68 46.29
CA VAL D 196 -56.92 44.49 46.69
C VAL D 196 -57.02 44.51 48.21
N ASP D 197 -58.08 45.15 48.71
CA ASP D 197 -58.34 45.21 50.14
C ASP D 197 -59.85 45.14 50.38
N ALA D 198 -60.22 45.10 51.66
CA ALA D 198 -61.61 45.08 52.12
C ALA D 198 -62.36 43.79 51.77
N ILE D 199 -61.73 42.92 50.99
CA ILE D 199 -62.10 41.51 50.96
C ILE D 199 -61.25 40.72 51.97
N PHE D 200 -61.55 40.89 53.27
CA PHE D 200 -60.73 40.40 54.38
C PHE D 200 -61.40 40.72 55.72
N ASP D 201 -61.11 39.91 56.73
CA ASP D 201 -61.57 40.12 58.09
C ASP D 201 -60.64 39.41 59.06
N LYS D 202 -60.57 39.94 60.28
CA LYS D 202 -59.93 39.22 61.37
C LYS D 202 -60.63 37.90 61.64
N HIS D 203 -61.97 37.90 61.57
CA HIS D 203 -62.69 36.63 61.60
C HIS D 203 -62.31 35.75 60.42
N GLU D 204 -62.01 36.34 59.27
CA GLU D 204 -61.58 35.59 58.10
C GLU D 204 -60.09 35.27 58.22
N VAL D 205 -59.49 34.85 57.10
CA VAL D 205 -58.17 34.22 57.09
C VAL D 205 -57.05 35.20 57.43
N GLN D 206 -57.39 36.47 57.66
CA GLN D 206 -56.38 37.46 57.97
C GLN D 206 -55.72 37.18 59.31
N GLU D 207 -56.52 36.91 60.34
CA GLU D 207 -55.97 36.69 61.68
C GLU D 207 -55.20 35.38 61.78
N ILE D 208 -55.66 34.32 61.10
CA ILE D 208 -54.91 33.07 61.13
C ILE D 208 -53.58 33.22 60.40
N LYS D 209 -53.55 34.02 59.32
CA LYS D 209 -52.28 34.35 58.68
C LYS D 209 -51.32 34.97 59.68
N GLU D 210 -51.74 36.03 60.37
CA GLU D 210 -50.89 36.71 61.34
C GLU D 210 -50.43 35.76 62.44
N LYS D 211 -51.39 35.03 63.03
CA LYS D 211 -51.09 34.16 64.17
C LYS D 211 -50.13 33.04 63.80
N ILE D 212 -50.31 32.44 62.62
CA ILE D 212 -49.55 31.23 62.29
C ILE D 212 -48.16 31.58 61.76
N LEU D 213 -48.00 32.73 61.11
CA LEU D 213 -46.73 33.05 60.47
C LEU D 213 -45.97 34.19 61.14
N ASN D 214 -46.66 35.14 61.77
CA ASN D 214 -46.00 36.26 62.44
C ASN D 214 -46.19 36.24 63.95
N SER D 215 -47.44 36.18 64.41
CA SER D 215 -47.81 35.93 65.79
C SER D 215 -47.58 37.12 66.71
N ASP D 216 -46.95 38.18 66.20
CA ASP D 216 -46.63 39.34 67.04
C ASP D 216 -47.24 40.62 66.50
N TYR D 217 -46.94 40.99 65.26
CA TYR D 217 -47.43 42.24 64.67
C TYR D 217 -48.30 41.95 63.46
N ASP D 218 -48.99 43.00 63.01
CA ASP D 218 -50.01 42.88 61.98
C ASP D 218 -49.41 42.49 60.64
N VAL D 219 -50.26 41.99 59.75
CA VAL D 219 -49.82 41.59 58.42
C VAL D 219 -49.71 42.79 57.50
N GLU D 220 -50.52 43.82 57.72
CA GLU D 220 -50.43 45.03 56.91
C GLU D 220 -49.08 45.71 57.07
N ASP D 221 -48.37 45.42 58.16
CA ASP D 221 -47.06 46.02 58.39
C ASP D 221 -46.06 45.65 57.29
N PHE D 222 -46.30 44.54 56.59
CA PHE D 222 -45.40 44.11 55.51
C PHE D 222 -45.70 44.81 54.20
N PHE D 223 -46.74 45.64 54.15
CA PHE D 223 -47.02 46.51 53.02
C PHE D 223 -46.83 47.98 53.38
N GLU D 224 -46.31 48.26 54.57
CA GLU D 224 -45.87 49.60 54.91
C GLU D 224 -44.63 49.97 54.10
N GLY D 225 -44.30 51.26 54.10
CA GLY D 225 -43.17 51.73 53.34
C GLY D 225 -41.82 51.48 53.97
N GLU D 226 -41.60 52.01 55.17
CA GLU D 226 -40.29 51.92 55.81
C GLU D 226 -40.07 50.59 56.53
N PHE D 227 -40.91 49.58 56.29
CA PHE D 227 -40.66 48.24 56.79
C PHE D 227 -39.92 47.37 55.77
N PHE D 228 -39.48 47.97 54.66
CA PHE D 228 -38.62 47.21 53.76
C PHE D 228 -37.30 46.89 54.44
N ASN D 229 -36.91 47.67 55.44
CA ASN D 229 -35.68 47.35 56.14
C ASN D 229 -36.05 46.26 57.14
N PHE D 230 -36.78 45.27 56.65
CA PHE D 230 -37.02 44.01 57.34
C PHE D 230 -36.88 42.83 56.40
N VAL D 231 -37.03 43.02 55.09
CA VAL D 231 -36.90 41.94 54.12
C VAL D 231 -35.52 41.95 53.47
N LEU D 232 -34.53 42.58 54.11
CA LEU D 232 -33.15 42.48 53.63
C LEU D 232 -32.52 41.13 53.96
N THR D 233 -32.92 40.52 55.08
CA THR D 233 -32.40 39.24 55.49
C THR D 233 -33.19 38.10 54.86
N GLN D 234 -32.49 37.00 54.57
CA GLN D 234 -33.10 35.88 53.86
C GLN D 234 -34.29 35.31 54.63
N GLU D 235 -34.23 35.35 55.97
CA GLU D 235 -35.38 34.92 56.75
C GLU D 235 -36.54 35.91 56.64
N GLY D 236 -36.23 37.20 56.47
CA GLY D 236 -37.29 38.17 56.23
C GLY D 236 -37.97 37.94 54.88
N ILE D 237 -37.16 37.71 53.84
CA ILE D 237 -37.73 37.31 52.55
C ILE D 237 -38.55 36.05 52.70
N ASP D 238 -38.10 35.13 53.55
CA ASP D 238 -38.81 33.85 53.70
C ASP D 238 -40.17 34.05 54.36
N VAL D 239 -40.24 34.86 55.41
CA VAL D 239 -41.52 35.07 56.08
C VAL D 239 -42.45 35.92 55.22
N TYR D 240 -41.90 36.89 54.48
CA TYR D 240 -42.73 37.68 53.58
C TYR D 240 -43.32 36.81 52.48
N ASN D 241 -42.48 36.01 51.82
CA ASN D 241 -43.00 35.10 50.80
C ASN D 241 -43.92 34.05 51.40
N ALA D 242 -43.77 33.75 52.69
CA ALA D 242 -44.68 32.84 53.36
C ALA D 242 -46.09 33.45 53.47
N ILE D 243 -46.18 34.65 54.03
CA ILE D 243 -47.49 35.30 54.12
C ILE D 243 -48.03 35.62 52.74
N ILE D 244 -47.17 35.72 51.72
CA ILE D 244 -47.62 35.88 50.35
C ILE D 244 -48.28 34.59 49.85
N GLY D 245 -47.51 33.51 49.80
CA GLY D 245 -47.95 32.30 49.12
C GLY D 245 -48.53 31.23 50.01
N GLY D 246 -48.10 31.17 51.26
CA GLY D 246 -48.61 30.11 52.13
C GLY D 246 -47.51 29.18 52.59
N PHE D 247 -47.46 28.97 53.90
CA PHE D 247 -46.35 28.24 54.54
C PHE D 247 -46.92 27.30 55.58
N VAL D 248 -46.76 25.99 55.35
CA VAL D 248 -47.18 25.00 56.34
C VAL D 248 -46.35 25.19 57.61
N THR D 249 -46.95 24.85 58.75
CA THR D 249 -46.27 24.95 60.04
C THR D 249 -45.13 23.95 60.14
N GLU D 253 -51.39 20.99 58.68
CA GLU D 253 -52.03 22.30 58.60
C GLU D 253 -51.47 23.11 57.44
N LYS D 254 -52.06 22.95 56.27
CA LYS D 254 -51.68 23.71 55.08
C LYS D 254 -52.38 25.07 55.13
N ILE D 255 -51.59 26.12 55.25
CA ILE D 255 -52.14 27.48 55.34
C ILE D 255 -52.15 28.09 53.94
N LYS D 256 -53.28 28.67 53.57
CA LYS D 256 -53.40 29.32 52.26
C LYS D 256 -52.77 30.71 52.28
N GLY D 257 -52.19 31.09 51.14
CA GLY D 257 -51.59 32.40 50.98
C GLY D 257 -52.47 33.39 50.24
N LEU D 258 -51.96 34.62 50.15
CA LEU D 258 -52.76 35.73 49.63
C LEU D 258 -53.10 35.55 48.15
N ASN D 259 -52.18 34.99 47.36
CA ASN D 259 -52.44 34.81 45.93
C ASN D 259 -53.62 33.88 45.69
N GLU D 260 -53.71 32.79 46.45
CA GLU D 260 -54.83 31.89 46.27
C GLU D 260 -56.10 32.35 46.98
N TYR D 261 -55.99 33.27 47.94
CA TYR D 261 -57.20 33.97 48.40
C TYR D 261 -57.76 34.84 47.28
N ILE D 262 -56.86 35.43 46.49
CA ILE D 262 -57.28 36.20 45.33
C ILE D 262 -57.92 35.28 44.30
N ASN D 263 -57.27 34.15 44.02
CA ASN D 263 -57.86 33.16 43.12
C ASN D 263 -59.24 32.70 43.61
N LEU D 264 -59.42 32.55 44.93
CA LEU D 264 -60.71 32.19 45.48
C LEU D 264 -61.74 33.30 45.25
N TYR D 265 -61.32 34.55 45.31
CA TYR D 265 -62.25 35.64 45.03
C TYR D 265 -62.59 35.68 43.56
N ASN D 266 -61.59 35.58 42.68
CA ASN D 266 -61.83 35.63 41.25
C ASN D 266 -62.54 34.39 40.74
N GLN D 267 -62.62 33.33 41.56
CA GLN D 267 -63.42 32.16 41.21
C GLN D 267 -64.84 32.25 41.77
N LYS D 268 -65.02 32.92 42.92
CA LYS D 268 -66.36 33.20 43.40
C LYS D 268 -67.14 34.01 42.37
N THR D 269 -66.66 35.23 42.08
CA THR D 269 -67.18 36.08 41.01
C THR D 269 -66.06 36.35 40.02
N LYS D 270 -66.44 36.68 38.79
CA LYS D 270 -65.50 36.70 37.67
C LYS D 270 -64.99 38.13 37.48
N GLN D 271 -63.76 38.37 37.91
CA GLN D 271 -63.05 39.62 37.63
C GLN D 271 -61.57 39.41 37.86
N LYS D 272 -60.75 39.68 36.84
CA LYS D 272 -59.33 39.42 36.90
C LYS D 272 -58.64 40.45 37.79
N LEU D 273 -58.56 40.16 39.09
CA LEU D 273 -57.94 40.99 40.11
C LEU D 273 -56.47 40.60 40.31
N PRO D 274 -55.58 41.58 40.43
CA PRO D 274 -54.14 41.27 40.38
C PRO D 274 -53.66 40.51 41.60
N LYS D 275 -52.65 39.67 41.37
CA LYS D 275 -52.02 38.87 42.42
C LYS D 275 -50.62 39.40 42.72
N PHE D 276 -50.18 39.20 43.96
CA PHE D 276 -48.93 39.76 44.43
C PHE D 276 -47.75 39.10 43.74
N LYS D 277 -46.58 39.72 43.88
CA LYS D 277 -45.35 39.20 43.29
C LYS D 277 -44.32 38.89 44.37
N PRO D 278 -43.77 37.68 44.38
CA PRO D 278 -42.82 37.31 45.43
C PRO D 278 -41.41 37.78 45.14
N LEU D 279 -40.64 37.99 46.21
CA LEU D 279 -39.29 38.53 46.11
C LEU D 279 -38.33 37.47 45.60
N TYR D 280 -37.11 37.91 45.30
CA TYR D 280 -36.02 37.02 44.92
C TYR D 280 -35.28 36.51 46.14
N LYS D 281 -34.32 35.62 45.90
CA LYS D 281 -33.51 35.01 46.96
C LYS D 281 -32.05 35.22 46.62
N GLN D 282 -31.34 35.93 47.49
CA GLN D 282 -29.94 36.28 47.26
C GLN D 282 -29.00 35.23 47.84
N GLY D 296 -21.05 20.23 37.54
CA GLY D 296 -21.48 19.51 36.36
C GLY D 296 -21.77 18.04 36.63
N TYR D 297 -22.77 17.50 35.94
CA TYR D 297 -23.16 16.11 36.12
C TYR D 297 -22.02 15.18 35.74
N THR D 298 -22.12 13.93 36.20
CA THR D 298 -21.01 12.99 36.03
C THR D 298 -21.45 11.58 35.64
N SER D 299 -22.73 11.35 35.36
CA SER D 299 -23.16 10.01 34.98
C SER D 299 -24.46 10.09 34.19
N ASP D 300 -24.57 9.19 33.20
CA ASP D 300 -25.75 9.18 32.33
C ASP D 300 -27.04 8.99 33.13
N GLU D 301 -26.98 8.17 34.18
CA GLU D 301 -28.17 7.95 34.99
C GLU D 301 -28.56 9.20 35.76
N GLU D 302 -27.57 9.93 36.28
CA GLU D 302 -27.85 11.18 36.96
C GLU D 302 -28.46 12.21 35.99
N VAL D 303 -27.88 12.31 34.79
CA VAL D 303 -28.42 13.22 33.79
C VAL D 303 -29.87 12.87 33.46
N LEU D 304 -30.13 11.58 33.21
CA LEU D 304 -31.45 11.16 32.79
C LEU D 304 -32.48 11.31 33.91
N GLU D 305 -32.06 11.11 35.17
CA GLU D 305 -33.01 11.30 36.25
C GLU D 305 -33.27 12.77 36.54
N VAL D 306 -32.26 13.63 36.34
CA VAL D 306 -32.50 15.07 36.41
C VAL D 306 -33.50 15.49 35.33
N PHE D 307 -33.33 14.95 34.12
CA PHE D 307 -34.28 15.20 33.05
C PHE D 307 -35.69 14.77 33.46
N ARG D 308 -35.83 13.53 33.91
CA ARG D 308 -37.14 13.02 34.32
C ARG D 308 -37.74 13.85 35.45
N ASN D 309 -36.92 14.40 36.34
CA ASN D 309 -37.44 15.12 37.48
C ASN D 309 -37.89 16.53 37.10
N THR D 310 -37.03 17.30 36.44
CA THR D 310 -37.34 18.69 36.14
C THR D 310 -38.33 18.86 34.98
N LEU D 311 -38.43 17.90 34.06
CA LEU D 311 -39.19 18.12 32.83
C LEU D 311 -40.30 17.09 32.60
N ASN D 312 -40.71 16.35 33.63
CA ASN D 312 -41.79 15.39 33.43
C ASN D 312 -43.13 16.12 33.26
N LYS D 313 -44.18 15.33 33.01
CA LYS D 313 -45.50 15.90 32.76
C LYS D 313 -46.25 16.27 34.03
N ASN D 314 -45.59 16.29 35.19
CA ASN D 314 -46.18 16.85 36.39
C ASN D 314 -45.15 17.63 37.20
N SER D 315 -44.16 18.20 36.53
CA SER D 315 -43.08 18.91 37.20
C SER D 315 -43.49 20.36 37.46
N GLU D 316 -42.54 21.17 37.93
CA GLU D 316 -42.77 22.60 38.07
C GLU D 316 -42.81 23.28 36.71
N ILE D 317 -41.98 22.82 35.78
CA ILE D 317 -41.84 23.49 34.49
C ILE D 317 -43.05 23.24 33.60
N PHE D 318 -43.51 21.99 33.53
CA PHE D 318 -44.70 21.70 32.74
C PHE D 318 -45.94 22.39 33.32
N SER D 319 -46.02 22.54 34.64
CA SER D 319 -47.13 23.28 35.23
C SER D 319 -47.03 24.76 34.88
N SER D 320 -45.81 25.31 34.86
CA SER D 320 -45.62 26.68 34.40
C SER D 320 -46.08 26.83 32.95
N ILE D 321 -45.77 25.83 32.11
CA ILE D 321 -46.18 25.88 30.72
C ILE D 321 -47.70 25.84 30.59
N LYS D 322 -48.36 25.01 31.40
CA LYS D 322 -49.82 24.95 31.37
C LYS D 322 -50.42 26.28 31.84
N LYS D 323 -49.84 26.89 32.88
CA LYS D 323 -50.34 28.17 33.36
C LYS D 323 -50.17 29.26 32.32
N LEU D 324 -49.02 29.29 31.65
CA LEU D 324 -48.81 30.28 30.60
C LEU D 324 -49.72 30.03 29.40
N GLU D 325 -50.05 28.77 29.14
CA GLU D 325 -50.99 28.45 28.08
C GLU D 325 -52.39 28.97 28.42
N LYS D 326 -52.84 28.71 29.65
CA LYS D 326 -54.16 29.20 30.05
C LYS D 326 -54.21 30.71 30.05
N LEU D 327 -53.11 31.36 30.43
CA LEU D 327 -53.06 32.83 30.40
C LEU D 327 -53.15 33.36 28.97
N PHE D 328 -52.23 32.92 28.11
CA PHE D 328 -52.20 33.43 26.74
C PHE D 328 -53.43 33.00 25.95
N LYS D 329 -54.16 31.98 26.41
CA LYS D 329 -55.44 31.70 25.77
C LYS D 329 -56.58 32.46 26.46
N ASN D 330 -56.33 33.00 27.65
CA ASN D 330 -57.23 33.98 28.28
C ASN D 330 -56.69 35.38 28.10
N PHE D 331 -56.09 35.64 26.94
CA PHE D 331 -55.26 36.82 26.71
C PHE D 331 -56.05 38.07 26.35
N ASP D 332 -57.35 37.95 26.10
CA ASP D 332 -58.15 39.10 25.67
C ASP D 332 -58.90 39.79 26.80
N GLU D 333 -59.16 39.11 27.91
CA GLU D 333 -59.79 39.76 29.06
C GLU D 333 -58.83 40.64 29.86
N TYR D 334 -57.62 40.85 29.35
CA TYR D 334 -56.68 41.81 29.93
C TYR D 334 -56.60 43.04 29.03
N SER D 335 -56.52 44.21 29.65
CA SER D 335 -56.58 45.47 28.92
C SER D 335 -55.37 45.61 28.00
N SER D 336 -55.62 45.71 26.70
CA SER D 336 -54.53 45.73 25.72
C SER D 336 -53.58 46.90 25.95
N ALA D 337 -54.06 47.98 26.57
CA ALA D 337 -53.20 49.11 26.86
C ALA D 337 -52.19 48.82 27.97
N GLY D 338 -52.37 47.74 28.73
CA GLY D 338 -51.50 47.45 29.84
C GLY D 338 -50.34 46.55 29.47
N ILE D 339 -50.55 45.67 28.49
CA ILE D 339 -49.46 44.79 28.05
C ILE D 339 -48.39 45.61 27.33
N PHE D 340 -47.19 45.04 27.25
CA PHE D 340 -46.06 45.68 26.59
C PHE D 340 -45.23 44.64 25.86
N VAL D 341 -44.36 45.13 24.98
CA VAL D 341 -43.41 44.30 24.25
C VAL D 341 -42.07 45.03 24.20
N LYS D 342 -41.01 44.39 24.68
CA LYS D 342 -39.71 45.02 24.74
C LYS D 342 -39.20 45.37 23.34
N ASN D 343 -38.32 46.36 23.29
CA ASN D 343 -37.76 46.86 22.03
C ASN D 343 -36.40 46.24 21.79
N GLY D 344 -36.25 45.56 20.66
CA GLY D 344 -35.02 44.90 20.31
C GLY D 344 -35.24 43.87 19.22
N PRO D 345 -34.53 42.73 19.30
CA PRO D 345 -34.80 41.63 18.38
C PRO D 345 -36.24 41.14 18.46
N ALA D 346 -36.87 41.28 19.63
CA ALA D 346 -38.25 40.84 19.81
C ALA D 346 -39.20 41.56 18.86
N ILE D 347 -38.94 42.85 18.60
CA ILE D 347 -39.81 43.61 17.72
C ILE D 347 -39.72 43.11 16.28
N SER D 348 -38.50 42.85 15.81
CA SER D 348 -38.34 42.29 14.46
C SER D 348 -39.06 40.96 14.33
N THR D 349 -38.91 40.08 15.33
CA THR D 349 -39.57 38.77 15.29
C THR D 349 -41.09 38.92 15.35
N ILE D 350 -41.58 39.86 16.16
CA ILE D 350 -43.02 40.06 16.27
C ILE D 350 -43.58 40.57 14.96
N SER D 351 -42.89 41.52 14.31
CA SER D 351 -43.33 41.99 13.01
C SER D 351 -43.30 40.86 11.98
N LYS D 352 -42.25 40.03 12.01
CA LYS D 352 -42.19 38.90 11.09
C LYS D 352 -43.38 37.96 11.28
N ASP D 353 -43.72 37.66 12.53
CA ASP D 353 -44.81 36.73 12.81
C ASP D 353 -46.19 37.36 12.68
N ILE D 354 -46.29 38.69 12.60
CA ILE D 354 -47.58 39.35 12.60
C ILE D 354 -47.74 40.22 11.36
N PHE D 355 -46.86 41.19 11.19
CA PHE D 355 -46.94 42.15 10.09
C PHE D 355 -46.03 41.74 8.94
N GLY D 356 -46.30 40.55 8.39
CA GLY D 356 -45.67 40.12 7.16
C GLY D 356 -44.24 39.67 7.29
N GLU D 357 -43.31 40.61 7.46
CA GLU D 357 -41.88 40.27 7.53
C GLU D 357 -41.15 41.31 8.37
N TRP D 358 -39.82 41.25 8.31
CA TRP D 358 -38.92 41.84 9.31
C TRP D 358 -39.33 43.25 9.71
N ASN D 359 -39.29 44.18 8.76
CA ASN D 359 -39.40 45.62 9.03
C ASN D 359 -40.72 46.16 8.51
N VAL D 360 -41.75 46.13 9.36
CA VAL D 360 -43.00 46.82 9.08
C VAL D 360 -43.32 47.76 10.24
N ILE D 361 -43.15 47.26 11.47
CA ILE D 361 -43.29 48.12 12.65
C ILE D 361 -42.27 49.24 12.63
N ARG D 362 -41.02 48.93 12.27
CA ARG D 362 -39.99 49.95 12.21
C ARG D 362 -40.31 51.02 11.18
N ASP D 363 -40.84 50.62 10.02
CA ASP D 363 -41.13 51.61 9.00
C ASP D 363 -42.40 52.39 9.31
N LYS D 364 -43.36 51.80 10.02
CA LYS D 364 -44.51 52.57 10.49
C LYS D 364 -44.08 53.61 11.53
N TRP D 365 -43.20 53.22 12.45
CA TRP D 365 -42.67 54.18 13.40
C TRP D 365 -41.88 55.27 12.70
N ASN D 366 -41.14 54.91 11.65
CA ASN D 366 -40.37 55.92 10.91
C ASN D 366 -41.29 56.86 10.16
N ALA D 367 -42.40 56.35 9.63
CA ALA D 367 -43.40 57.21 8.99
C ALA D 367 -43.99 58.18 9.99
N GLU D 368 -44.39 57.69 11.16
CA GLU D 368 -44.99 58.57 12.17
C GLU D 368 -43.96 59.51 12.80
N TYR D 369 -42.67 59.20 12.66
CA TYR D 369 -41.62 60.12 13.12
C TYR D 369 -41.31 61.18 12.08
N ASP D 370 -41.39 60.82 10.79
CA ASP D 370 -41.25 61.81 9.73
C ASP D 370 -42.44 62.76 9.71
N ASP D 371 -43.64 62.25 9.97
CA ASP D 371 -44.82 63.12 9.98
C ASP D 371 -44.75 64.20 11.05
N ILE D 372 -43.76 64.16 11.94
CA ILE D 372 -43.61 65.13 13.01
C ILE D 372 -42.28 65.88 12.91
N HIS D 373 -41.19 65.15 12.67
CA HIS D 373 -39.85 65.73 12.66
C HIS D 373 -39.27 65.90 11.26
N LEU D 374 -40.10 65.91 10.23
CA LEU D 374 -39.63 66.09 8.86
C LEU D 374 -40.51 67.12 8.17
N LYS D 375 -39.86 68.10 7.53
CA LYS D 375 -40.57 69.20 6.89
C LYS D 375 -41.20 68.71 5.58
N LYS D 376 -41.77 69.65 4.82
CA LYS D 376 -42.35 69.32 3.52
C LYS D 376 -41.32 69.01 2.45
N LYS D 377 -40.03 69.04 2.78
CA LYS D 377 -38.95 68.89 1.82
C LYS D 377 -38.42 67.46 1.85
N ALA D 378 -37.77 67.07 0.74
CA ALA D 378 -37.07 65.79 0.66
C ALA D 378 -35.59 66.02 0.96
N VAL D 379 -35.29 66.18 2.25
CA VAL D 379 -33.95 66.52 2.70
C VAL D 379 -33.46 65.44 3.65
N VAL D 380 -33.87 64.20 3.42
CA VAL D 380 -33.57 63.08 4.31
C VAL D 380 -32.06 62.86 4.29
N THR D 381 -31.40 63.20 5.40
CA THR D 381 -29.95 63.17 5.50
C THR D 381 -29.54 61.97 6.35
N GLU D 382 -28.30 61.50 6.14
CA GLU D 382 -27.77 60.39 6.93
C GLU D 382 -27.70 60.74 8.41
N LYS D 383 -27.46 62.01 8.74
CA LYS D 383 -27.53 62.42 10.14
C LYS D 383 -28.95 62.34 10.67
N TYR D 384 -29.94 62.72 9.84
CA TYR D 384 -31.33 62.61 10.25
C TYR D 384 -31.72 61.15 10.45
N GLU D 385 -31.34 60.29 9.51
CA GLU D 385 -31.66 58.86 9.63
C GLU D 385 -30.98 58.27 10.86
N ASP D 386 -29.75 58.70 11.16
CA ASP D 386 -29.04 58.16 12.30
C ASP D 386 -29.67 58.62 13.62
N ASP D 387 -30.11 59.88 13.68
CA ASP D 387 -30.78 60.34 14.89
C ASP D 387 -32.14 59.67 15.05
N ARG D 388 -32.84 59.41 13.95
CA ARG D 388 -34.08 58.65 14.03
C ARG D 388 -33.83 57.24 14.55
N ARG D 389 -32.79 56.58 14.04
CA ARG D 389 -32.46 55.24 14.49
C ARG D 389 -32.10 55.24 15.98
N LYS D 390 -31.35 56.25 16.42
CA LYS D 390 -30.99 56.32 17.84
C LYS D 390 -32.22 56.55 18.70
N SER D 391 -33.09 57.47 18.29
CA SER D 391 -34.33 57.71 19.04
C SER D 391 -35.18 56.45 19.13
N PHE D 392 -35.27 55.69 18.04
CA PHE D 392 -35.98 54.42 18.06
C PHE D 392 -35.34 53.46 19.05
N LYS D 393 -34.05 53.17 18.86
CA LYS D 393 -33.35 52.19 19.69
C LYS D 393 -33.36 52.57 21.16
N LYS D 394 -33.61 53.84 21.49
CA LYS D 394 -33.72 54.28 22.88
C LYS D 394 -35.12 54.11 23.44
N ILE D 395 -36.12 53.89 22.59
CA ILE D 395 -37.46 53.58 23.09
C ILE D 395 -37.42 52.31 23.92
N GLY D 396 -37.99 52.36 25.12
CA GLY D 396 -37.93 51.24 26.03
C GLY D 396 -38.73 50.03 25.56
N SER D 397 -40.02 50.22 25.30
CA SER D 397 -40.88 49.12 24.91
C SER D 397 -42.18 49.69 24.35
N PHE D 398 -42.86 48.86 23.57
CA PHE D 398 -44.09 49.23 22.88
C PHE D 398 -45.27 48.54 23.54
N SER D 399 -46.32 49.32 23.85
CA SER D 399 -47.57 48.75 24.33
C SER D 399 -48.22 47.92 23.22
N LEU D 400 -49.33 47.26 23.56
CA LEU D 400 -50.09 46.51 22.58
C LEU D 400 -51.12 47.35 21.85
N GLU D 401 -51.58 48.45 22.46
CA GLU D 401 -52.48 49.35 21.74
C GLU D 401 -51.74 50.12 20.65
N GLN D 402 -50.49 50.50 20.92
CA GLN D 402 -49.65 51.10 19.88
C GLN D 402 -49.48 50.15 18.70
N LEU D 403 -48.99 48.94 18.97
CA LEU D 403 -48.86 47.95 17.91
C LEU D 403 -50.19 47.59 17.27
N GLN D 404 -51.32 47.92 17.92
CA GLN D 404 -52.60 47.76 17.27
C GLN D 404 -52.92 48.92 16.33
N GLU D 405 -52.49 50.13 16.68
CA GLU D 405 -52.71 51.27 15.78
C GLU D 405 -51.93 51.10 14.48
N TYR D 406 -50.73 50.55 14.55
CA TYR D 406 -49.92 50.29 13.37
C TYR D 406 -50.51 49.22 12.46
N ALA D 407 -51.53 48.51 12.90
CA ALA D 407 -52.07 47.38 12.14
C ALA D 407 -53.04 47.90 11.07
N ASP D 408 -53.78 46.99 10.46
CA ASP D 408 -54.70 47.29 9.38
C ASP D 408 -56.12 46.93 9.78
N ALA D 409 -57.04 47.01 8.83
CA ALA D 409 -58.43 46.70 9.10
C ALA D 409 -58.62 45.19 9.26
N ASP D 410 -59.46 44.82 10.23
CA ASP D 410 -59.84 43.44 10.53
C ASP D 410 -58.66 42.59 10.99
N LEU D 411 -57.52 43.21 11.28
CA LEU D 411 -56.37 42.51 11.86
C LEU D 411 -56.25 42.91 13.32
N SER D 412 -56.53 41.98 14.22
CA SER D 412 -56.36 42.19 15.66
C SER D 412 -55.02 41.60 16.08
N VAL D 413 -54.13 42.45 16.61
CA VAL D 413 -52.78 41.98 16.93
C VAL D 413 -52.81 41.00 18.09
N VAL D 414 -53.75 41.14 19.02
CA VAL D 414 -53.79 40.24 20.17
C VAL D 414 -54.26 38.84 19.75
N GLU D 415 -55.15 38.75 18.76
CA GLU D 415 -55.59 37.45 18.26
C GLU D 415 -54.44 36.70 17.60
N LYS D 416 -53.63 37.39 16.80
CA LYS D 416 -52.52 36.72 16.13
C LYS D 416 -51.45 36.28 17.13
N LEU D 417 -51.17 37.11 18.14
CA LEU D 417 -50.23 36.72 19.18
C LEU D 417 -50.76 35.51 19.94
N LYS D 418 -52.03 35.53 20.31
CA LYS D 418 -52.62 34.39 21.01
C LYS D 418 -52.54 33.13 20.16
N GLU D 419 -52.83 33.22 18.87
CA GLU D 419 -52.83 32.04 18.02
C GLU D 419 -51.43 31.50 17.80
N ILE D 420 -50.43 32.38 17.67
CA ILE D 420 -49.08 31.88 17.46
C ILE D 420 -48.52 31.29 18.75
N ILE D 421 -48.88 31.86 19.90
CA ILE D 421 -48.41 31.29 21.16
C ILE D 421 -49.09 29.95 21.41
N ILE D 422 -50.38 29.84 21.07
CA ILE D 422 -51.06 28.56 21.19
C ILE D 422 -50.48 27.54 20.23
N GLN D 423 -50.04 27.97 19.05
CA GLN D 423 -49.36 27.06 18.14
C GLN D 423 -48.04 26.56 18.73
N LYS D 424 -47.27 27.46 19.35
CA LYS D 424 -46.02 27.05 20.00
C LYS D 424 -46.29 26.08 21.14
N VAL D 425 -47.34 26.34 21.91
CA VAL D 425 -47.68 25.45 23.02
C VAL D 425 -48.12 24.09 22.51
N ASP D 426 -48.92 24.07 21.44
CA ASP D 426 -49.35 22.79 20.89
C ASP D 426 -48.18 22.04 20.28
N GLU D 427 -47.18 22.75 19.74
CA GLU D 427 -45.98 22.06 19.27
C GLU D 427 -45.20 21.46 20.43
N ILE D 428 -45.12 22.18 21.55
CA ILE D 428 -44.52 21.61 22.76
C ILE D 428 -45.27 20.34 23.17
N TYR D 429 -46.60 20.41 23.17
CA TYR D 429 -47.41 19.26 23.57
C TYR D 429 -47.22 18.10 22.61
N LYS D 430 -47.06 18.40 21.31
CA LYS D 430 -46.81 17.35 20.33
C LYS D 430 -45.47 16.68 20.59
N VAL D 431 -44.43 17.46 20.87
CA VAL D 431 -43.13 16.84 21.16
C VAL D 431 -43.20 16.01 22.45
N TYR D 432 -43.99 16.47 23.42
CA TYR D 432 -44.22 15.62 24.59
C TYR D 432 -44.90 14.32 24.20
N GLY D 433 -45.92 14.39 23.34
CA GLY D 433 -46.58 13.17 22.93
C GLY D 433 -45.70 12.29 22.06
N SER D 434 -44.67 12.87 21.44
CA SER D 434 -43.68 12.10 20.72
C SER D 434 -42.59 11.56 21.63
N SER D 435 -42.61 11.91 22.91
CA SER D 435 -41.53 11.56 23.81
C SER D 435 -42.06 10.96 25.11
N GLU D 436 -43.11 10.16 24.99
CA GLU D 436 -43.71 9.49 26.15
C GLU D 436 -42.76 8.50 26.81
N LYS D 437 -41.76 8.01 26.06
CA LYS D 437 -40.98 6.85 26.49
C LYS D 437 -39.87 7.24 27.46
N LEU D 438 -39.26 8.40 27.29
CA LEU D 438 -38.18 8.83 28.17
C LEU D 438 -38.64 9.15 29.59
N PHE D 439 -39.95 9.18 29.85
CA PHE D 439 -40.44 9.40 31.21
C PHE D 439 -40.85 8.15 31.97
N ASP D 440 -41.16 7.03 31.31
CA ASP D 440 -41.63 5.86 32.05
C ASP D 440 -40.48 5.19 32.80
N ALA D 441 -40.80 4.69 34.00
CA ALA D 441 -39.79 4.09 34.89
C ALA D 441 -39.14 2.83 34.32
N ASP D 442 -39.79 2.13 33.39
CA ASP D 442 -39.18 0.92 32.85
C ASP D 442 -37.95 1.21 31.98
N PHE D 443 -37.75 2.46 31.58
CA PHE D 443 -36.75 2.78 30.56
C PHE D 443 -35.35 2.52 31.10
N VAL D 444 -34.54 1.80 30.32
CA VAL D 444 -33.15 1.53 30.66
C VAL D 444 -32.28 1.96 29.48
N LEU D 445 -31.09 2.45 29.80
CA LEU D 445 -30.17 2.94 28.78
C LEU D 445 -29.37 1.77 28.21
N GLU D 446 -29.50 1.56 26.90
CA GLU D 446 -28.71 0.52 26.23
C GLU D 446 -27.28 0.99 26.08
N LYS D 447 -27.06 2.12 25.39
CA LYS D 447 -25.73 2.65 25.15
C LYS D 447 -25.46 3.83 26.07
N SER D 448 -24.20 4.27 26.08
CA SER D 448 -23.82 5.48 26.77
C SER D 448 -24.51 6.70 26.15
N LEU D 449 -24.65 7.76 26.94
CA LEU D 449 -25.39 8.93 26.48
C LEU D 449 -24.65 9.64 25.35
N LYS D 450 -23.32 9.73 25.44
CA LYS D 450 -22.54 10.42 24.41
C LYS D 450 -22.52 9.66 23.10
N LYS D 451 -22.73 8.34 23.12
CA LYS D 451 -22.81 7.56 21.89
C LYS D 451 -24.24 7.29 21.43
N ASN D 452 -25.21 7.34 22.33
CA ASN D 452 -26.62 7.26 21.95
C ASN D 452 -27.06 8.61 21.42
N ASP D 453 -27.71 8.62 20.25
CA ASP D 453 -28.19 9.86 19.67
C ASP D 453 -29.69 9.89 19.41
N ALA D 454 -30.42 8.80 19.65
CA ALA D 454 -31.88 8.87 19.63
C ALA D 454 -32.42 9.57 20.87
N VAL D 455 -31.93 9.17 22.05
CA VAL D 455 -32.41 9.78 23.29
C VAL D 455 -31.91 11.20 23.42
N VAL D 456 -30.68 11.46 22.95
CA VAL D 456 -30.18 12.83 22.99
C VAL D 456 -30.92 13.69 21.97
N ALA D 457 -31.32 13.10 20.84
CA ALA D 457 -32.19 13.83 19.91
C ALA D 457 -33.51 14.20 20.56
N ILE D 458 -34.11 13.25 21.30
CA ILE D 458 -35.37 13.54 21.99
C ILE D 458 -35.18 14.68 22.99
N MET D 459 -34.17 14.55 23.85
CA MET D 459 -33.93 15.57 24.88
C MET D 459 -33.64 16.93 24.25
N LYS D 460 -32.84 16.96 23.18
CA LYS D 460 -32.49 18.23 22.56
C LYS D 460 -33.70 18.85 21.87
N ASP D 461 -34.55 18.04 21.24
CA ASP D 461 -35.75 18.58 20.61
C ASP D 461 -36.67 19.19 21.66
N LEU D 462 -36.86 18.48 22.78
CA LEU D 462 -37.73 18.99 23.84
C LEU D 462 -37.16 20.29 24.43
N LEU D 463 -35.88 20.27 24.80
CA LEU D 463 -35.25 21.46 25.36
C LEU D 463 -35.27 22.62 24.37
N ASP D 464 -35.09 22.34 23.08
CA ASP D 464 -35.07 23.40 22.08
C ASP D 464 -36.45 24.04 21.95
N SER D 465 -37.50 23.21 21.89
CA SER D 465 -38.85 23.76 21.81
C SER D 465 -39.17 24.59 23.05
N VAL D 466 -38.89 24.04 24.23
CA VAL D 466 -39.24 24.74 25.47
C VAL D 466 -38.46 26.06 25.59
N LYS D 467 -37.17 26.04 25.21
CA LYS D 467 -36.38 27.26 25.32
C LYS D 467 -36.73 28.26 24.23
N SER D 468 -37.20 27.79 23.08
CA SER D 468 -37.72 28.71 22.07
C SER D 468 -38.95 29.42 22.59
N PHE D 469 -39.87 28.68 23.21
CA PHE D 469 -41.03 29.30 23.84
C PHE D 469 -40.60 30.30 24.91
N GLU D 470 -39.66 29.91 25.76
CA GLU D 470 -39.19 30.79 26.83
C GLU D 470 -38.58 32.08 26.27
N ASN D 471 -37.76 31.97 25.22
CA ASN D 471 -37.15 33.16 24.63
C ASN D 471 -38.17 34.00 23.88
N TYR D 472 -39.23 33.36 23.38
CA TYR D 472 -40.27 34.10 22.66
C TYR D 472 -41.09 34.94 23.63
N ILE D 473 -41.65 34.31 24.66
CA ILE D 473 -42.54 35.01 25.59
C ILE D 473 -41.73 35.92 26.51
N LYS D 474 -40.41 35.89 26.37
CA LYS D 474 -39.55 36.82 27.11
C LYS D 474 -39.80 38.26 26.70
N ALA D 475 -40.41 38.47 25.53
CA ALA D 475 -40.64 39.83 25.03
C ALA D 475 -41.65 40.58 25.89
N PHE D 476 -42.72 39.91 26.31
CA PHE D 476 -43.83 40.57 26.97
C PHE D 476 -43.45 41.20 28.30
N PHE D 477 -42.22 40.99 28.79
CA PHE D 477 -41.71 41.71 29.95
C PHE D 477 -41.05 43.00 29.47
N GLY D 478 -41.89 43.98 29.17
CA GLY D 478 -41.46 45.15 28.44
C GLY D 478 -40.78 46.22 29.26
N GLU D 479 -39.51 45.99 29.60
CA GLU D 479 -38.58 46.92 30.22
C GLU D 479 -38.88 47.10 31.71
N GLY D 480 -40.00 46.60 32.22
CA GLY D 480 -40.27 46.65 33.65
C GLY D 480 -40.54 48.05 34.18
N LYS D 481 -39.60 48.96 33.98
CA LYS D 481 -39.68 50.32 34.52
C LYS D 481 -40.66 51.12 33.64
N GLU D 482 -41.93 51.09 34.03
CA GLU D 482 -42.98 51.84 33.35
C GLU D 482 -44.22 51.84 34.22
N THR D 483 -45.13 52.78 33.92
CA THR D 483 -46.15 53.17 34.88
C THR D 483 -47.35 52.22 34.88
N ASN D 484 -48.08 52.18 33.77
CA ASN D 484 -49.41 51.56 33.75
C ASN D 484 -49.37 50.10 33.32
N ARG D 485 -48.55 49.29 33.98
CA ARG D 485 -48.51 47.87 33.71
C ARG D 485 -49.78 47.19 34.21
N ASP D 486 -50.39 46.35 33.39
CA ASP D 486 -51.60 45.63 33.75
C ASP D 486 -51.22 44.51 34.72
N GLU D 487 -51.12 44.89 36.00
CA GLU D 487 -50.63 43.94 37.01
C GLU D 487 -51.49 42.69 37.12
N SER D 488 -52.76 42.76 36.72
CA SER D 488 -53.60 41.57 36.69
C SER D 488 -53.01 40.48 35.79
N PHE D 489 -52.35 40.89 34.70
CA PHE D 489 -51.68 39.96 33.80
C PHE D 489 -50.25 39.66 34.24
N TYR D 490 -49.50 40.69 34.65
CA TYR D 490 -48.07 40.51 34.89
C TYR D 490 -47.81 39.70 36.15
N GLY D 491 -48.74 39.72 37.11
CA GLY D 491 -48.65 38.83 38.25
C GLY D 491 -48.51 37.38 37.81
N ASP D 492 -49.53 36.88 37.11
CA ASP D 492 -49.51 35.51 36.60
C ASP D 492 -48.32 35.29 35.69
N PHE D 493 -48.04 36.25 34.81
CA PHE D 493 -46.95 36.08 33.85
C PHE D 493 -45.64 35.82 34.56
N VAL D 494 -45.30 36.66 35.56
CA VAL D 494 -44.00 36.49 36.22
C VAL D 494 -44.04 35.27 37.12
N LEU D 495 -45.18 34.97 37.75
CA LEU D 495 -45.31 33.76 38.55
C LEU D 495 -44.95 32.53 37.74
N ALA D 496 -45.41 32.46 36.49
CA ALA D 496 -45.10 31.30 35.67
C ALA D 496 -43.68 31.37 35.10
N TYR D 497 -43.26 32.55 34.65
CA TYR D 497 -42.00 32.70 33.94
C TYR D 497 -40.79 32.52 34.87
N ASP D 498 -40.91 32.91 36.14
CA ASP D 498 -39.80 32.76 37.07
C ASP D 498 -39.54 31.31 37.46
N ILE D 499 -40.42 30.38 37.11
CA ILE D 499 -40.14 28.96 37.27
C ILE D 499 -39.60 28.40 35.96
N LEU D 500 -40.09 28.93 34.84
CA LEU D 500 -39.70 28.42 33.53
C LEU D 500 -38.26 28.73 33.18
N LEU D 501 -37.70 29.81 33.69
CA LEU D 501 -36.39 30.18 33.17
C LEU D 501 -35.27 29.35 33.79
N LYS D 502 -35.62 28.27 34.48
CA LYS D 502 -34.64 27.30 34.91
C LYS D 502 -34.24 26.39 33.77
N VAL D 503 -35.00 26.38 32.67
CA VAL D 503 -34.62 25.59 31.50
C VAL D 503 -33.26 26.02 30.95
N ASP D 504 -32.88 27.28 31.17
CA ASP D 504 -31.58 27.75 30.71
C ASP D 504 -30.43 26.98 31.37
N HIS D 505 -30.46 26.87 32.71
CA HIS D 505 -29.40 26.13 33.39
C HIS D 505 -29.45 24.65 33.04
N ILE D 506 -30.65 24.08 32.94
CA ILE D 506 -30.78 22.66 32.60
C ILE D 506 -30.22 22.42 31.20
N TYR D 507 -30.58 23.29 30.25
CA TYR D 507 -30.08 23.18 28.89
C TYR D 507 -28.56 23.26 28.86
N ASP D 508 -27.99 24.26 29.54
CA ASP D 508 -26.54 24.43 29.54
C ASP D 508 -25.85 23.20 30.15
N ALA D 509 -26.38 22.70 31.27
CA ALA D 509 -25.78 21.54 31.92
C ALA D 509 -25.82 20.32 31.01
N ILE D 510 -26.99 20.01 30.46
CA ILE D 510 -27.13 18.81 29.63
C ILE D 510 -26.26 18.93 28.38
N ARG D 511 -26.22 20.12 27.76
CA ARG D 511 -25.41 20.30 26.56
C ARG D 511 -23.93 20.13 26.88
N ASN D 512 -23.42 20.82 27.92
CA ASN D 512 -22.03 20.67 28.30
C ASN D 512 -21.69 19.24 28.73
N TYR D 513 -22.68 18.46 29.17
CA TYR D 513 -22.41 17.06 29.46
C TYR D 513 -22.30 16.24 28.19
N VAL D 514 -23.14 16.51 27.19
CA VAL D 514 -23.14 15.71 25.97
C VAL D 514 -21.93 16.06 25.11
N THR D 515 -21.67 17.35 24.92
CA THR D 515 -20.49 17.81 24.17
C THR D 515 -19.29 17.81 25.11
N GLN D 516 -18.85 16.61 25.47
CA GLN D 516 -17.76 16.43 26.42
C GLN D 516 -16.81 15.37 25.89
N LYS D 517 -15.52 15.71 25.85
CA LYS D 517 -14.53 14.79 25.31
C LYS D 517 -14.43 13.55 26.20
N PRO D 518 -14.06 12.39 25.62
CA PRO D 518 -13.96 11.17 26.43
C PRO D 518 -12.83 11.23 27.45
N TYR D 519 -11.83 12.08 27.24
CA TYR D 519 -10.78 12.29 28.22
C TYR D 519 -11.15 13.48 29.10
N SER D 520 -10.22 13.91 29.96
CA SER D 520 -10.45 15.07 30.80
C SER D 520 -9.12 15.70 31.17
N LYS D 521 -9.12 17.02 31.34
CA LYS D 521 -7.93 17.78 31.65
C LYS D 521 -7.98 18.34 33.07
N ASP D 522 -8.51 17.55 33.99
CA ASP D 522 -8.60 17.95 35.39
C ASP D 522 -7.29 17.63 36.09
N LYS D 523 -6.68 18.65 36.70
CA LYS D 523 -5.38 18.51 37.34
C LYS D 523 -5.42 19.17 38.72
N PHE D 524 -4.35 18.96 39.48
CA PHE D 524 -4.21 19.56 40.79
C PHE D 524 -2.76 19.96 41.04
N LYS D 525 -2.58 21.15 41.60
CA LYS D 525 -1.24 21.67 41.83
C LYS D 525 -0.54 20.89 42.95
N LEU D 526 0.75 20.62 42.75
CA LEU D 526 1.58 19.95 43.74
C LEU D 526 2.37 20.99 44.52
N TYR D 527 2.36 20.86 45.84
CA TYR D 527 3.07 21.80 46.72
C TYR D 527 4.34 21.22 47.32
N PHE D 528 4.40 19.91 47.54
CA PHE D 528 5.53 19.23 48.17
C PHE D 528 5.79 19.79 49.57
N GLN D 529 4.79 19.62 50.44
CA GLN D 529 4.85 19.99 51.85
C GLN D 529 5.52 21.35 52.07
N ASN D 530 5.18 22.33 51.25
CA ASN D 530 5.86 23.63 51.27
C ASN D 530 4.89 24.67 50.73
N PRO D 531 4.26 25.47 51.59
CA PRO D 531 3.41 26.56 51.09
C PRO D 531 4.16 27.53 50.18
N GLN D 532 5.37 27.94 50.57
CA GLN D 532 6.21 28.76 49.72
C GLN D 532 7.06 27.84 48.86
N PHE D 533 6.47 27.37 47.76
CA PHE D 533 7.10 26.44 46.84
C PHE D 533 7.06 27.02 45.44
N MET D 534 8.22 27.02 44.78
CA MET D 534 8.39 27.39 43.36
C MET D 534 8.09 28.87 43.11
N GLY D 535 7.75 29.65 44.13
CA GLY D 535 7.35 31.03 43.93
C GLY D 535 8.47 31.98 43.57
N GLY D 536 9.63 31.44 43.22
CA GLY D 536 10.76 32.28 42.83
C GLY D 536 11.91 31.43 42.37
N TRP D 537 13.00 32.11 42.01
CA TRP D 537 14.21 31.43 41.57
C TRP D 537 15.44 32.05 42.22
N TYR D 545 12.01 28.33 48.70
CA TYR D 545 11.48 28.11 47.35
C TYR D 545 11.76 26.69 46.88
N ARG D 546 13.04 26.29 46.93
CA ARG D 546 13.46 24.92 46.65
C ARG D 546 13.09 24.50 45.23
N ALA D 547 13.60 25.28 44.27
CA ALA D 547 13.38 24.98 42.86
C ALA D 547 14.43 25.70 42.03
N THR D 548 14.94 25.01 41.02
CA THR D 548 15.96 25.56 40.14
C THR D 548 15.80 24.89 38.78
N ILE D 549 16.26 25.57 37.73
CA ILE D 549 16.21 25.05 36.37
C ILE D 549 17.64 24.73 35.94
N LEU D 550 17.99 23.45 36.01
CA LEU D 550 19.27 22.97 35.49
C LEU D 550 19.19 22.80 33.98
N ARG D 551 20.35 22.61 33.35
CA ARG D 551 20.40 22.19 31.97
C ARG D 551 21.67 21.40 31.69
N TYR D 552 21.55 20.40 30.82
CA TYR D 552 22.66 19.52 30.48
C TYR D 552 22.60 19.23 28.99
N GLY D 553 23.62 19.64 28.25
CA GLY D 553 23.63 19.46 26.81
C GLY D 553 22.51 20.23 26.15
N SER D 554 21.51 19.52 25.64
CA SER D 554 20.31 20.12 25.07
C SER D 554 19.07 19.59 25.77
N LYS D 555 19.20 19.39 27.09
CA LYS D 555 18.10 18.95 27.94
C LYS D 555 18.05 19.87 29.15
N TYR D 556 16.86 20.39 29.45
CA TYR D 556 16.66 21.33 30.55
C TYR D 556 15.87 20.65 31.65
N TYR D 557 16.35 20.78 32.88
CA TYR D 557 15.85 20.00 34.01
C TYR D 557 15.34 20.93 35.10
N LEU D 558 14.32 20.48 35.81
CA LEU D 558 13.77 21.18 36.96
C LEU D 558 14.09 20.39 38.23
N ALA D 559 15.04 20.89 39.03
CA ALA D 559 15.47 20.23 40.25
C ALA D 559 14.74 20.84 41.44
N ILE D 560 14.10 19.99 42.24
CA ILE D 560 13.33 20.42 43.39
C ILE D 560 13.89 19.71 44.63
N MET D 561 14.60 20.46 45.46
CA MET D 561 15.07 19.92 46.73
C MET D 561 13.92 19.78 47.71
N ASP D 562 14.01 18.76 48.56
CA ASP D 562 12.98 18.43 49.53
C ASP D 562 13.43 18.82 50.94
N LYS D 563 12.57 18.53 51.91
CA LYS D 563 12.87 18.85 53.30
C LYS D 563 13.22 17.59 54.08
N GLY D 579 30.72 14.18 33.25
CA GLY D 579 29.65 15.10 32.91
C GLY D 579 29.66 16.36 33.75
N ASN D 580 28.72 17.28 33.45
CA ASN D 580 28.60 18.52 34.19
C ASN D 580 27.27 19.19 33.85
N TYR D 581 26.53 19.63 34.86
CA TYR D 581 25.27 20.32 34.65
C TYR D 581 25.51 21.82 34.44
N GLU D 582 24.43 22.60 34.46
CA GLU D 582 24.53 24.05 34.40
C GLU D 582 23.37 24.64 35.18
N LYS D 583 23.67 25.44 36.20
CA LYS D 583 22.66 26.02 37.06
C LYS D 583 22.20 27.37 36.51
N ILE D 584 20.91 27.66 36.65
CA ILE D 584 20.35 28.92 36.21
C ILE D 584 19.41 29.47 37.28
N PHE D 685 25.56 31.06 36.89
CA PHE D 685 25.82 29.88 36.08
C PHE D 685 26.94 29.02 36.67
N GLU D 686 26.87 28.82 37.99
CA GLU D 686 27.82 27.92 38.64
C GLU D 686 27.52 26.47 38.29
N SER D 687 28.57 25.71 37.97
CA SER D 687 28.41 24.37 37.46
C SER D 687 28.10 23.40 38.60
N ALA D 688 28.09 22.11 38.28
CA ALA D 688 27.93 21.06 39.27
C ALA D 688 28.70 19.83 38.78
N SER D 689 28.41 18.67 39.35
CA SER D 689 28.88 17.40 38.81
C SER D 689 27.70 16.45 38.67
N LYS D 690 27.48 15.96 37.44
CA LYS D 690 26.36 15.07 37.15
C LYS D 690 26.31 13.86 38.07
N LYS D 691 27.48 13.38 38.51
CA LYS D 691 27.53 12.22 39.39
C LYS D 691 26.82 12.48 40.72
N GLU D 692 27.12 13.60 41.38
CA GLU D 692 26.56 13.83 42.70
C GLU D 692 25.11 14.29 42.64
N VAL D 693 24.70 14.92 41.54
CA VAL D 693 23.29 15.27 41.41
C VAL D 693 22.45 14.02 41.13
N ASP D 694 22.95 13.11 40.30
CA ASP D 694 22.29 11.81 40.18
C ASP D 694 22.31 11.03 41.49
N LYS D 695 23.36 11.21 42.30
CA LYS D 695 23.38 10.59 43.62
C LYS D 695 22.27 11.14 44.50
N LEU D 696 22.09 12.46 44.48
CA LEU D 696 20.97 13.07 45.20
C LEU D 696 19.63 12.53 44.69
N VAL D 697 19.51 12.36 43.37
CA VAL D 697 18.26 11.84 42.81
C VAL D 697 18.01 10.42 43.30
N GLU D 698 19.06 9.61 43.41
CA GLU D 698 18.90 8.25 43.90
C GLU D 698 18.57 8.24 45.39
N GLU D 699 19.21 9.10 46.17
CA GLU D 699 18.94 9.20 47.60
C GLU D 699 17.48 9.58 47.85
N GLY D 700 17.10 10.79 47.44
CA GLY D 700 15.77 11.30 47.73
C GLY D 700 15.79 12.76 48.09
N LYS D 701 16.99 13.35 48.13
CA LYS D 701 17.17 14.75 48.46
C LYS D 701 16.87 15.66 47.27
N LEU D 702 16.34 15.12 46.18
CA LEU D 702 16.15 15.90 44.96
C LEU D 702 15.09 15.19 44.11
N TYR D 703 14.40 15.98 43.29
CA TYR D 703 13.22 15.55 42.55
C TYR D 703 13.32 15.97 41.09
N MET D 704 14.43 15.63 40.44
CA MET D 704 14.69 16.07 39.08
C MET D 704 13.61 15.64 38.08
N PHE D 705 12.91 16.62 37.53
CA PHE D 705 12.03 16.43 36.38
C PHE D 705 12.76 16.89 35.12
N GLN D 706 12.30 16.41 33.97
CA GLN D 706 12.80 16.87 32.69
C GLN D 706 11.72 17.65 31.97
N ILE D 707 12.03 18.91 31.64
CA ILE D 707 11.10 19.72 30.86
C ILE D 707 11.13 19.25 29.42
N TYR D 708 9.95 18.97 28.86
CA TYR D 708 9.91 18.30 27.57
C TYR D 708 8.63 18.67 26.82
N ASN D 709 8.79 18.97 25.54
CA ASN D 709 7.71 18.92 24.57
C ASN D 709 8.31 18.47 23.24
N LYS D 710 7.44 18.15 22.28
CA LYS D 710 7.87 17.39 21.11
C LYS D 710 8.91 18.11 20.26
N ASP D 711 9.30 19.33 20.67
CA ASP D 711 10.41 20.02 20.02
C ASP D 711 11.75 19.77 20.69
N PHE D 712 11.76 19.39 21.97
CA PHE D 712 12.99 18.93 22.62
C PHE D 712 13.36 17.51 22.23
N SER D 713 12.48 16.79 21.53
CA SER D 713 12.79 15.43 21.11
C SER D 713 14.01 15.43 20.19
N ASP D 714 14.62 14.25 20.05
CA ASP D 714 15.76 14.07 19.18
C ASP D 714 15.36 13.71 17.76
N LYS D 715 14.12 13.31 17.53
CA LYS D 715 13.63 12.99 16.19
C LYS D 715 12.84 14.13 15.58
N SER D 716 12.87 15.32 16.19
CA SER D 716 12.19 16.49 15.66
C SER D 716 13.16 17.27 14.79
N HIS D 717 12.78 17.52 13.54
CA HIS D 717 13.63 18.20 12.58
C HIS D 717 13.04 19.49 12.02
N GLY D 718 11.72 19.66 12.05
CA GLY D 718 11.10 20.85 11.51
C GLY D 718 11.28 22.09 12.37
N THR D 719 10.38 23.06 12.21
CA THR D 719 10.47 24.29 12.97
C THR D 719 9.85 24.11 14.35
N PRO D 720 10.52 24.56 15.41
CA PRO D 720 9.96 24.41 16.75
C PRO D 720 8.74 25.31 16.95
N ASN D 721 7.96 25.00 17.97
CA ASN D 721 6.85 25.85 18.36
C ASN D 721 7.36 27.23 18.77
N LEU D 722 6.41 28.18 18.89
CA LEU D 722 6.78 29.52 19.32
C LEU D 722 7.20 29.54 20.78
N HIS D 723 6.42 28.92 21.66
CA HIS D 723 6.77 28.93 23.08
C HIS D 723 8.03 28.13 23.38
N THR D 724 8.32 27.11 22.56
CA THR D 724 9.60 26.42 22.71
C THR D 724 10.77 27.37 22.43
N MET D 725 10.62 28.24 21.42
CA MET D 725 11.65 29.22 21.13
C MET D 725 11.76 30.24 22.26
N TYR D 726 10.61 30.68 22.80
CA TYR D 726 10.62 31.56 23.96
C TYR D 726 11.40 30.94 25.11
N PHE D 727 11.09 29.67 25.43
CA PHE D 727 11.74 29.00 26.56
C PHE D 727 13.23 28.86 26.33
N LYS D 728 13.62 28.33 25.17
CA LYS D 728 15.05 28.20 24.87
C LYS D 728 15.77 29.54 24.96
N LEU D 729 15.05 30.64 24.70
CA LEU D 729 15.66 31.96 24.80
C LEU D 729 15.77 32.46 26.24
N LEU D 730 14.97 31.93 27.17
CA LEU D 730 15.13 32.32 28.58
C LEU D 730 16.58 32.21 29.04
N PHE D 731 17.33 31.24 28.52
CA PHE D 731 18.67 30.93 28.97
C PHE D 731 19.72 31.25 27.91
N ASP D 732 19.38 32.06 26.92
CA ASP D 732 20.31 32.36 25.83
C ASP D 732 21.19 33.56 26.18
N GLU D 733 22.21 33.77 25.33
CA GLU D 733 23.11 34.90 25.48
C GLU D 733 22.60 36.16 24.78
N ASN D 734 21.99 36.01 23.60
CA ASN D 734 21.39 37.15 22.93
C ASN D 734 20.22 37.73 23.71
N ASN D 735 19.63 36.96 24.62
CA ASN D 735 18.59 37.46 25.51
C ASN D 735 19.24 38.25 26.64
N HIS D 736 19.08 39.57 26.62
CA HIS D 736 19.59 40.42 27.69
C HIS D 736 18.54 40.65 28.77
N GLY D 737 17.44 41.29 28.42
CA GLY D 737 16.34 41.45 29.35
C GLY D 737 14.99 41.37 28.69
N GLN D 738 14.96 40.96 27.42
CA GLN D 738 13.73 41.02 26.64
C GLN D 738 12.69 40.05 27.19
N ILE D 739 13.01 38.76 27.18
CA ILE D 739 12.18 37.73 27.80
C ILE D 739 12.92 37.25 29.04
N ARG D 740 12.34 37.48 30.21
CA ARG D 740 12.96 37.14 31.48
C ARG D 740 12.01 36.29 32.31
N LEU D 741 12.55 35.70 33.37
CA LEU D 741 11.82 34.72 34.18
C LEU D 741 11.25 35.46 35.39
N SER D 742 10.00 35.90 35.25
CA SER D 742 9.35 36.71 36.27
C SER D 742 8.29 35.85 36.97
N GLY D 743 8.26 35.91 38.29
CA GLY D 743 7.29 35.16 39.05
C GLY D 743 7.77 33.76 39.36
N GLY D 744 6.83 32.94 39.79
CA GLY D 744 7.09 31.56 40.13
C GLY D 744 6.34 30.60 39.23
N ALA D 745 6.95 29.45 38.97
CA ALA D 745 6.33 28.43 38.13
C ALA D 745 5.24 27.70 38.92
N GLU D 746 4.62 26.72 38.28
CA GLU D 746 3.59 25.92 38.92
C GLU D 746 3.62 24.52 38.33
N LEU D 747 3.78 23.52 39.19
CA LEU D 747 3.87 22.12 38.77
C LEU D 747 2.53 21.45 39.06
N PHE D 748 1.73 21.22 38.03
CA PHE D 748 0.44 20.58 38.19
C PHE D 748 0.61 19.06 38.02
N MET D 749 -0.51 18.34 37.97
CA MET D 749 -0.46 16.90 37.80
C MET D 749 -1.81 16.40 37.31
N ARG D 750 -1.82 15.76 36.15
CA ARG D 750 -3.04 15.26 35.52
C ARG D 750 -3.02 13.74 35.55
N ARG D 751 -4.07 13.14 36.09
CA ARG D 751 -4.14 11.69 36.17
C ARG D 751 -4.66 11.09 34.88
N ALA D 752 -4.32 9.82 34.65
CA ALA D 752 -4.70 9.14 33.42
C ALA D 752 -6.22 9.02 33.35
N SER D 753 -6.81 9.54 32.27
CA SER D 753 -8.25 9.55 32.15
C SER D 753 -8.80 8.42 31.29
N LEU D 754 -8.00 7.86 30.40
CA LEU D 754 -8.42 6.77 29.53
C LEU D 754 -7.88 5.44 30.02
N LYS D 755 -8.77 4.49 30.28
CA LYS D 755 -8.38 3.16 30.70
C LYS D 755 -7.74 2.41 29.53
N LYS D 756 -6.63 1.73 29.81
CA LYS D 756 -5.86 1.05 28.77
C LYS D 756 -6.63 -0.07 28.10
N GLU D 757 -7.84 -0.35 28.56
CA GLU D 757 -8.75 -1.21 27.80
C GLU D 757 -9.49 -0.44 26.72
N GLU D 758 -9.48 0.88 26.75
CA GLU D 758 -10.14 1.72 25.75
C GLU D 758 -9.17 2.28 24.72
N LEU D 759 -7.88 2.17 24.97
CA LEU D 759 -6.87 2.67 24.03
C LEU D 759 -7.01 2.00 22.67
N VAL D 760 -7.06 2.82 21.62
CA VAL D 760 -7.21 2.35 20.25
C VAL D 760 -5.99 2.81 19.45
N VAL D 761 -5.55 1.95 18.52
CA VAL D 761 -4.24 2.09 17.90
C VAL D 761 -4.37 1.87 16.41
N HIS D 762 -3.44 2.48 15.66
CA HIS D 762 -3.26 2.14 14.25
C HIS D 762 -2.15 1.10 14.14
N PRO D 763 -2.47 -0.16 13.81
CA PRO D 763 -1.46 -1.22 13.86
C PRO D 763 -0.29 -0.95 12.91
N ALA D 764 0.89 -1.36 13.35
CA ALA D 764 2.11 -1.07 12.59
C ALA D 764 2.13 -1.83 11.28
N ASN D 765 2.99 -1.36 10.36
CA ASN D 765 3.23 -2.00 9.07
C ASN D 765 1.94 -2.25 8.30
N SER D 766 0.97 -1.36 8.45
CA SER D 766 -0.28 -1.43 7.71
C SER D 766 -0.58 -0.07 7.10
N PRO D 767 -0.90 0.00 5.80
CA PRO D 767 -1.06 1.30 5.13
C PRO D 767 -2.26 2.07 5.68
N ILE D 768 -2.00 3.27 6.18
CA ILE D 768 -3.04 4.15 6.70
C ILE D 768 -3.51 5.06 5.58
N ALA D 769 -4.83 5.25 5.49
CA ALA D 769 -5.37 6.18 4.51
C ALA D 769 -5.10 7.63 4.95
N ASN D 770 -4.87 8.49 3.98
CA ASN D 770 -4.61 9.91 4.23
C ASN D 770 -5.90 10.70 4.05
N LYS D 771 -6.16 11.60 5.00
CA LYS D 771 -7.44 12.31 5.07
C LYS D 771 -7.44 13.60 4.26
N ASN D 772 -6.30 13.98 3.69
CA ASN D 772 -6.18 15.25 2.97
C ASN D 772 -6.37 14.99 1.49
N PRO D 773 -7.48 15.45 0.89
CA PRO D 773 -7.67 15.20 -0.56
C PRO D 773 -6.63 15.90 -1.42
N ASP D 774 -6.04 17.00 -0.94
CA ASP D 774 -5.03 17.73 -1.68
C ASP D 774 -3.62 17.24 -1.37
N ASN D 775 -3.47 16.00 -0.91
CA ASN D 775 -2.17 15.38 -0.64
C ASN D 775 -1.77 14.51 -1.81
N PRO D 776 -0.55 14.64 -2.34
CA PRO D 776 -0.11 13.70 -3.39
C PRO D 776 -0.04 12.26 -2.90
N LYS D 777 0.67 12.04 -1.78
CA LYS D 777 0.77 10.70 -1.22
C LYS D 777 -0.56 10.28 -0.62
N LYS D 778 -1.13 9.20 -1.13
CA LYS D 778 -2.48 8.78 -0.75
C LYS D 778 -2.51 7.72 0.35
N THR D 779 -1.36 7.22 0.79
CA THR D 779 -1.31 6.29 1.90
C THR D 779 -0.05 6.56 2.72
N THR D 780 0.06 5.88 3.85
CA THR D 780 1.24 5.95 4.70
C THR D 780 1.42 4.63 5.43
N THR D 781 2.65 4.13 5.45
CA THR D 781 2.99 2.88 6.14
C THR D 781 4.12 3.19 7.11
N LEU D 782 3.81 3.17 8.40
CA LEU D 782 4.79 3.46 9.44
C LEU D 782 5.28 2.16 10.08
N SER D 783 6.55 2.18 10.51
CA SER D 783 7.17 1.03 11.15
C SER D 783 6.90 0.95 12.64
N TYR D 784 5.89 1.66 13.15
CA TYR D 784 5.55 1.63 14.56
C TYR D 784 4.06 1.89 14.71
N ASP D 785 3.59 1.94 15.96
CA ASP D 785 2.18 2.09 16.25
C ASP D 785 1.82 3.56 16.42
N VAL D 786 0.56 3.88 16.13
CA VAL D 786 0.03 5.22 16.31
C VAL D 786 -1.17 5.11 17.24
N TYR D 787 -0.97 5.45 18.52
CA TYR D 787 -2.05 5.41 19.48
C TYR D 787 -2.85 6.71 19.40
N LYS D 788 -4.17 6.59 19.47
CA LYS D 788 -5.04 7.77 19.46
C LYS D 788 -5.15 8.34 20.86
N ASP D 789 -4.76 9.60 21.02
CA ASP D 789 -4.82 10.30 22.31
C ASP D 789 -3.92 9.64 23.34
N LYS D 790 -2.70 9.29 22.92
CA LYS D 790 -1.73 8.69 23.82
C LYS D 790 -1.39 9.59 25.01
N ARG D 791 -1.56 10.91 24.86
CA ARG D 791 -1.17 11.82 25.93
C ARG D 791 -2.13 11.72 27.11
N PHE D 792 -3.38 11.34 26.87
CA PHE D 792 -4.39 11.30 27.93
C PHE D 792 -4.57 9.91 28.51
N SER D 793 -3.70 8.97 28.16
CA SER D 793 -3.75 7.60 28.69
C SER D 793 -2.70 7.36 29.76
N GLU D 794 -2.04 8.40 30.24
CA GLU D 794 -1.01 8.28 31.25
C GLU D 794 -1.02 9.52 32.13
N ASP D 795 -0.37 9.41 33.28
CA ASP D 795 -0.19 10.55 34.16
C ASP D 795 0.90 11.47 33.63
N GLN D 796 0.66 12.78 33.73
CA GLN D 796 1.55 13.77 33.12
C GLN D 796 1.69 14.95 34.06
N TYR D 797 2.93 15.34 34.35
CA TYR D 797 3.23 16.45 35.25
C TYR D 797 3.36 17.71 34.42
N GLU D 798 2.24 18.42 34.23
CA GLU D 798 2.30 19.69 33.53
C GLU D 798 3.06 20.72 34.35
N LEU D 799 3.69 21.67 33.64
CA LEU D 799 4.50 22.71 34.27
C LEU D 799 4.20 24.04 33.59
N HIS D 800 3.69 25.00 34.35
CA HIS D 800 3.33 26.31 33.82
C HIS D 800 4.39 27.32 34.26
N ILE D 801 5.06 27.92 33.29
CA ILE D 801 6.16 28.85 33.53
C ILE D 801 5.76 30.21 32.99
N PRO D 802 5.62 31.25 33.83
CA PRO D 802 5.34 32.59 33.30
C PRO D 802 6.58 33.26 32.76
N ILE D 803 6.38 34.08 31.73
CA ILE D 803 7.43 34.92 31.16
C ILE D 803 6.88 36.32 30.95
N ALA D 804 7.73 37.33 31.15
CA ALA D 804 7.38 38.74 30.95
C ALA D 804 8.22 39.29 29.81
N ILE D 805 7.58 39.55 28.67
CA ILE D 805 8.27 40.09 27.52
C ILE D 805 8.36 41.61 27.65
N ASN D 806 9.56 42.15 27.45
CA ASN D 806 9.81 43.60 27.50
C ASN D 806 9.44 44.16 28.87
N LYS D 807 10.12 43.65 29.90
CA LYS D 807 9.86 44.09 31.26
C LYS D 807 10.31 45.53 31.49
N CYS D 808 11.40 45.95 30.86
CA CYS D 808 11.94 47.30 31.01
C CYS D 808 11.95 47.97 29.63
N PRO D 809 10.78 48.40 29.14
CA PRO D 809 10.73 49.06 27.83
C PRO D 809 11.37 50.44 27.87
N LYS D 810 11.79 50.89 26.70
CA LYS D 810 12.39 52.21 26.54
C LYS D 810 11.73 53.05 25.48
N ASN D 811 11.25 52.44 24.39
CA ASN D 811 10.58 53.17 23.33
C ASN D 811 9.11 53.42 23.68
N ILE D 812 8.87 54.00 24.85
CA ILE D 812 7.50 54.22 25.31
C ILE D 812 6.91 55.45 24.64
N PHE D 813 5.74 55.29 24.06
CA PHE D 813 4.99 56.38 23.43
C PHE D 813 3.58 55.88 23.17
N LYS D 814 2.78 56.70 22.48
CA LYS D 814 1.45 56.29 22.05
C LYS D 814 1.55 55.64 20.68
N ILE D 815 0.95 54.47 20.54
CA ILE D 815 1.09 53.70 19.30
C ILE D 815 0.20 54.29 18.21
N ASN D 816 -1.02 54.69 18.57
CA ASN D 816 -1.98 55.19 17.57
C ASN D 816 -1.45 56.45 16.89
N THR D 817 -0.94 57.40 17.68
CA THR D 817 -0.51 58.67 17.10
C THR D 817 0.77 58.49 16.28
N GLU D 818 1.63 57.54 16.67
CA GLU D 818 2.81 57.26 15.86
C GLU D 818 2.41 56.60 14.55
N VAL D 819 1.39 55.73 14.57
CA VAL D 819 0.88 55.16 13.34
C VAL D 819 0.33 56.24 12.43
N ARG D 820 -0.40 57.20 13.00
CA ARG D 820 -0.97 58.27 12.19
C ARG D 820 0.13 59.14 11.59
N VAL D 821 1.16 59.48 12.38
CA VAL D 821 2.26 60.29 11.87
C VAL D 821 3.00 59.55 10.76
N LEU D 822 3.22 58.25 10.93
CA LEU D 822 3.95 57.49 9.91
C LEU D 822 3.13 57.31 8.64
N LEU D 823 1.81 57.16 8.77
CA LEU D 823 0.96 57.07 7.58
C LEU D 823 0.86 58.41 6.86
N LYS D 824 0.89 59.51 7.61
CA LYS D 824 0.94 60.83 6.97
C LYS D 824 2.23 61.02 6.17
N HIS D 825 3.37 60.95 6.85
CA HIS D 825 4.67 61.20 6.23
C HIS D 825 5.07 60.16 5.19
N ASP D 826 4.27 59.13 4.95
CA ASP D 826 4.61 58.10 3.97
C ASP D 826 3.98 58.43 2.63
N ASP D 827 4.72 58.13 1.56
CA ASP D 827 4.29 58.50 0.21
C ASP D 827 3.52 57.39 -0.49
N ASN D 828 3.61 56.15 -0.03
CA ASN D 828 2.93 55.03 -0.65
C ASN D 828 2.68 53.94 0.39
N PRO D 829 1.71 54.15 1.27
CA PRO D 829 1.42 53.14 2.30
C PRO D 829 0.49 52.06 1.77
N TYR D 830 0.85 50.80 2.00
CA TYR D 830 0.00 49.71 1.56
C TYR D 830 -1.10 49.45 2.59
N VAL D 831 -2.14 48.74 2.15
CA VAL D 831 -3.28 48.43 3.00
C VAL D 831 -3.82 47.06 2.63
N ILE D 832 -3.99 46.20 3.63
CA ILE D 832 -4.52 44.86 3.43
C ILE D 832 -5.99 44.88 3.84
N GLY D 833 -6.89 44.84 2.86
CA GLY D 833 -8.31 44.76 3.16
C GLY D 833 -8.81 43.33 3.25
N ILE D 834 -9.43 43.02 4.39
CA ILE D 834 -10.00 41.69 4.65
C ILE D 834 -11.52 41.81 4.66
N ASP D 835 -12.18 40.84 4.04
CA ASP D 835 -13.64 40.84 3.96
C ASP D 835 -14.16 39.41 4.05
N ARG D 836 -15.30 39.26 4.71
CA ARG D 836 -15.99 37.99 4.83
C ARG D 836 -16.86 37.76 3.60
N GLY D 837 -16.51 36.76 2.79
CA GLY D 837 -17.29 36.44 1.61
C GLY D 837 -18.31 35.35 1.84
N GLU D 838 -19.11 35.10 0.80
CA GLU D 838 -20.10 34.02 0.83
C GLU D 838 -19.56 32.72 0.26
N ARG D 839 -18.71 32.78 -0.76
CA ARG D 839 -18.05 31.60 -1.29
C ARG D 839 -16.64 31.41 -0.75
N ASN D 840 -16.09 32.40 -0.06
CA ASN D 840 -14.76 32.30 0.52
C ASN D 840 -14.84 32.66 2.00
N LEU D 841 -14.17 31.86 2.84
CA LEU D 841 -14.14 32.14 4.27
C LEU D 841 -13.59 33.54 4.53
N LEU D 842 -12.35 33.79 4.14
CA LEU D 842 -11.77 35.12 4.18
C LEU D 842 -11.14 35.41 2.82
N TYR D 843 -11.15 36.69 2.43
CA TYR D 843 -10.59 37.13 1.15
C TYR D 843 -9.67 38.32 1.39
N ILE D 844 -8.48 38.26 0.81
CA ILE D 844 -7.46 39.29 0.99
C ILE D 844 -7.32 40.09 -0.29
N VAL D 845 -7.21 41.41 -0.16
CA VAL D 845 -6.87 42.31 -1.26
C VAL D 845 -5.87 43.32 -0.72
N VAL D 846 -4.63 43.27 -1.21
CA VAL D 846 -3.59 44.21 -0.82
C VAL D 846 -3.55 45.35 -1.83
N VAL D 847 -3.68 46.58 -1.35
CA VAL D 847 -3.82 47.75 -2.20
C VAL D 847 -2.78 48.78 -1.77
N ASP D 848 -2.05 49.32 -2.74
CA ASP D 848 -1.01 50.31 -2.46
C ASP D 848 -1.65 51.68 -2.18
N GLY D 849 -0.82 52.70 -2.01
CA GLY D 849 -1.29 53.99 -1.55
C GLY D 849 -2.07 54.80 -2.56
N LYS D 850 -2.41 54.21 -3.72
CA LYS D 850 -3.12 54.92 -4.76
C LYS D 850 -4.35 54.19 -5.26
N GLY D 851 -4.76 53.12 -4.60
CA GLY D 851 -5.92 52.34 -5.01
C GLY D 851 -5.65 51.24 -6.02
N ASN D 852 -4.39 50.96 -6.33
CA ASN D 852 -4.05 49.93 -7.29
C ASN D 852 -3.88 48.59 -6.57
N ILE D 853 -4.62 47.58 -7.02
CA ILE D 853 -4.57 46.27 -6.37
C ILE D 853 -3.17 45.68 -6.57
N VAL D 854 -2.45 45.47 -5.47
CA VAL D 854 -1.16 44.80 -5.55
C VAL D 854 -1.35 43.29 -5.54
N GLU D 855 -2.28 42.80 -4.71
CA GLU D 855 -2.57 41.37 -4.65
C GLU D 855 -4.05 41.20 -4.33
N GLN D 856 -4.58 40.04 -4.72
CA GLN D 856 -5.93 39.65 -4.34
C GLN D 856 -6.05 38.15 -4.49
N TYR D 857 -6.29 37.44 -3.39
CA TYR D 857 -6.41 35.99 -3.43
C TYR D 857 -7.26 35.51 -2.26
N SER D 858 -7.84 34.34 -2.45
CA SER D 858 -8.67 33.72 -1.44
C SER D 858 -7.83 33.09 -0.33
N LEU D 859 -8.32 33.17 0.90
CA LEU D 859 -7.75 32.48 2.04
C LEU D 859 -8.45 31.16 2.31
N ASN D 860 -9.00 30.56 1.25
CA ASN D 860 -9.62 29.24 1.35
C ASN D 860 -8.61 28.20 1.81
N GLU D 861 -7.43 28.19 1.21
CA GLU D 861 -6.41 27.17 1.47
C GLU D 861 -5.22 27.77 2.20
N ILE D 862 -4.87 27.16 3.32
CA ILE D 862 -3.70 27.56 4.10
C ILE D 862 -2.53 26.76 3.58
N ILE D 863 -1.40 27.44 3.35
CA ILE D 863 -0.25 26.80 2.74
C ILE D 863 0.86 26.67 3.77
N ASN D 864 1.19 25.44 4.13
CA ASN D 864 2.25 25.16 5.08
C ASN D 864 3.53 24.90 4.29
N ASN D 865 4.58 25.67 4.57
CA ASN D 865 5.88 25.43 3.98
C ASN D 865 6.78 24.67 4.94
N PHE D 866 7.49 23.67 4.41
CA PHE D 866 8.38 22.86 5.23
C PHE D 866 9.32 22.08 4.33
N ASN D 867 10.61 22.13 4.64
CA ASN D 867 11.66 21.38 3.95
C ASN D 867 11.73 21.75 2.46
N GLY D 868 11.20 22.91 2.08
CA GLY D 868 11.09 23.28 0.69
C GLY D 868 9.82 22.78 0.03
N ILE D 869 9.27 21.65 0.50
CA ILE D 869 8.00 21.15 0.01
C ILE D 869 6.88 22.09 0.45
N ARG D 870 5.72 21.96 -0.22
CA ARG D 870 4.60 22.87 -0.01
C ARG D 870 3.31 22.13 -0.26
N ILE D 871 2.47 22.02 0.77
CA ILE D 871 1.23 21.25 0.72
C ILE D 871 0.10 22.15 1.20
N LYS D 872 -1.04 22.07 0.51
CA LYS D 872 -2.17 22.96 0.78
C LYS D 872 -3.33 22.19 1.40
N THR D 873 -4.15 22.92 2.14
CA THR D 873 -5.31 22.35 2.85
C THR D 873 -6.51 23.26 2.60
N ASP D 874 -7.59 22.68 2.08
CA ASP D 874 -8.77 23.47 1.69
C ASP D 874 -9.76 23.43 2.85
N TYR D 875 -9.67 24.43 3.73
CA TYR D 875 -10.55 24.49 4.90
C TYR D 875 -12.00 24.72 4.52
N HIS D 876 -12.28 25.31 3.36
CA HIS D 876 -13.67 25.45 2.91
C HIS D 876 -14.30 24.09 2.66
N SER D 877 -13.53 23.15 2.09
CA SER D 877 -14.06 21.81 1.85
C SER D 877 -14.25 21.06 3.17
N LEU D 878 -13.33 21.22 4.12
CA LEU D 878 -13.51 20.63 5.44
C LEU D 878 -14.76 21.17 6.11
N LEU D 879 -14.98 22.49 6.03
CA LEU D 879 -16.17 23.07 6.64
C LEU D 879 -17.45 22.59 5.96
N ASP D 880 -17.41 22.42 4.63
CA ASP D 880 -18.57 21.88 3.94
C ASP D 880 -18.84 20.44 4.34
N LYS D 881 -17.77 19.65 4.52
CA LYS D 881 -17.94 18.28 5.00
C LYS D 881 -18.56 18.26 6.39
N LYS D 882 -18.07 19.12 7.29
CA LYS D 882 -18.62 19.17 8.64
C LYS D 882 -20.08 19.59 8.63
N GLU D 883 -20.45 20.56 7.77
CA GLU D 883 -21.84 20.97 7.70
C GLU D 883 -22.72 19.88 7.12
N LYS D 884 -22.21 19.13 6.15
CA LYS D 884 -22.96 17.98 5.63
C LYS D 884 -23.16 16.92 6.69
N GLU D 885 -22.11 16.63 7.46
CA GLU D 885 -22.22 15.69 8.58
C GLU D 885 -23.28 16.16 9.57
N ARG D 886 -23.25 17.45 9.91
CA ARG D 886 -24.26 18.02 10.81
C ARG D 886 -25.66 17.85 10.23
N PHE D 887 -25.80 17.97 8.90
CA PHE D 887 -27.11 17.75 8.29
C PHE D 887 -27.53 16.28 8.38
N GLU D 888 -26.58 15.35 8.44
CA GLU D 888 -26.91 13.94 8.51
C GLU D 888 -27.17 13.46 9.93
N ALA D 889 -26.55 14.08 10.93
CA ALA D 889 -26.58 13.56 12.28
C ALA D 889 -27.97 13.71 12.89
N ARG D 890 -28.26 12.84 13.87
CA ARG D 890 -29.51 12.94 14.61
C ARG D 890 -29.59 14.25 15.38
N GLN D 891 -28.61 14.50 16.26
CA GLN D 891 -28.49 15.75 16.98
C GLN D 891 -27.19 16.45 16.59
N ASN D 892 -27.18 17.77 16.74
CA ASN D 892 -26.06 18.60 16.35
C ASN D 892 -25.60 19.47 17.53
N TRP D 893 -25.44 18.84 18.69
CA TRP D 893 -24.72 19.50 19.78
C TRP D 893 -23.21 19.33 19.62
N THR D 894 -22.77 18.15 19.21
CA THR D 894 -21.34 17.90 19.04
C THR D 894 -20.84 18.49 17.72
N SER D 895 -21.66 18.43 16.68
CA SER D 895 -21.27 18.99 15.38
C SER D 895 -21.01 20.49 15.48
N ILE D 896 -21.81 21.21 16.26
CA ILE D 896 -21.63 22.66 16.37
C ILE D 896 -20.31 22.98 17.08
N GLU D 897 -19.96 22.20 18.11
CA GLU D 897 -18.71 22.43 18.80
C GLU D 897 -17.51 22.06 17.91
N ASN D 898 -17.66 21.00 17.12
CA ASN D 898 -16.61 20.63 16.18
C ASN D 898 -16.41 21.72 15.14
N ILE D 899 -17.50 22.30 14.64
CA ILE D 899 -17.40 23.38 13.66
C ILE D 899 -16.75 24.61 14.29
N LYS D 900 -17.14 24.95 15.52
CA LYS D 900 -16.55 26.10 16.19
C LYS D 900 -15.04 25.91 16.38
N GLU D 901 -14.61 24.72 16.80
CA GLU D 901 -13.19 24.51 17.03
C GLU D 901 -12.42 24.43 15.72
N LEU D 902 -13.03 23.89 14.66
CA LEU D 902 -12.40 23.92 13.35
C LEU D 902 -12.22 25.36 12.87
N LYS D 903 -13.24 26.20 13.08
CA LYS D 903 -13.14 27.60 12.68
C LYS D 903 -12.09 28.33 13.52
N ALA D 904 -11.97 27.97 14.80
CA ALA D 904 -10.93 28.56 15.64
C ALA D 904 -9.54 28.19 15.12
N GLY D 905 -9.34 26.92 14.76
CA GLY D 905 -8.07 26.55 14.16
C GLY D 905 -7.80 27.26 12.84
N TYR D 906 -8.85 27.40 12.02
CA TYR D 906 -8.69 28.11 10.75
C TYR D 906 -8.25 29.54 10.98
N ILE D 907 -8.90 30.24 11.92
CA ILE D 907 -8.49 31.61 12.20
C ILE D 907 -7.12 31.66 12.86
N SER D 908 -6.73 30.58 13.55
CA SER D 908 -5.38 30.54 14.11
C SER D 908 -4.33 30.41 13.01
N GLN D 909 -4.70 29.82 11.87
CA GLN D 909 -3.80 29.83 10.71
C GLN D 909 -3.84 31.18 9.99
N VAL D 910 -5.04 31.74 9.86
CA VAL D 910 -5.20 33.03 9.19
C VAL D 910 -4.45 34.12 9.94
N VAL D 911 -4.33 34.00 11.26
CA VAL D 911 -3.56 34.97 12.03
C VAL D 911 -2.12 35.03 11.51
N HIS D 912 -1.49 33.86 11.33
CA HIS D 912 -0.14 33.83 10.81
C HIS D 912 -0.09 34.33 9.37
N LYS D 913 -1.09 33.95 8.56
CA LYS D 913 -1.14 34.45 7.19
C LYS D 913 -1.13 35.98 7.16
N ILE D 914 -1.99 36.60 7.96
CA ILE D 914 -2.08 38.05 7.96
C ILE D 914 -0.82 38.68 8.55
N CYS D 915 -0.20 38.04 9.53
CA CYS D 915 1.04 38.59 10.09
C CYS D 915 2.17 38.56 9.07
N GLU D 916 2.31 37.45 8.33
CA GLU D 916 3.34 37.38 7.32
C GLU D 916 3.02 38.25 6.10
N LEU D 917 1.74 38.59 5.92
CA LEU D 917 1.40 39.60 4.93
C LEU D 917 1.79 40.99 5.40
N VAL D 918 1.61 41.26 6.70
CA VAL D 918 1.91 42.57 7.26
C VAL D 918 3.42 42.83 7.24
N GLU D 919 4.21 41.85 7.66
CA GLU D 919 5.66 42.04 7.69
C GLU D 919 6.32 41.81 6.34
N LYS D 920 5.55 41.85 5.25
CA LYS D 920 6.11 41.78 3.90
C LYS D 920 6.01 43.10 3.15
N TYR D 921 4.90 43.83 3.32
CA TYR D 921 4.68 45.11 2.66
C TYR D 921 4.78 46.30 3.61
N ASP D 922 4.98 46.05 4.91
CA ASP D 922 4.80 47.06 5.94
C ASP D 922 3.41 47.70 5.85
N ALA D 923 2.42 46.86 5.58
CA ALA D 923 1.08 47.29 5.23
C ALA D 923 0.28 47.62 6.48
N VAL D 924 -0.99 47.99 6.28
CA VAL D 924 -1.90 48.37 7.36
C VAL D 924 -3.20 47.62 7.15
N ILE D 925 -3.66 46.93 8.20
CA ILE D 925 -4.78 46.01 8.08
C ILE D 925 -6.09 46.78 8.05
N ALA D 926 -7.12 46.17 7.46
CA ALA D 926 -8.42 46.82 7.27
C ALA D 926 -9.56 45.84 7.53
N LEU D 927 -10.27 45.99 8.67
CA LEU D 927 -11.24 45.03 9.14
C LEU D 927 -12.62 45.68 9.26
N GLU D 928 -13.65 44.85 9.09
CA GLU D 928 -15.02 45.29 9.21
C GLU D 928 -15.33 45.65 10.66
N ASP D 929 -15.97 46.79 10.87
CA ASP D 929 -16.42 47.18 12.20
C ASP D 929 -17.67 46.37 12.55
N LEU D 930 -17.51 45.42 13.46
CA LEU D 930 -18.56 44.44 13.74
C LEU D 930 -19.68 45.00 14.60
N ASN D 931 -19.48 46.18 15.20
CA ASN D 931 -20.53 46.77 16.02
C ASN D 931 -21.74 47.19 15.19
N SER D 932 -21.49 47.81 14.04
CA SER D 932 -22.55 48.31 13.17
C SER D 932 -22.46 47.60 11.83
N GLY D 933 -23.53 46.90 11.46
CA GLY D 933 -23.56 46.19 10.20
C GLY D 933 -24.23 44.83 10.28
N PHE D 934 -24.40 44.17 9.14
CA PHE D 934 -25.01 42.86 9.08
C PHE D 934 -24.45 42.11 7.88
N LYS D 935 -24.42 40.78 8.00
CA LYS D 935 -24.02 39.90 6.91
C LYS D 935 -25.14 38.90 6.64
N ASN D 936 -25.61 38.84 5.40
CA ASN D 936 -26.92 38.28 5.10
C ASN D 936 -26.93 36.75 5.14
N SER D 937 -26.48 36.18 6.25
CA SER D 937 -26.77 34.80 6.66
C SER D 937 -26.18 33.75 5.71
N ARG D 938 -25.60 34.19 4.60
CA ARG D 938 -24.84 33.28 3.74
C ARG D 938 -23.35 33.30 4.02
N VAL D 939 -22.82 34.40 4.58
CA VAL D 939 -21.44 34.45 5.01
C VAL D 939 -21.15 33.30 5.97
N LYS D 940 -20.13 32.51 5.65
CA LYS D 940 -19.83 31.32 6.44
C LYS D 940 -19.33 31.70 7.83
N VAL D 941 -18.24 32.47 7.90
CA VAL D 941 -17.69 32.90 9.18
C VAL D 941 -18.66 33.89 9.80
N GLU D 942 -19.32 33.48 10.88
CA GLU D 942 -20.32 34.31 11.53
C GLU D 942 -19.64 35.38 12.38
N LYS D 943 -20.42 36.12 13.16
CA LYS D 943 -19.90 37.27 13.89
C LYS D 943 -19.13 36.86 15.14
N GLN D 944 -19.55 35.79 15.82
CA GLN D 944 -18.85 35.34 17.02
C GLN D 944 -17.44 34.89 16.71
N VAL D 945 -17.28 34.04 15.69
CA VAL D 945 -15.95 33.54 15.35
C VAL D 945 -15.13 34.63 14.69
N TYR D 946 -15.78 35.59 14.02
CA TYR D 946 -15.03 36.72 13.48
C TYR D 946 -14.57 37.65 14.59
N GLN D 947 -15.38 37.82 15.63
CA GLN D 947 -14.93 38.56 16.80
C GLN D 947 -13.74 37.86 17.46
N LYS D 948 -13.80 36.53 17.56
CA LYS D 948 -12.66 35.79 18.10
C LYS D 948 -11.44 35.94 17.21
N PHE D 949 -11.64 36.03 15.89
CA PHE D 949 -10.52 36.23 14.97
C PHE D 949 -9.88 37.60 15.18
N GLU D 950 -10.70 38.65 15.33
CA GLU D 950 -10.15 39.98 15.57
C GLU D 950 -9.43 40.03 16.91
N LYS D 951 -9.97 39.35 17.92
CA LYS D 951 -9.30 39.27 19.21
C LYS D 951 -7.97 38.55 19.11
N MET D 952 -7.93 37.46 18.34
CA MET D 952 -6.68 36.73 18.15
C MET D 952 -5.66 37.57 17.41
N LEU D 953 -6.12 38.40 16.46
CA LEU D 953 -5.19 39.26 15.74
C LEU D 953 -4.64 40.36 16.65
N ILE D 954 -5.48 40.95 17.49
CA ILE D 954 -4.98 41.90 18.48
C ILE D 954 -3.98 41.24 19.41
N ASP D 955 -4.30 40.04 19.90
CA ASP D 955 -3.42 39.40 20.87
C ASP D 955 -2.12 38.92 20.23
N LYS D 956 -2.14 38.63 18.93
CA LYS D 956 -0.91 38.28 18.23
C LYS D 956 -0.08 39.52 17.89
N LEU D 957 -0.73 40.58 17.40
CA LEU D 957 0.00 41.77 16.99
C LEU D 957 0.54 42.57 18.17
N ASN D 958 0.19 42.20 19.40
CA ASN D 958 0.85 42.81 20.55
C ASN D 958 2.34 42.47 20.57
N TYR D 959 2.71 41.30 20.04
CA TYR D 959 4.13 40.92 19.91
C TYR D 959 4.21 39.97 18.71
N MET D 960 4.51 40.54 17.55
CA MET D 960 4.60 39.77 16.31
C MET D 960 5.99 39.18 16.14
N VAL D 961 6.05 37.86 15.93
CA VAL D 961 7.31 37.13 15.83
C VAL D 961 7.33 36.33 14.54
N ASP D 962 8.48 36.32 13.88
CA ASP D 962 8.76 35.43 12.76
C ASP D 962 9.63 34.29 13.27
N LYS D 963 9.08 33.08 13.29
CA LYS D 963 9.80 31.93 13.84
C LYS D 963 11.06 31.64 13.03
N LYS D 964 10.99 31.78 11.71
CA LYS D 964 12.14 31.44 10.88
C LYS D 964 13.24 32.49 10.94
N SER D 965 12.92 33.72 11.29
CA SER D 965 13.90 34.80 11.30
C SER D 965 14.90 34.61 12.44
N ASN D 966 16.07 35.22 12.27
CA ASN D 966 17.06 35.22 13.34
C ASN D 966 16.47 35.88 14.58
N PRO D 967 16.67 35.29 15.77
CA PRO D 967 16.03 35.85 16.97
C PRO D 967 16.42 37.28 17.26
N CYS D 968 17.72 37.57 17.32
CA CYS D 968 18.21 38.90 17.68
C CYS D 968 17.95 39.93 16.59
N ALA D 969 17.45 39.51 15.43
CA ALA D 969 17.16 40.43 14.33
C ALA D 969 15.77 41.02 14.48
N THR D 970 15.63 42.27 14.01
CA THR D 970 14.36 42.97 14.09
C THR D 970 13.25 42.16 13.45
N GLY D 971 12.24 41.81 14.24
CA GLY D 971 11.18 40.92 13.82
C GLY D 971 11.27 39.53 14.40
N GLY D 972 12.41 39.17 15.00
CA GLY D 972 12.55 37.89 15.66
C GLY D 972 11.96 37.90 17.05
N ALA D 973 12.07 36.74 17.71
CA ALA D 973 11.41 36.55 19.00
C ALA D 973 11.93 37.52 20.06
N LEU D 974 13.20 37.91 19.97
CA LEU D 974 13.76 38.81 20.98
C LEU D 974 13.36 40.27 20.74
N LYS D 975 13.03 40.63 19.50
CA LYS D 975 12.78 42.01 19.11
C LYS D 975 11.52 42.09 18.25
N GLY D 976 10.46 41.44 18.72
CA GLY D 976 9.22 41.42 17.97
C GLY D 976 8.54 42.77 17.90
N TYR D 977 7.73 42.94 16.87
CA TYR D 977 7.02 44.20 16.66
C TYR D 977 5.82 44.27 17.61
N GLN D 978 5.61 45.45 18.18
CA GLN D 978 4.44 45.72 19.02
C GLN D 978 3.63 46.80 18.32
N ILE D 979 2.75 46.38 17.40
CA ILE D 979 2.04 47.32 16.55
C ILE D 979 0.56 47.33 16.87
N THR D 980 0.20 47.02 18.12
CA THR D 980 -1.19 47.04 18.53
C THR D 980 -1.25 47.16 20.05
N ASN D 981 -2.30 47.81 20.54
CA ASN D 981 -2.52 47.91 21.97
C ASN D 981 -3.19 46.63 22.49
N LYS D 982 -3.14 46.46 23.80
CA LYS D 982 -3.71 45.26 24.40
C LYS D 982 -5.22 45.25 24.27
N PHE D 983 -5.77 44.05 24.10
CA PHE D 983 -7.22 43.92 23.94
C PHE D 983 -7.94 44.32 25.22
N GLU D 984 -9.06 45.02 25.06
CA GLU D 984 -9.85 45.47 26.19
C GLU D 984 -11.25 44.86 26.22
N SER D 985 -12.00 45.01 25.13
CA SER D 985 -13.38 44.53 25.09
C SER D 985 -13.84 44.47 23.64
N PHE D 986 -14.88 43.65 23.40
CA PHE D 986 -15.43 43.51 22.06
C PHE D 986 -16.16 44.77 21.60
N LYS D 987 -16.38 45.74 22.47
CA LYS D 987 -17.03 47.00 22.10
C LYS D 987 -16.05 48.12 21.82
N SER D 988 -14.83 48.05 22.36
CA SER D 988 -13.80 49.05 22.09
C SER D 988 -12.98 48.71 20.85
N MET D 989 -13.29 47.60 20.19
CA MET D 989 -12.69 47.26 18.89
C MET D 989 -13.39 48.10 17.83
N SER D 990 -13.00 49.38 17.75
CA SER D 990 -13.66 50.29 16.82
C SER D 990 -12.77 51.47 16.49
N THR D 991 -12.68 51.79 15.20
CA THR D 991 -12.14 53.01 14.64
C THR D 991 -10.62 53.15 14.71
N GLN D 992 -9.96 52.34 15.54
CA GLN D 992 -8.51 52.11 15.43
C GLN D 992 -8.00 51.16 16.50
N ASN D 993 -6.91 50.46 16.20
CA ASN D 993 -6.13 49.76 17.24
C ASN D 993 -4.71 49.60 16.68
N GLY D 994 -3.83 50.54 17.03
CA GLY D 994 -2.48 50.50 16.50
C GLY D 994 -2.47 50.46 14.99
N PHE D 995 -2.06 49.32 14.44
CA PHE D 995 -1.99 49.10 13.00
C PHE D 995 -3.32 48.59 12.45
N ILE D 996 -4.35 48.52 13.29
CA ILE D 996 -5.65 47.97 12.91
C ILE D 996 -6.68 49.09 12.87
N PHE D 997 -7.32 49.23 11.71
CA PHE D 997 -8.39 50.20 11.50
C PHE D 997 -9.70 49.45 11.32
N TYR D 998 -10.70 49.81 12.13
CA TYR D 998 -12.02 49.18 12.05
C TYR D 998 -12.92 50.02 11.17
N ILE D 999 -13.53 49.38 10.17
CA ILE D 999 -14.23 50.11 9.10
C ILE D 999 -15.65 49.60 8.98
N PRO D 1000 -16.65 50.49 8.90
CA PRO D 1000 -18.02 50.02 8.61
C PRO D 1000 -18.11 49.39 7.23
N ALA D 1001 -18.91 48.32 7.13
CA ALA D 1001 -19.04 47.55 5.91
C ALA D 1001 -20.22 48.00 5.06
N TRP D 1002 -20.63 49.26 5.17
CA TRP D 1002 -21.75 49.76 4.38
C TRP D 1002 -21.28 50.08 2.96
N LEU D 1003 -22.03 49.61 1.96
CA LEU D 1003 -21.78 49.91 0.56
C LEU D 1003 -20.33 49.54 0.17
N THR D 1004 -20.01 48.28 0.38
CA THR D 1004 -18.70 47.74 0.01
C THR D 1004 -18.75 46.64 -1.03
N SER D 1005 -19.80 45.83 -1.06
CA SER D 1005 -19.87 44.72 -2.00
C SER D 1005 -20.78 44.99 -3.20
N LYS D 1006 -21.87 45.71 -3.01
CA LYS D 1006 -22.76 46.06 -4.13
C LYS D 1006 -22.43 47.46 -4.66
N ILE D 1007 -21.16 47.64 -5.05
CA ILE D 1007 -20.69 48.90 -5.60
C ILE D 1007 -19.74 48.61 -6.76
N ASP D 1008 -19.92 49.31 -7.86
CA ASP D 1008 -19.02 49.18 -9.01
C ASP D 1008 -17.64 49.71 -8.64
N PRO D 1009 -16.59 48.89 -8.71
CA PRO D 1009 -15.26 49.36 -8.30
C PRO D 1009 -14.52 50.18 -9.35
N SER D 1010 -15.13 50.39 -10.52
CA SER D 1010 -14.51 51.20 -11.57
C SER D 1010 -15.21 52.52 -11.81
N THR D 1011 -16.46 52.67 -11.35
CA THR D 1011 -17.19 53.92 -11.47
C THR D 1011 -17.72 54.45 -10.14
N GLY D 1012 -17.82 53.61 -9.11
CA GLY D 1012 -18.40 54.01 -7.85
C GLY D 1012 -19.91 53.90 -7.78
N PHE D 1013 -20.55 53.44 -8.84
CA PHE D 1013 -22.00 53.31 -8.87
C PHE D 1013 -22.49 52.39 -7.75
N VAL D 1014 -23.67 52.72 -7.23
CA VAL D 1014 -24.32 51.90 -6.20
C VAL D 1014 -25.83 52.09 -6.33
N ASN D 1015 -26.57 50.99 -6.26
CA ASN D 1015 -28.01 51.04 -6.48
C ASN D 1015 -28.66 51.57 -5.21
N LEU D 1016 -28.96 52.87 -5.20
CA LEU D 1016 -29.62 53.52 -4.07
C LEU D 1016 -31.13 53.60 -4.24
N LEU D 1017 -31.68 53.06 -5.33
CA LEU D 1017 -33.10 53.12 -5.58
C LEU D 1017 -33.86 52.13 -4.69
N LYS D 1018 -35.19 52.21 -4.74
CA LYS D 1018 -36.08 51.26 -4.08
C LYS D 1018 -37.03 50.76 -5.16
N THR D 1019 -36.67 49.65 -5.79
CA THR D 1019 -37.36 49.14 -6.98
C THR D 1019 -38.33 48.02 -6.65
N LYS D 1020 -38.93 48.04 -5.47
CA LYS D 1020 -39.89 47.01 -5.08
C LYS D 1020 -41.30 47.43 -5.44
N TYR D 1021 -42.05 46.52 -6.05
CA TYR D 1021 -43.41 46.82 -6.46
C TYR D 1021 -44.32 46.92 -5.24
N THR D 1022 -45.10 47.98 -5.17
CA THR D 1022 -46.09 48.14 -4.12
C THR D 1022 -47.49 48.40 -4.65
N SER D 1023 -47.63 49.18 -5.70
CA SER D 1023 -48.95 49.52 -6.26
C SER D 1023 -48.73 50.13 -7.64
N ILE D 1024 -49.84 50.44 -8.32
CA ILE D 1024 -49.77 51.03 -9.64
C ILE D 1024 -49.24 52.46 -9.57
N ALA D 1025 -49.65 53.21 -8.54
CA ALA D 1025 -49.28 54.62 -8.45
C ALA D 1025 -47.80 54.78 -8.18
N ASP D 1026 -47.25 54.00 -7.25
CA ASP D 1026 -45.83 54.11 -6.92
C ASP D 1026 -44.96 53.74 -8.11
N SER D 1027 -45.31 52.67 -8.83
CA SER D 1027 -44.53 52.29 -9.99
C SER D 1027 -44.67 53.30 -11.12
N LYS D 1028 -45.86 53.89 -11.27
CA LYS D 1028 -46.04 54.94 -12.27
C LYS D 1028 -45.17 56.14 -11.96
N LYS D 1029 -45.13 56.56 -10.70
CA LYS D 1029 -44.26 57.68 -10.32
C LYS D 1029 -42.79 57.34 -10.52
N PHE D 1030 -42.40 56.11 -10.17
CA PHE D 1030 -41.05 55.63 -10.45
C PHE D 1030 -40.70 55.81 -11.91
N ILE D 1031 -41.49 55.19 -12.80
CA ILE D 1031 -41.23 55.24 -14.24
C ILE D 1031 -41.23 56.67 -14.74
N SER D 1032 -42.07 57.53 -14.17
CA SER D 1032 -42.16 58.93 -14.58
C SER D 1032 -41.08 59.80 -13.96
N SER D 1033 -40.23 59.24 -13.10
CA SER D 1033 -39.16 59.99 -12.46
C SER D 1033 -37.84 59.92 -13.22
N PHE D 1034 -37.75 59.10 -14.25
CA PHE D 1034 -36.53 59.01 -15.05
C PHE D 1034 -36.45 60.18 -16.04
N ASP D 1035 -35.23 60.69 -16.24
CA ASP D 1035 -35.06 61.78 -17.19
C ASP D 1035 -35.31 61.33 -18.63
N ARG D 1036 -34.99 60.09 -18.96
CA ARG D 1036 -35.26 59.55 -20.30
C ARG D 1036 -35.15 58.03 -20.25
N ILE D 1037 -36.02 57.36 -21.00
CA ILE D 1037 -35.98 55.91 -21.15
C ILE D 1037 -36.20 55.59 -22.63
N MET D 1038 -35.12 55.20 -23.34
CA MET D 1038 -35.20 54.98 -24.77
C MET D 1038 -34.42 53.73 -25.13
N TYR D 1039 -34.61 53.26 -26.36
CA TYR D 1039 -33.92 52.10 -26.90
C TYR D 1039 -32.78 52.55 -27.81
N VAL D 1040 -31.54 52.31 -27.38
CA VAL D 1040 -30.37 52.61 -28.19
C VAL D 1040 -30.18 51.48 -29.20
N PRO D 1041 -30.32 51.74 -30.50
CA PRO D 1041 -30.28 50.66 -31.49
C PRO D 1041 -28.88 50.25 -31.90
N GLU D 1042 -27.91 51.16 -31.81
CA GLU D 1042 -26.54 50.83 -32.18
C GLU D 1042 -26.00 49.69 -31.33
N GLU D 1043 -26.03 49.85 -30.01
CA GLU D 1043 -25.58 48.80 -29.10
C GLU D 1043 -26.64 47.73 -28.88
N ASP D 1044 -27.86 47.93 -29.35
CA ASP D 1044 -29.00 47.06 -29.06
C ASP D 1044 -29.19 46.91 -27.55
N LEU D 1045 -29.33 48.06 -26.89
CA LEU D 1045 -29.48 48.13 -25.44
C LEU D 1045 -30.65 49.05 -25.10
N PHE D 1046 -30.94 49.16 -23.81
CA PHE D 1046 -31.94 50.09 -23.29
C PHE D 1046 -31.27 51.01 -22.29
N GLU D 1047 -31.26 52.31 -22.59
CA GLU D 1047 -30.69 53.31 -21.70
C GLU D 1047 -31.77 53.85 -20.77
N PHE D 1048 -31.45 53.92 -19.48
CA PHE D 1048 -32.33 54.48 -18.46
C PHE D 1048 -31.62 55.67 -17.83
N ALA D 1049 -31.74 56.83 -18.48
CA ALA D 1049 -31.11 58.05 -18.00
C ALA D 1049 -31.92 58.59 -16.84
N LEU D 1050 -31.42 58.37 -15.63
CA LEU D 1050 -32.05 58.82 -14.40
C LEU D 1050 -31.35 60.07 -13.86
N ASP D 1051 -31.78 60.52 -12.68
CA ASP D 1051 -31.16 61.64 -12.00
C ASP D 1051 -31.51 61.47 -10.53
N TYR D 1052 -30.51 61.14 -9.70
CA TYR D 1052 -30.72 60.84 -8.30
C TYR D 1052 -31.34 61.99 -7.51
N LYS D 1053 -31.46 63.18 -8.08
CA LYS D 1053 -32.14 64.26 -7.38
C LYS D 1053 -33.63 64.00 -7.27
N ASN D 1054 -34.23 63.43 -8.31
CA ASN D 1054 -35.67 63.16 -8.33
C ASN D 1054 -36.07 61.93 -7.52
N PHE D 1055 -35.13 61.25 -6.86
CA PHE D 1055 -35.46 60.06 -6.10
C PHE D 1055 -35.20 60.27 -4.61
N SER D 1056 -36.01 59.61 -3.79
CA SER D 1056 -35.94 59.77 -2.35
C SER D 1056 -34.81 58.94 -1.75
N ARG D 1057 -34.20 59.48 -0.69
CA ARG D 1057 -33.17 58.78 0.08
C ARG D 1057 -31.93 58.48 -0.77
N THR D 1058 -31.55 59.43 -1.62
CA THR D 1058 -30.37 59.30 -2.47
C THR D 1058 -29.46 60.51 -2.29
N ASP D 1059 -29.20 60.87 -1.04
CA ASP D 1059 -28.37 62.04 -0.74
C ASP D 1059 -26.88 61.73 -0.67
N ALA D 1060 -26.50 60.48 -0.38
CA ALA D 1060 -25.09 60.15 -0.26
C ALA D 1060 -24.36 60.30 -1.59
N ASP D 1061 -25.06 60.10 -2.71
CA ASP D 1061 -24.44 60.07 -4.02
C ASP D 1061 -23.78 61.41 -4.34
N TYR D 1062 -22.76 61.38 -5.20
CA TYR D 1062 -22.04 62.57 -5.59
C TYR D 1062 -22.25 62.90 -7.07
N ILE D 1063 -21.95 61.97 -7.97
CA ILE D 1063 -22.27 62.14 -9.38
C ILE D 1063 -23.72 61.73 -9.60
N LYS D 1064 -24.64 62.69 -9.45
CA LYS D 1064 -26.06 62.37 -9.40
C LYS D 1064 -26.65 61.93 -10.73
N LYS D 1065 -25.92 62.08 -11.84
CA LYS D 1065 -26.49 61.81 -13.16
C LYS D 1065 -25.83 60.57 -13.77
N TRP D 1066 -26.45 59.42 -13.52
CA TRP D 1066 -25.99 58.14 -14.05
C TRP D 1066 -26.82 57.76 -15.26
N LYS D 1067 -26.19 56.99 -16.17
CA LYS D 1067 -26.86 56.47 -17.36
C LYS D 1067 -26.51 54.99 -17.47
N LEU D 1068 -27.47 54.12 -17.13
CA LEU D 1068 -27.23 52.70 -17.00
C LEU D 1068 -28.06 51.92 -18.01
N TYR D 1069 -27.44 50.92 -18.62
CA TYR D 1069 -28.00 50.18 -19.75
C TYR D 1069 -28.47 48.80 -19.29
N SER D 1070 -28.90 48.01 -20.26
CA SER D 1070 -29.34 46.63 -20.00
C SER D 1070 -28.27 45.62 -20.38
N TYR D 1071 -27.00 45.95 -20.17
CA TYR D 1071 -25.91 45.12 -20.66
C TYR D 1071 -25.79 43.85 -19.83
N GLY D 1072 -25.53 42.73 -20.51
CA GLY D 1072 -25.18 41.50 -19.83
C GLY D 1072 -26.38 40.70 -19.38
N ASN D 1073 -26.09 39.68 -18.58
CA ASN D 1073 -27.10 38.78 -18.04
C ASN D 1073 -27.03 38.76 -16.52
N ARG D 1074 -28.19 38.61 -15.89
CA ARG D 1074 -28.31 38.59 -14.44
C ARG D 1074 -29.01 37.31 -14.00
N ILE D 1075 -28.64 36.85 -12.81
CA ILE D 1075 -29.14 35.59 -12.26
C ILE D 1075 -30.13 35.95 -11.15
N ARG D 1076 -31.41 35.72 -11.39
CA ARG D 1076 -32.45 36.06 -10.43
C ARG D 1076 -32.75 34.87 -9.52
N ILE D 1077 -33.51 35.13 -8.46
CA ILE D 1077 -33.81 34.11 -7.47
C ILE D 1077 -35.29 34.15 -7.13
N ASP D 1088 -33.88 27.43 -7.34
CA ASP D 1088 -34.89 28.43 -7.63
C ASP D 1088 -34.33 29.53 -8.53
N TRP D 1089 -33.07 29.41 -8.90
CA TRP D 1089 -32.40 30.43 -9.68
C TRP D 1089 -32.73 30.27 -11.17
N GLU D 1090 -32.63 31.38 -11.90
CA GLU D 1090 -32.86 31.38 -13.34
C GLU D 1090 -32.03 32.49 -13.97
N GLU D 1091 -31.26 32.14 -15.00
CA GLU D 1091 -30.48 33.11 -15.73
C GLU D 1091 -31.39 33.88 -16.68
N VAL D 1092 -31.12 35.18 -16.84
CA VAL D 1092 -31.96 36.08 -17.63
C VAL D 1092 -31.06 37.03 -18.40
N CYS D 1093 -31.16 37.02 -19.72
CA CYS D 1093 -30.55 38.06 -20.53
C CYS D 1093 -31.45 39.29 -20.54
N LEU D 1094 -30.91 40.44 -20.14
CA LEU D 1094 -31.75 41.57 -19.75
C LEU D 1094 -32.45 42.19 -20.95
N THR D 1095 -31.69 42.54 -22.00
CA THR D 1095 -32.28 43.19 -23.16
C THR D 1095 -33.36 42.32 -23.81
N SER D 1096 -33.12 41.01 -23.88
CA SER D 1096 -34.13 40.12 -24.44
C SER D 1096 -35.37 40.07 -23.56
N ALA D 1097 -35.19 40.11 -22.24
CA ALA D 1097 -36.34 40.12 -21.34
C ALA D 1097 -37.15 41.40 -21.51
N TYR D 1098 -36.47 42.53 -21.69
CA TYR D 1098 -37.17 43.79 -21.90
C TYR D 1098 -37.95 43.77 -23.22
N LYS D 1099 -37.31 43.30 -24.29
CA LYS D 1099 -38.01 43.20 -25.57
C LYS D 1099 -39.21 42.27 -25.47
N GLU D 1100 -39.04 41.13 -24.79
CA GLU D 1100 -40.13 40.17 -24.61
C GLU D 1100 -41.30 40.81 -23.87
N LEU D 1101 -41.01 41.47 -22.74
CA LEU D 1101 -42.07 42.10 -21.96
C LEU D 1101 -42.79 43.17 -22.78
N PHE D 1102 -42.01 44.04 -23.44
CA PHE D 1102 -42.61 45.12 -24.23
C PHE D 1102 -43.52 44.57 -25.32
N ASN D 1103 -43.01 43.63 -26.11
CA ASN D 1103 -43.81 43.05 -27.20
C ASN D 1103 -45.03 42.31 -26.67
N LYS D 1104 -44.88 41.59 -25.56
CA LYS D 1104 -45.99 40.84 -24.98
C LYS D 1104 -47.12 41.73 -24.48
N TYR D 1105 -46.84 42.97 -24.14
CA TYR D 1105 -47.88 43.92 -23.72
C TYR D 1105 -48.15 44.99 -24.76
N GLY D 1106 -47.68 44.82 -25.99
CA GLY D 1106 -48.03 45.74 -27.06
C GLY D 1106 -47.42 47.11 -26.89
N ILE D 1107 -46.10 47.21 -27.04
CA ILE D 1107 -45.38 48.45 -26.75
C ILE D 1107 -44.25 48.58 -27.76
N ASN D 1108 -44.26 49.67 -28.53
CA ASN D 1108 -43.12 50.05 -29.34
C ASN D 1108 -42.02 50.66 -28.49
N TYR D 1109 -40.78 50.48 -28.91
CA TYR D 1109 -39.66 51.08 -28.20
C TYR D 1109 -38.61 51.71 -29.10
N GLN D 1110 -38.65 51.51 -30.43
CA GLN D 1110 -37.73 52.20 -31.31
C GLN D 1110 -38.01 53.69 -31.42
N GLN D 1111 -39.12 54.18 -30.85
CA GLN D 1111 -39.45 55.59 -30.95
C GLN D 1111 -38.45 56.46 -30.21
N GLY D 1112 -38.32 56.26 -28.90
CA GLY D 1112 -37.46 57.10 -28.09
C GLY D 1112 -38.25 57.81 -27.00
N ASP D 1113 -37.70 57.83 -25.79
CA ASP D 1113 -38.37 58.42 -24.62
C ASP D 1113 -39.77 57.82 -24.45
N ILE D 1114 -39.78 56.53 -24.15
CA ILE D 1114 -41.01 55.74 -24.09
C ILE D 1114 -41.57 55.76 -22.68
N ARG D 1115 -41.14 56.74 -21.88
CA ARG D 1115 -41.68 56.91 -20.53
C ARG D 1115 -43.19 57.18 -20.57
N ALA D 1116 -43.62 58.11 -21.43
CA ALA D 1116 -45.04 58.41 -21.55
C ALA D 1116 -45.79 57.25 -22.19
N LEU D 1117 -45.17 56.58 -23.16
CA LEU D 1117 -45.75 55.39 -23.77
C LEU D 1117 -45.87 54.23 -22.79
N LEU D 1118 -45.23 54.30 -21.63
CA LEU D 1118 -45.12 53.17 -20.72
C LEU D 1118 -46.00 53.31 -19.47
N CYS D 1119 -46.28 54.53 -19.03
CA CYS D 1119 -47.15 54.74 -17.88
C CYS D 1119 -48.63 54.81 -18.26
N GLU D 1120 -49.00 54.22 -19.39
CA GLU D 1120 -50.40 54.15 -19.80
C GLU D 1120 -50.97 52.74 -19.64
N GLN D 1121 -50.15 51.76 -19.28
CA GLN D 1121 -50.61 50.39 -19.13
C GLN D 1121 -51.59 50.28 -17.95
N SER D 1122 -52.76 49.70 -18.22
CA SER D 1122 -53.79 49.53 -17.20
C SER D 1122 -53.67 48.23 -16.43
N ASP D 1123 -52.77 47.33 -16.84
CA ASP D 1123 -52.71 46.00 -16.25
C ASP D 1123 -51.98 46.03 -14.91
N LYS D 1124 -52.47 45.21 -13.97
CA LYS D 1124 -51.87 45.15 -12.65
C LYS D 1124 -50.55 44.39 -12.64
N ALA D 1125 -50.38 43.42 -13.53
CA ALA D 1125 -49.18 42.59 -13.52
C ALA D 1125 -48.06 43.13 -14.40
N PHE D 1126 -48.39 44.04 -15.33
CA PHE D 1126 -47.35 44.66 -16.15
C PHE D 1126 -46.33 45.38 -15.28
N TYR D 1127 -46.81 46.25 -14.38
CA TYR D 1127 -45.88 46.99 -13.53
C TYR D 1127 -45.17 46.08 -12.54
N SER D 1128 -45.81 44.99 -12.12
CA SER D 1128 -45.13 44.03 -11.26
C SER D 1128 -43.92 43.41 -11.96
N SER D 1129 -44.15 42.86 -13.17
CA SER D 1129 -43.04 42.30 -13.94
C SER D 1129 -41.99 43.36 -14.24
N PHE D 1130 -42.42 44.58 -14.55
CA PHE D 1130 -41.49 45.63 -14.93
C PHE D 1130 -40.58 46.00 -13.77
N MET D 1131 -41.16 46.26 -12.59
CA MET D 1131 -40.34 46.56 -11.43
C MET D 1131 -39.52 45.34 -10.99
N ALA D 1132 -39.99 44.13 -11.29
CA ALA D 1132 -39.20 42.94 -10.98
C ALA D 1132 -37.91 42.91 -11.78
N LEU D 1133 -38.00 43.05 -13.10
CA LEU D 1133 -36.76 42.97 -13.87
C LEU D 1133 -35.97 44.27 -13.80
N MET D 1134 -36.60 45.39 -13.43
CA MET D 1134 -35.85 46.59 -13.10
C MET D 1134 -35.08 46.43 -11.79
N SER D 1135 -35.60 45.61 -10.87
CA SER D 1135 -34.90 45.32 -9.63
C SER D 1135 -33.75 44.36 -9.87
N LEU D 1136 -33.95 43.36 -10.72
CA LEU D 1136 -32.85 42.44 -10.99
C LEU D 1136 -31.85 42.98 -12.01
N MET D 1137 -32.19 44.06 -12.71
CA MET D 1137 -31.18 44.73 -13.54
C MET D 1137 -30.14 45.44 -12.68
N LEU D 1138 -30.58 46.09 -11.60
CA LEU D 1138 -29.69 46.74 -10.66
C LEU D 1138 -29.06 45.77 -9.67
N GLN D 1139 -29.28 44.47 -9.85
CA GLN D 1139 -28.64 43.46 -9.02
C GLN D 1139 -27.23 43.24 -9.51
N MET D 1140 -26.25 43.64 -8.71
CA MET D 1140 -24.85 43.53 -9.11
C MET D 1140 -24.25 42.19 -8.71
N ARG D 1141 -24.41 41.79 -7.45
CA ARG D 1141 -23.88 40.52 -6.98
C ARG D 1141 -24.83 39.40 -7.39
N ASN D 1142 -24.44 38.62 -8.39
CA ASN D 1142 -25.21 37.47 -8.84
C ASN D 1142 -24.48 36.19 -8.47
N SER D 1143 -25.24 35.19 -8.01
CA SER D 1143 -24.65 33.94 -7.55
C SER D 1143 -25.72 32.86 -7.58
N ILE D 1144 -25.38 31.70 -8.16
CA ILE D 1144 -26.29 30.57 -8.19
C ILE D 1144 -26.38 29.97 -6.79
N THR D 1145 -27.61 29.75 -6.32
CA THR D 1145 -27.82 29.32 -4.93
C THR D 1145 -27.15 27.96 -4.69
N GLY D 1146 -27.29 27.04 -5.62
CA GLY D 1146 -26.90 25.66 -5.39
C GLY D 1146 -25.39 25.43 -5.40
N ARG D 1147 -24.66 26.29 -4.70
CA ARG D 1147 -23.24 26.14 -4.38
C ARG D 1147 -22.32 26.22 -5.60
N THR D 1148 -22.87 26.34 -6.81
CA THR D 1148 -22.04 26.45 -8.01
C THR D 1148 -21.24 27.73 -7.98
N ASP D 1149 -19.91 27.61 -8.05
CA ASP D 1149 -19.01 28.73 -7.83
C ASP D 1149 -19.05 29.64 -9.06
N VAL D 1150 -20.14 30.42 -9.15
CA VAL D 1150 -20.26 31.50 -10.13
C VAL D 1150 -20.75 32.72 -9.37
N ASP D 1151 -19.81 33.57 -8.94
CA ASP D 1151 -20.13 34.70 -8.07
C ASP D 1151 -19.66 36.00 -8.71
N PHE D 1152 -19.99 36.19 -9.98
CA PHE D 1152 -19.50 37.35 -10.72
C PHE D 1152 -20.20 38.62 -10.24
N LEU D 1153 -19.78 39.76 -10.81
CA LEU D 1153 -20.23 41.06 -10.31
C LEU D 1153 -20.20 42.03 -11.49
N ILE D 1154 -21.35 42.25 -12.10
CA ILE D 1154 -21.48 43.10 -13.28
C ILE D 1154 -22.10 44.42 -12.85
N SER D 1155 -21.83 45.46 -13.64
CA SER D 1155 -22.39 46.77 -13.34
C SER D 1155 -23.13 47.33 -14.54
N PRO D 1156 -24.27 48.00 -14.31
CA PRO D 1156 -25.08 48.47 -15.44
C PRO D 1156 -24.64 49.81 -16.02
N VAL D 1157 -23.67 50.48 -15.41
CA VAL D 1157 -23.16 51.74 -15.92
C VAL D 1157 -21.81 51.51 -16.60
N LYS D 1158 -21.46 52.42 -17.50
CA LYS D 1158 -20.21 52.38 -18.23
C LYS D 1158 -19.29 53.49 -17.74
N ASN D 1159 -18.00 53.21 -17.69
CA ASN D 1159 -17.02 54.16 -17.17
C ASN D 1159 -16.72 55.22 -18.24
N SER D 1160 -15.70 56.03 -18.00
CA SER D 1160 -15.38 57.11 -18.92
C SER D 1160 -15.00 56.57 -20.29
N ASP D 1161 -14.26 55.46 -20.33
CA ASP D 1161 -13.86 54.87 -21.60
C ASP D 1161 -15.01 54.18 -22.32
N GLY D 1162 -16.13 53.92 -21.63
CA GLY D 1162 -17.29 53.34 -22.27
C GLY D 1162 -17.28 51.83 -22.34
N ILE D 1163 -17.02 51.16 -21.21
CA ILE D 1163 -17.11 49.71 -21.13
C ILE D 1163 -17.57 49.34 -19.73
N PHE D 1164 -18.59 48.48 -19.67
CA PHE D 1164 -19.14 48.06 -18.38
C PHE D 1164 -18.19 47.09 -17.67
N TYR D 1165 -18.02 47.32 -16.37
CA TYR D 1165 -17.19 46.43 -15.57
C TYR D 1165 -17.86 45.06 -15.44
N ASP D 1166 -17.12 44.01 -15.78
CA ASP D 1166 -17.60 42.64 -15.63
C ASP D 1166 -16.49 41.81 -15.00
N SER D 1167 -16.77 41.25 -13.82
CA SER D 1167 -15.73 40.52 -13.10
C SER D 1167 -15.26 39.28 -13.85
N ARG D 1168 -16.14 38.69 -14.67
CA ARG D 1168 -15.76 37.52 -15.46
C ARG D 1168 -14.63 37.81 -16.43
N ASN D 1169 -14.36 39.08 -16.73
CA ASN D 1169 -13.20 39.47 -17.52
C ASN D 1169 -11.93 39.55 -16.69
N TYR D 1170 -12.03 39.55 -15.37
CA TYR D 1170 -10.87 39.62 -14.49
C TYR D 1170 -10.63 38.37 -13.67
N GLU D 1171 -11.61 37.46 -13.61
CA GLU D 1171 -11.38 36.19 -12.91
C GLU D 1171 -10.47 35.26 -13.71
N ALA D 1172 -10.41 35.42 -15.03
CA ALA D 1172 -9.52 34.62 -15.87
C ALA D 1172 -8.19 35.33 -16.09
N GLN D 1173 -7.55 35.70 -14.99
CA GLN D 1173 -6.33 36.50 -15.04
C GLN D 1173 -5.59 36.36 -13.72
N GLU D 1174 -4.27 36.46 -13.79
CA GLU D 1174 -3.44 36.81 -12.64
C GLU D 1174 -2.80 38.16 -12.88
N ASN D 1175 -2.42 38.83 -11.78
CA ASN D 1175 -2.00 40.23 -11.80
C ASN D 1175 -3.10 41.10 -12.42
N ALA D 1176 -4.25 41.10 -11.74
CA ALA D 1176 -5.41 41.85 -12.17
C ALA D 1176 -5.52 43.16 -11.40
N ILE D 1177 -6.09 44.17 -12.05
CA ILE D 1177 -6.18 45.51 -11.48
C ILE D 1177 -7.52 45.78 -10.78
N LEU D 1178 -8.56 45.02 -11.08
CA LEU D 1178 -9.86 45.21 -10.47
C LEU D 1178 -10.32 43.93 -9.76
N PRO D 1179 -11.28 44.05 -8.82
CA PRO D 1179 -11.72 42.87 -8.08
C PRO D 1179 -12.26 41.77 -8.98
N LYS D 1180 -11.96 40.53 -8.60
CA LYS D 1180 -12.37 39.37 -9.40
C LYS D 1180 -13.80 38.94 -9.13
N ASN D 1181 -14.37 39.32 -7.99
CA ASN D 1181 -15.73 38.92 -7.64
C ASN D 1181 -16.23 39.90 -6.57
N ALA D 1182 -17.42 39.61 -6.02
CA ALA D 1182 -18.04 40.52 -5.07
C ALA D 1182 -17.25 40.63 -3.78
N ASP D 1183 -16.63 39.53 -3.35
CA ASP D 1183 -15.88 39.56 -2.09
C ASP D 1183 -14.56 40.30 -2.25
N ALA D 1184 -13.92 40.15 -3.41
CA ALA D 1184 -12.76 40.98 -3.73
C ALA D 1184 -13.17 42.44 -3.77
N ASN D 1185 -14.39 42.73 -4.23
CA ASN D 1185 -14.88 44.11 -4.21
C ASN D 1185 -15.04 44.61 -2.79
N GLY D 1186 -15.59 43.76 -1.91
CA GLY D 1186 -15.73 44.14 -0.51
C GLY D 1186 -14.39 44.47 0.12
N ALA D 1187 -13.40 43.59 -0.08
CA ALA D 1187 -12.08 43.85 0.50
C ALA D 1187 -11.45 45.09 -0.13
N TYR D 1188 -11.60 45.27 -1.45
CA TYR D 1188 -11.06 46.42 -2.13
C TYR D 1188 -11.63 47.72 -1.56
N ASN D 1189 -12.94 47.74 -1.30
CA ASN D 1189 -13.56 48.95 -0.79
C ASN D 1189 -13.22 49.17 0.68
N ILE D 1190 -13.13 48.09 1.47
CA ILE D 1190 -12.70 48.21 2.86
C ILE D 1190 -11.27 48.72 2.93
N ALA D 1191 -10.48 48.47 1.88
CA ALA D 1191 -9.13 49.04 1.84
C ALA D 1191 -9.17 50.50 1.36
N ARG D 1192 -10.04 50.81 0.41
CA ARG D 1192 -10.11 52.17 -0.08
C ARG D 1192 -10.64 53.12 0.99
N LYS D 1193 -11.45 52.63 1.92
CA LYS D 1193 -11.88 53.48 3.03
C LYS D 1193 -10.71 53.87 3.91
N VAL D 1194 -9.82 52.91 4.22
CA VAL D 1194 -8.62 53.24 4.97
C VAL D 1194 -7.70 54.12 4.15
N LEU D 1195 -7.72 53.99 2.82
CA LEU D 1195 -6.95 54.91 1.99
C LEU D 1195 -7.49 56.33 2.09
N TRP D 1196 -8.82 56.47 2.14
CA TRP D 1196 -9.42 57.77 2.38
C TRP D 1196 -9.01 58.33 3.73
N ALA D 1197 -9.00 57.49 4.76
CA ALA D 1197 -8.57 57.94 6.08
C ALA D 1197 -7.11 58.39 6.07
N ILE D 1198 -6.27 57.68 5.30
CA ILE D 1198 -4.87 58.08 5.18
C ILE D 1198 -4.75 59.41 4.48
N GLY D 1199 -5.54 59.63 3.42
CA GLY D 1199 -5.57 60.92 2.78
C GLY D 1199 -6.01 62.03 3.72
N GLN D 1200 -7.04 61.76 4.54
CA GLN D 1200 -7.46 62.72 5.55
C GLN D 1200 -6.32 63.05 6.51
N PHE D 1201 -5.58 62.02 6.93
CA PHE D 1201 -4.38 62.25 7.74
C PHE D 1201 -3.38 63.16 7.02
N LYS D 1202 -3.22 62.94 5.72
CA LYS D 1202 -2.28 63.77 4.94
C LYS D 1202 -2.75 65.21 4.85
N LYS D 1203 -4.07 65.45 4.96
CA LYS D 1203 -4.59 66.81 4.88
C LYS D 1203 -4.33 67.61 6.14
N ALA D 1204 -4.31 66.94 7.30
CA ALA D 1204 -4.19 67.62 8.57
C ALA D 1204 -2.72 67.81 8.96
N GLU D 1205 -2.51 68.57 10.03
CA GLU D 1205 -1.17 68.86 10.52
C GLU D 1205 -0.74 67.81 11.55
N ASP D 1206 0.51 67.92 11.99
CA ASP D 1206 1.12 66.94 12.87
C ASP D 1206 0.75 67.12 14.34
N GLU D 1207 -0.30 67.89 14.64
CA GLU D 1207 -0.80 68.00 16.01
C GLU D 1207 -2.30 67.77 16.05
N LYS D 1208 -2.98 68.07 14.96
CA LYS D 1208 -4.41 67.78 14.80
C LYS D 1208 -4.67 66.38 14.28
N LEU D 1209 -3.62 65.56 14.13
CA LEU D 1209 -3.81 64.19 13.65
C LEU D 1209 -4.63 63.36 14.63
N ASP D 1210 -4.46 63.60 15.93
CA ASP D 1210 -5.13 62.78 16.94
C ASP D 1210 -6.64 63.00 16.94
N LYS D 1211 -7.13 64.10 16.41
CA LYS D 1211 -8.55 64.41 16.44
C LYS D 1211 -9.26 64.10 15.12
N VAL D 1212 -8.51 63.78 14.07
CA VAL D 1212 -9.10 63.52 12.75
C VAL D 1212 -10.06 62.35 12.85
N LYS D 1213 -11.34 62.60 12.57
CA LYS D 1213 -12.32 61.52 12.56
C LYS D 1213 -12.23 60.75 11.26
N ILE D 1214 -12.32 59.42 11.37
CA ILE D 1214 -12.14 58.55 10.21
C ILE D 1214 -13.33 57.62 10.04
N ALA D 1215 -14.38 57.84 10.83
CA ALA D 1215 -15.60 57.08 10.60
C ALA D 1215 -16.26 57.61 9.33
N ILE D 1216 -15.83 57.08 8.18
CA ILE D 1216 -16.24 57.59 6.88
C ILE D 1216 -17.75 57.45 6.71
N SER D 1217 -18.40 58.57 6.37
CA SER D 1217 -19.84 58.58 6.19
C SER D 1217 -20.19 58.20 4.75
N ASN D 1218 -21.45 57.83 4.54
CA ASN D 1218 -21.89 57.37 3.24
C ASN D 1218 -21.67 58.42 2.16
N LYS D 1219 -21.95 59.69 2.49
CA LYS D 1219 -21.72 60.78 1.55
C LYS D 1219 -20.25 60.83 1.14
N GLU D 1220 -19.35 60.90 2.12
CA GLU D 1220 -17.92 60.98 1.82
C GLU D 1220 -17.43 59.72 1.12
N TRP D 1221 -17.96 58.56 1.51
CA TRP D 1221 -17.50 57.31 0.90
C TRP D 1221 -17.89 57.25 -0.57
N LEU D 1222 -19.13 57.61 -0.90
CA LEU D 1222 -19.55 57.61 -2.30
C LEU D 1222 -18.82 58.68 -3.09
N GLU D 1223 -18.57 59.84 -2.47
CA GLU D 1223 -17.78 60.88 -3.12
C GLU D 1223 -16.39 60.38 -3.47
N TYR D 1224 -15.75 59.68 -2.53
CA TYR D 1224 -14.41 59.16 -2.77
C TYR D 1224 -14.45 58.10 -3.87
N ALA D 1225 -15.36 57.13 -3.75
CA ALA D 1225 -15.44 56.04 -4.71
C ALA D 1225 -15.81 56.51 -6.11
N GLN D 1226 -16.47 57.66 -6.24
CA GLN D 1226 -16.90 58.14 -7.55
C GLN D 1226 -16.00 59.20 -8.15
N THR D 1227 -15.08 59.80 -7.37
CA THR D 1227 -14.09 60.70 -7.94
C THR D 1227 -12.68 60.13 -8.00
N SER D 1228 -12.37 59.09 -7.21
CA SER D 1228 -11.03 58.50 -7.24
C SER D 1228 -10.66 58.03 -8.64
N VAL D 1229 -11.63 57.66 -9.46
CA VAL D 1229 -11.37 57.14 -10.79
C VAL D 1229 -11.05 58.27 -11.75
#